data_8KDG
#
_entry.id   8KDG
#
_cell.length_a   1.00
_cell.length_b   1.00
_cell.length_c   1.00
_cell.angle_alpha   90.00
_cell.angle_beta   90.00
_cell.angle_gamma   90.00
#
_symmetry.space_group_name_H-M   'P 1'
#
loop_
_entity.id
_entity.type
_entity.pdbx_description
1 polymer '4F2 cell-surface antigen heavy chain'
2 polymer 'Large neutral amino acids transporter small subunit 1'
3 polymer 'Fab170 light chain'
4 polymer 'Fab170 heavy chain'
5 non-polymer 2-acetamido-2-deoxy-beta-D-glucopyranose
6 non-polymer '(1~{S},2~{R},4~{R})-2-azanylbicyclo[2.2.1]heptane-2-carboxylic acid'
#
loop_
_entity_poly.entity_id
_entity_poly.type
_entity_poly.pdbx_seq_one_letter_code
_entity_poly.pdbx_strand_id
1 'polypeptide(L)'
;GSELQPPEASIAVVSIPRQLPGSHSEAGVQGLSAGDDSELGSHCVAQTGLELLASGDPLPSASQNAEMIETGSDCVTQAG
LQLLASSDPPALASKNAEVTGTMSQDTEVDMKEVELNELEPEKQPMNAASGAAMSLAGAEKNGLVKIKVAEDEAEAAAAA
KFTGLSKEELLKVAGSPGWVRTRWALLLLFWLGWLGMLAGAVVIIVRAPRCRELPAQKWWHTGALYRIGDLQAFQGHGAG
NLAGLKGRLDYLSSLKVKGLVLGPIHKNQKDDVAQTDLLQIDPNFGSKEDFDSLLQSAKKKSIRVILDLTPNYRGENSWF
STQVDTVATKVKDALEFWLQAGVDGFQVRDIENLKDASSFLAEWQNITKGFSEDRLLIAGTNSSDLQQILSLLESNKDLL
LTSSYLSDSGSTGEHTKSLVTQYLNATGNRWCSWSLSQARLLTSFLPAQLLRLYQLMLFTLPGTPVFSYGDEIGLDAAAL
PGQPMEAPVMLWDESSFPDIPGAVSANMTVKGQSEDPGSLLSLFRRLSDQRSKERSLLHGDFHAFSAGPGLFSYIRHWDQ
NERFLVVLNFGDVGLSAGLQASDLPASASLPAKADLLLSTQPGREEGSPLELERLKLEPHEGLLLRFPYAA
;
A
2 'polypeptide(L)'
;MAGAGPKRRALAAPAAEEKEEAREKMLAAKSADGSAPAGEGEGVTLQRNITLLNGVAIIVGTIIGSGIFVTPTGVLKEAG
SPGLALVVWAACGVFSIVGALCYAELGTTISKSGGDYAYMLEVYGSLPAFLKLWIELLIIRPSSQYIVALVFATYLLKPL
FPTCPVPEEAAKLVACLCVLLLTAVNCYSVKAATRVQDAFAAAKLLALALIILLGFVQIGKGDVSNLDPNFSFEGTKLDV
GNIVLALYSGLFAYGGWNYLNFVTEEMINPYRNLPLAIIISLPIVTLVYVLTNLAYFTTLSTEQMLSSEAVAVDFGNYHL
GVMSWIIPVFVGLSCFGSVNGSLFTSSRLFFVGSREGHLPSILSMIHPQLLTPVPSLVFTCVMTLLYAFSKDIFSVINFF
SFFNWLCVALAIIGMIWLRHRKPELERPIKVNLALPVFFILACLFLIAVSFWKTPVECGIGFTIILSGLPVYFFGVWWKN
KPKWLLQGIFSTTVLCQKLMQVVPQETDYKDDDDK
;
B
3 'polypeptide(L)'
;DIVLTQSPSSLAMSVGQKVTMNCKSSQSLLNNNNQKNYLAWYQQKPGQSPKLLVYFTSTRESGVPDRFIGSGSGTDFTLT
ISSVQAEDLALYYCQQHYTIPPTFGGGTKLEIKRADAAPTVSIFPPSSEQLTSGGASVVCFLNNFYPKDINVKWKIDGSE
RQNGVLNSWTDQDSKDSTYSMSSTLTLTKDEYERHNSYTCEATHKTSTSPIVKSFNRNEC
;
L
4 'polypeptide(L)'
;EVQLQQSGAELVKPGASVNLSCKASGYTFTNYWMHWVRLRPGQGLEWIGEIDPSDSYSYYSQNFKGKATLTVDQSSNTAY
LQLTSLTSEDSAVYYCARGRQTYYPWFPYWGQGTLVTVSAAKTTPPSDYPLAPGSAAQTNSMVTLGCLVKGYFPEPVTVT
WNSGSLSSGVHTFPAVLQSDLYTLSSSVTVPSSTWPSETVTCNVAHPASSTKVDKKIVPRDCGCKPCICT
;
H
#
loop_
_chem_comp.id
_chem_comp.type
_chem_comp.name
_chem_comp.formula
NAG D-saccharide, beta linking 2-acetamido-2-deoxy-beta-D-glucopyranose 'C8 H15 N O6'
VU0 non-polymer '(1~{S},2~{R},4~{R})-2-azanylbicyclo[2.2.1]heptane-2-carboxylic acid' 'C8 H13 N O2'
#
# COMPACT_ATOMS: atom_id res chain seq x y z
N THR A 163 -11.38 60.64 -9.79
CA THR A 163 -12.01 60.32 -11.10
C THR A 163 -13.42 59.73 -10.89
N GLY A 164 -14.34 60.59 -10.42
CA GLY A 164 -15.71 60.18 -10.11
C GLY A 164 -16.52 61.35 -9.54
N LEU A 165 -17.66 61.00 -8.93
CA LEU A 165 -18.57 61.97 -8.31
C LEU A 165 -17.91 62.54 -7.04
N SER A 166 -18.05 63.85 -6.82
CA SER A 166 -17.74 64.49 -5.54
C SER A 166 -18.77 64.11 -4.48
N LYS A 167 -18.56 64.60 -3.23
CA LYS A 167 -19.54 64.47 -2.15
C LYS A 167 -20.91 65.02 -2.55
N GLU A 168 -20.87 66.22 -3.16
CA GLU A 168 -22.03 66.98 -3.59
C GLU A 168 -22.78 66.19 -4.66
N GLU A 169 -22.05 65.72 -5.69
CA GLU A 169 -22.63 64.95 -6.79
C GLU A 169 -23.21 63.61 -6.31
N LEU A 170 -22.53 62.94 -5.36
CA LEU A 170 -23.04 61.67 -4.84
C LEU A 170 -24.35 61.86 -4.08
N LEU A 171 -24.38 62.76 -3.07
CA LEU A 171 -25.57 62.93 -2.24
C LEU A 171 -26.78 63.42 -3.06
N LYS A 172 -26.54 64.13 -4.18
CA LYS A 172 -27.56 64.57 -5.12
C LYS A 172 -28.14 63.43 -5.98
N VAL A 173 -27.60 62.20 -5.91
CA VAL A 173 -28.08 61.06 -6.70
C VAL A 173 -28.39 59.86 -5.80
N ALA A 174 -27.39 59.42 -5.01
CA ALA A 174 -27.42 58.17 -4.26
C ALA A 174 -28.34 58.22 -3.03
N GLY A 175 -28.85 59.42 -2.66
CA GLY A 175 -29.88 59.58 -1.63
C GLY A 175 -31.33 59.34 -2.09
N SER A 176 -31.56 59.01 -3.38
CA SER A 176 -32.88 58.71 -3.92
C SER A 176 -33.50 57.48 -3.25
N PRO A 177 -34.82 57.49 -2.87
CA PRO A 177 -35.47 56.34 -2.21
C PRO A 177 -35.29 54.96 -2.86
N GLY A 178 -35.15 54.90 -4.20
CA GLY A 178 -34.83 53.67 -4.92
C GLY A 178 -33.46 53.09 -4.55
N TRP A 179 -32.44 53.96 -4.50
CA TRP A 179 -31.11 53.54 -4.06
C TRP A 179 -31.09 53.26 -2.55
N VAL A 180 -31.83 54.02 -1.72
CA VAL A 180 -31.94 53.74 -0.28
C VAL A 180 -32.53 52.35 -0.03
N ARG A 181 -33.63 52.00 -0.72
CA ARG A 181 -34.23 50.69 -0.59
C ARG A 181 -33.30 49.59 -1.16
N THR A 182 -32.62 49.85 -2.30
CA THR A 182 -31.63 48.92 -2.85
C THR A 182 -30.51 48.64 -1.85
N ARG A 183 -29.95 49.70 -1.25
CA ARG A 183 -28.86 49.61 -0.27
C ARG A 183 -29.31 48.86 0.99
N TRP A 184 -30.51 49.14 1.51
CA TRP A 184 -31.10 48.34 2.59
C TRP A 184 -31.23 46.86 2.21
N ALA A 185 -31.75 46.57 1.00
CA ALA A 185 -31.88 45.21 0.52
C ALA A 185 -30.52 44.49 0.48
N LEU A 186 -29.48 45.10 -0.11
CA LEU A 186 -28.17 44.48 -0.20
C LEU A 186 -27.56 44.24 1.18
N LEU A 187 -27.72 45.19 2.11
CA LEU A 187 -27.27 45.01 3.50
C LEU A 187 -27.92 43.76 4.10
N LEU A 188 -29.25 43.65 4.05
CA LEU A 188 -29.90 42.53 4.72
C LEU A 188 -29.69 41.22 3.95
N LEU A 189 -29.63 41.29 2.61
CA LEU A 189 -29.28 40.13 1.78
C LEU A 189 -27.92 39.52 2.17
N PHE A 190 -26.88 40.36 2.30
CA PHE A 190 -25.57 39.92 2.77
C PHE A 190 -25.65 39.33 4.16
N TRP A 191 -26.32 40.04 5.08
CA TRP A 191 -26.26 39.63 6.48
C TRP A 191 -27.06 38.32 6.74
N LEU A 192 -28.21 38.14 6.07
CA LEU A 192 -28.90 36.86 6.10
C LEU A 192 -28.09 35.81 5.33
N GLY A 193 -27.36 36.18 4.27
CA GLY A 193 -26.45 35.26 3.60
C GLY A 193 -25.35 34.67 4.50
N TRP A 194 -24.73 35.52 5.33
CA TRP A 194 -23.75 35.09 6.33
C TRP A 194 -24.44 34.26 7.43
N LEU A 195 -25.63 34.62 7.91
CA LEU A 195 -26.36 33.78 8.85
C LEU A 195 -26.77 32.45 8.22
N GLY A 196 -27.08 32.45 6.92
CA GLY A 196 -27.29 31.20 6.17
C GLY A 196 -26.04 30.30 6.11
N MET A 197 -24.89 30.90 5.78
CA MET A 197 -23.63 30.18 5.74
C MET A 197 -23.25 29.67 7.14
N LEU A 198 -23.53 30.39 8.26
CA LEU A 198 -23.38 29.86 9.62
C LEU A 198 -24.33 28.67 9.85
N ALA A 199 -25.60 28.77 9.47
CA ALA A 199 -26.49 27.65 9.67
C ALA A 199 -25.98 26.46 8.86
N GLY A 200 -25.47 26.68 7.63
CA GLY A 200 -24.86 25.64 6.80
C GLY A 200 -23.70 24.92 7.50
N ALA A 201 -22.79 25.69 8.09
CA ALA A 201 -21.67 25.10 8.81
C ALA A 201 -22.21 24.38 10.05
N VAL A 202 -23.20 24.92 10.79
CA VAL A 202 -23.66 24.23 12.00
C VAL A 202 -24.36 22.92 11.62
N VAL A 203 -25.04 22.87 10.48
CA VAL A 203 -25.56 21.62 9.94
C VAL A 203 -24.43 20.63 9.65
N ILE A 204 -23.37 21.01 8.90
CA ILE A 204 -22.27 20.10 8.55
C ILE A 204 -21.64 19.54 9.84
N ILE A 205 -21.38 20.37 10.84
CA ILE A 205 -20.77 19.94 12.08
C ILE A 205 -21.68 18.98 12.89
N VAL A 206 -23.02 18.99 12.69
CA VAL A 206 -23.89 17.99 13.31
C VAL A 206 -24.03 16.74 12.45
N ARG A 207 -24.07 16.88 11.12
CA ARG A 207 -24.18 15.75 10.20
C ARG A 207 -22.87 14.95 10.06
N ALA A 208 -21.73 15.54 10.46
CA ALA A 208 -20.43 14.88 10.40
C ALA A 208 -20.34 13.67 11.32
N PRO A 209 -19.65 12.57 10.87
CA PRO A 209 -19.47 11.37 11.70
C PRO A 209 -18.72 11.70 12.98
N ARG A 210 -19.31 11.45 14.15
CA ARG A 210 -18.67 11.81 15.41
C ARG A 210 -17.41 10.96 15.65
N CYS A 211 -16.48 11.44 16.48
CA CYS A 211 -15.27 10.68 16.73
C CYS A 211 -15.59 9.40 17.52
N ARG A 212 -14.72 8.38 17.40
CA ARG A 212 -14.87 7.13 18.15
C ARG A 212 -14.03 7.24 19.43
N GLU A 213 -14.65 6.97 20.60
CA GLU A 213 -13.99 7.06 21.91
C GLU A 213 -12.65 6.33 21.86
N LEU A 214 -11.56 7.00 22.23
CA LEU A 214 -10.23 6.38 22.21
C LEU A 214 -10.07 5.59 23.51
N PRO A 215 -9.70 4.29 23.45
CA PRO A 215 -9.69 3.43 24.64
C PRO A 215 -8.50 3.76 25.55
N ALA A 216 -8.77 3.85 26.86
CA ALA A 216 -7.72 4.12 27.85
C ALA A 216 -6.81 2.90 27.90
N GLN A 217 -5.51 3.10 27.65
CA GLN A 217 -4.63 1.97 27.37
C GLN A 217 -3.51 1.97 28.42
N LYS A 218 -3.33 0.82 29.05
CA LYS A 218 -2.23 0.49 29.93
C LYS A 218 -0.90 0.53 29.15
N TRP A 219 0.20 0.65 29.87
CA TRP A 219 1.46 0.82 29.18
C TRP A 219 1.87 -0.33 28.27
N TRP A 220 1.54 -1.52 28.69
CA TRP A 220 1.88 -2.68 27.91
C TRP A 220 1.04 -2.82 26.67
N HIS A 221 -0.04 -2.10 26.49
CA HIS A 221 -0.56 -2.11 25.14
C HIS A 221 0.33 -1.35 24.16
N THR A 222 1.15 -0.41 24.58
CA THR A 222 1.71 0.54 23.63
C THR A 222 2.92 0.01 22.89
N GLY A 223 3.30 -1.30 23.00
CA GLY A 223 4.35 -1.96 22.21
C GLY A 223 5.11 -3.01 23.03
N ALA A 224 6.27 -3.41 22.50
CA ALA A 224 6.79 -4.76 22.79
C ALA A 224 7.39 -4.95 24.17
N LEU A 225 7.09 -6.04 24.87
CA LEU A 225 7.91 -6.37 26.06
C LEU A 225 9.17 -7.07 25.59
N TYR A 226 10.09 -7.42 26.53
CA TYR A 226 11.41 -7.93 26.10
C TYR A 226 11.98 -8.75 27.26
N ARG A 227 12.35 -9.97 27.08
CA ARG A 227 12.62 -10.80 28.21
C ARG A 227 14.09 -11.18 28.24
N ILE A 228 14.61 -11.23 29.46
CA ILE A 228 16.03 -11.35 29.71
C ILE A 228 16.17 -12.46 30.72
N GLY A 229 16.25 -13.67 30.21
CA GLY A 229 16.08 -14.84 31.05
C GLY A 229 17.32 -15.12 31.90
N ASP A 230 18.51 -14.68 31.42
CA ASP A 230 19.69 -14.76 32.27
C ASP A 230 20.55 -13.54 32.02
N LEU A 231 20.70 -12.75 33.10
CA LEU A 231 21.48 -11.52 33.08
C LEU A 231 22.92 -11.73 32.68
N GLN A 232 23.45 -12.93 32.95
CA GLN A 232 24.85 -13.26 32.65
C GLN A 232 24.97 -13.46 31.15
N ALA A 233 24.09 -14.27 30.57
CA ALA A 233 24.09 -14.59 29.15
C ALA A 233 23.86 -13.34 28.30
N PHE A 234 23.14 -12.35 28.81
CA PHE A 234 22.89 -11.13 28.06
C PHE A 234 24.12 -10.24 28.02
N GLN A 235 25.08 -10.46 28.92
CA GLN A 235 26.19 -9.55 29.08
C GLN A 235 27.58 -10.14 28.74
N GLY A 236 27.82 -11.43 28.98
CA GLY A 236 29.16 -11.97 29.18
C GLY A 236 29.56 -11.85 30.66
N HIS A 237 30.46 -12.72 31.11
CA HIS A 237 30.69 -12.92 32.54
C HIS A 237 31.44 -11.75 33.14
N GLY A 238 31.36 -11.65 34.48
CA GLY A 238 31.94 -10.55 35.23
C GLY A 238 31.01 -9.33 35.27
N ALA A 239 30.71 -8.81 34.07
CA ALA A 239 29.68 -7.80 33.85
C ALA A 239 28.26 -8.36 34.07
N GLY A 240 28.09 -9.66 34.36
CA GLY A 240 26.79 -10.26 34.55
C GLY A 240 26.11 -9.92 35.88
N ASN A 241 25.70 -8.65 36.05
CA ASN A 241 25.05 -8.15 37.26
C ASN A 241 24.17 -6.96 36.90
N LEU A 242 23.26 -6.58 37.81
CA LEU A 242 22.22 -5.59 37.51
C LEU A 242 22.80 -4.21 37.19
N ALA A 243 23.94 -3.85 37.78
CA ALA A 243 24.57 -2.58 37.46
C ALA A 243 25.15 -2.62 36.05
N GLY A 244 25.48 -3.81 35.56
CA GLY A 244 25.85 -4.00 34.16
C GLY A 244 24.67 -3.71 33.24
N LEU A 245 23.52 -4.27 33.65
CA LEU A 245 22.31 -4.12 32.87
C LEU A 245 21.90 -2.64 32.79
N LYS A 246 22.11 -1.88 33.84
CA LYS A 246 21.82 -0.45 33.83
C LYS A 246 22.52 0.24 32.66
N GLY A 247 23.64 -0.34 32.19
CA GLY A 247 24.39 0.24 31.09
C GLY A 247 23.70 0.08 29.73
N ARG A 248 22.93 -1.02 29.60
CA ARG A 248 22.48 -1.47 28.30
C ARG A 248 21.16 -0.92 27.86
N LEU A 249 20.41 -0.34 28.79
CA LEU A 249 19.14 0.30 28.51
C LEU A 249 19.16 1.23 27.27
N ASP A 250 20.30 1.75 26.81
CA ASP A 250 20.29 2.64 25.64
C ASP A 250 20.01 1.84 24.37
N TYR A 251 20.43 0.58 24.40
CA TYR A 251 20.09 -0.36 23.34
C TYR A 251 18.62 -0.64 23.37
N LEU A 252 18.14 -1.02 24.54
CA LEU A 252 16.73 -1.34 24.68
C LEU A 252 15.89 -0.11 24.25
N SER A 253 16.27 1.10 24.64
CA SER A 253 15.56 2.27 24.20
C SER A 253 15.61 2.37 22.65
N SER A 254 16.70 1.89 21.99
CA SER A 254 16.80 1.81 20.52
C SER A 254 15.82 0.84 19.88
N LEU A 255 15.58 -0.28 20.57
CA LEU A 255 14.51 -1.21 20.21
C LEU A 255 13.11 -0.70 20.45
N LYS A 256 12.95 0.41 21.17
CA LYS A 256 11.65 1.02 21.44
C LYS A 256 10.77 0.06 22.27
N VAL A 257 11.46 -0.80 23.05
CA VAL A 257 10.76 -1.73 23.89
C VAL A 257 10.15 -1.07 25.12
N LYS A 258 8.80 -1.13 25.23
CA LYS A 258 8.01 -0.49 26.26
C LYS A 258 8.03 -1.29 27.56
N GLY A 259 9.04 -2.12 27.78
CA GLY A 259 9.04 -3.17 28.79
C GLY A 259 10.34 -3.98 28.83
N LEU A 260 10.45 -4.79 29.86
CA LEU A 260 11.57 -5.63 30.24
C LEU A 260 11.07 -6.67 31.24
N VAL A 261 11.73 -7.79 31.38
CA VAL A 261 11.27 -8.86 32.24
C VAL A 261 12.52 -9.58 32.74
N LEU A 262 12.97 -9.32 33.97
CA LEU A 262 14.27 -9.88 34.38
C LEU A 262 13.97 -11.19 35.03
N GLY A 263 14.50 -12.21 34.28
CA GLY A 263 14.47 -13.61 34.66
C GLY A 263 14.92 -13.70 36.09
N PRO A 264 14.42 -14.68 36.83
CA PRO A 264 14.40 -14.58 38.28
C PRO A 264 15.73 -14.27 38.91
N ILE A 265 15.67 -13.32 39.84
CA ILE A 265 16.84 -12.84 40.53
C ILE A 265 16.73 -13.17 41.98
N HIS A 266 15.65 -13.81 42.42
CA HIS A 266 15.59 -14.08 43.84
C HIS A 266 16.53 -15.22 44.25
N LYS A 267 16.84 -15.32 45.56
CA LYS A 267 17.77 -16.31 46.08
C LYS A 267 17.10 -17.69 46.15
N ASN A 268 17.29 -18.46 45.07
CA ASN A 268 16.82 -19.82 44.96
C ASN A 268 18.00 -20.75 45.11
N GLN A 269 17.84 -21.75 45.99
CA GLN A 269 18.74 -22.89 46.07
C GLN A 269 18.04 -24.08 45.44
N LYS A 270 18.74 -24.78 44.53
CA LYS A 270 18.10 -25.75 43.64
C LYS A 270 17.32 -26.82 44.44
N ASP A 271 16.01 -26.93 44.14
CA ASP A 271 15.07 -27.90 44.70
C ASP A 271 14.89 -27.83 46.22
N ASP A 272 15.46 -26.82 46.90
CA ASP A 272 15.31 -26.64 48.33
C ASP A 272 14.25 -25.57 48.61
N VAL A 273 13.09 -26.01 49.08
CA VAL A 273 11.94 -25.16 49.35
C VAL A 273 12.26 -24.15 50.46
N ALA A 274 13.08 -24.57 51.45
CA ALA A 274 13.27 -23.81 52.69
C ALA A 274 14.40 -22.79 52.55
N GLN A 275 15.48 -23.14 51.84
CA GLN A 275 16.60 -22.24 51.60
C GLN A 275 16.29 -21.23 50.50
N THR A 276 15.24 -21.47 49.69
CA THR A 276 14.77 -20.52 48.69
C THR A 276 13.93 -19.41 49.33
N ASP A 277 14.23 -18.16 48.93
CA ASP A 277 13.47 -16.96 49.27
C ASP A 277 13.13 -16.18 48.01
N LEU A 278 11.88 -15.65 47.93
CA LEU A 278 11.50 -14.89 46.73
C LEU A 278 11.70 -13.40 46.92
N LEU A 279 12.28 -13.01 48.07
CA LEU A 279 12.32 -11.63 48.44
C LEU A 279 13.77 -11.15 48.41
N GLN A 280 14.70 -11.88 49.04
CA GLN A 280 16.11 -11.49 48.99
C GLN A 280 16.66 -11.84 47.61
N ILE A 281 17.40 -10.89 46.96
CA ILE A 281 17.99 -11.19 45.62
C ILE A 281 19.25 -12.06 45.77
N ASP A 282 19.50 -12.92 44.76
CA ASP A 282 20.65 -13.80 44.68
C ASP A 282 21.88 -12.94 44.47
N PRO A 283 22.85 -12.90 45.44
CA PRO A 283 23.91 -11.88 45.45
C PRO A 283 24.80 -11.82 44.22
N ASN A 284 24.89 -12.92 43.43
CA ASN A 284 25.59 -12.95 42.15
C ASN A 284 25.20 -11.77 41.26
N PHE A 285 23.92 -11.39 41.27
CA PHE A 285 23.40 -10.32 40.42
C PHE A 285 23.57 -8.93 41.02
N GLY A 286 24.02 -8.80 42.29
CA GLY A 286 24.22 -7.50 42.91
C GLY A 286 23.62 -7.39 44.32
N SER A 287 22.86 -6.29 44.54
CA SER A 287 22.20 -5.97 45.80
C SER A 287 20.88 -5.26 45.52
N LYS A 288 19.96 -5.18 46.50
CA LYS A 288 18.74 -4.41 46.26
C LYS A 288 19.06 -2.95 45.89
N GLU A 289 20.16 -2.41 46.42
CA GLU A 289 20.64 -1.08 46.09
C GLU A 289 21.00 -0.96 44.61
N ASP A 290 21.54 -2.03 44.00
CA ASP A 290 21.71 -2.08 42.55
C ASP A 290 20.36 -2.16 41.84
N PHE A 291 19.48 -3.04 42.35
CA PHE A 291 18.19 -3.31 41.71
C PHE A 291 17.43 -1.98 41.56
N ASP A 292 17.36 -1.23 42.66
CA ASP A 292 16.67 0.05 42.67
C ASP A 292 17.37 1.02 41.73
N SER A 293 18.70 0.95 41.62
CA SER A 293 19.45 1.86 40.79
C SER A 293 19.06 1.67 39.33
N LEU A 294 18.99 0.39 38.92
CA LEU A 294 18.47 -0.02 37.62
C LEU A 294 17.05 0.47 37.42
N LEU A 295 16.19 0.07 38.36
CA LEU A 295 14.76 0.24 38.20
C LEU A 295 14.44 1.73 38.06
N GLN A 296 15.12 2.59 38.83
CA GLN A 296 15.02 4.04 38.75
C GLN A 296 15.53 4.54 37.41
N SER A 297 16.59 3.94 36.86
CA SER A 297 17.11 4.33 35.56
C SER A 297 16.13 3.98 34.45
N ALA A 298 15.52 2.81 34.60
CA ALA A 298 14.59 2.36 33.60
C ALA A 298 13.38 3.28 33.61
N LYS A 299 12.85 3.68 34.79
CA LYS A 299 11.76 4.66 34.91
C LYS A 299 12.15 5.93 34.18
N LYS A 300 13.36 6.41 34.45
CA LYS A 300 13.93 7.59 33.79
C LYS A 300 13.91 7.45 32.25
N LYS A 301 14.15 6.24 31.72
CA LYS A 301 14.27 6.02 30.28
C LYS A 301 12.96 5.47 29.63
N SER A 302 11.85 5.35 30.41
CA SER A 302 10.50 4.89 29.99
C SER A 302 10.39 3.39 29.63
N ILE A 303 11.30 2.58 30.13
CA ILE A 303 11.28 1.14 30.08
C ILE A 303 10.69 0.64 31.41
N ARG A 304 9.44 0.21 31.44
CA ARG A 304 8.93 -0.39 32.68
C ARG A 304 9.72 -1.68 32.93
N VAL A 305 9.93 -2.08 34.19
CA VAL A 305 10.49 -3.41 34.49
C VAL A 305 9.65 -4.42 35.25
N ILE A 306 9.39 -5.57 34.67
CA ILE A 306 8.78 -6.69 35.37
C ILE A 306 9.80 -7.67 35.92
N LEU A 307 9.51 -8.28 37.03
CA LEU A 307 10.44 -9.23 37.57
C LEU A 307 9.74 -10.59 37.55
N ASP A 308 10.51 -11.61 37.25
CA ASP A 308 10.00 -12.96 37.15
C ASP A 308 10.16 -13.68 38.48
N LEU A 309 9.08 -14.13 39.05
CA LEU A 309 9.10 -14.73 40.37
C LEU A 309 8.83 -16.24 40.37
N THR A 310 9.08 -16.93 39.25
CA THR A 310 8.83 -18.35 39.23
C THR A 310 9.82 -19.00 40.23
N PRO A 311 9.34 -19.65 41.30
CA PRO A 311 10.23 -19.91 42.45
C PRO A 311 11.50 -20.73 42.21
N ASN A 312 11.40 -21.96 41.68
CA ASN A 312 12.52 -22.88 41.72
C ASN A 312 13.30 -22.81 40.40
N TYR A 313 13.64 -21.60 39.98
CA TYR A 313 14.06 -21.42 38.61
C TYR A 313 15.38 -22.09 38.25
N ARG A 314 16.22 -22.43 39.25
CA ARG A 314 17.45 -23.15 38.97
C ARG A 314 17.19 -24.65 38.88
N GLY A 315 15.96 -25.11 39.19
CA GLY A 315 15.66 -26.53 39.30
C GLY A 315 14.98 -27.12 38.07
N GLU A 316 14.45 -28.33 38.26
CA GLU A 316 13.83 -29.12 37.21
C GLU A 316 12.37 -28.70 37.08
N ASN A 317 11.65 -28.71 38.20
CA ASN A 317 10.25 -28.35 38.26
C ASN A 317 10.13 -26.99 38.95
N SER A 318 9.58 -25.97 38.24
CA SER A 318 9.77 -24.60 38.66
C SER A 318 8.92 -24.20 39.88
N TRP A 319 7.93 -25.02 40.25
CA TRP A 319 7.20 -24.72 41.46
C TRP A 319 7.51 -25.68 42.61
N PHE A 320 8.53 -26.51 42.46
CA PHE A 320 8.80 -27.62 43.37
C PHE A 320 7.70 -28.70 43.32
N SER A 321 8.05 -29.89 43.79
CA SER A 321 7.21 -31.08 43.64
C SER A 321 6.16 -31.19 44.76
N THR A 322 6.24 -30.35 45.82
CA THR A 322 5.65 -30.64 47.12
C THR A 322 5.13 -29.36 47.77
N GLN A 323 4.12 -29.51 48.65
CA GLN A 323 3.61 -28.51 49.60
C GLN A 323 3.38 -27.15 48.93
N VAL A 324 2.68 -27.21 47.78
CA VAL A 324 2.53 -26.10 46.85
C VAL A 324 1.95 -24.84 47.51
N ASP A 325 1.08 -25.02 48.52
CA ASP A 325 0.42 -23.90 49.21
C ASP A 325 1.43 -23.02 49.95
N THR A 326 2.53 -23.61 50.47
CA THR A 326 3.63 -22.85 51.05
C THR A 326 4.33 -22.03 49.97
N VAL A 327 4.50 -22.60 48.77
CA VAL A 327 5.12 -21.92 47.63
C VAL A 327 4.24 -20.76 47.14
N ALA A 328 2.96 -21.01 46.89
CA ALA A 328 1.99 -19.93 46.70
C ALA A 328 2.02 -18.85 47.79
N THR A 329 2.17 -19.25 49.06
CA THR A 329 2.27 -18.30 50.16
C THR A 329 3.52 -17.42 49.98
N LYS A 330 4.66 -18.01 49.59
CA LYS A 330 5.87 -17.23 49.31
C LYS A 330 5.54 -16.16 48.29
N VAL A 331 4.88 -16.54 47.20
CA VAL A 331 4.55 -15.58 46.15
C VAL A 331 3.59 -14.49 46.66
N LYS A 332 2.55 -14.89 47.39
CA LYS A 332 1.58 -13.93 47.86
C LYS A 332 2.27 -12.80 48.63
N ASP A 333 3.29 -13.15 49.45
CA ASP A 333 4.09 -12.17 50.18
C ASP A 333 4.99 -11.38 49.24
N ALA A 334 5.61 -12.08 48.28
CA ALA A 334 6.61 -11.50 47.41
C ALA A 334 6.04 -10.37 46.57
N LEU A 335 4.80 -10.55 46.10
CA LEU A 335 4.25 -9.59 45.16
C LEU A 335 4.11 -8.22 45.84
N GLU A 336 3.65 -8.24 47.09
CA GLU A 336 3.50 -7.01 47.86
C GLU A 336 4.86 -6.32 48.05
N PHE A 337 5.89 -7.08 48.43
CA PHE A 337 7.21 -6.52 48.68
C PHE A 337 7.74 -5.82 47.43
N TRP A 338 7.73 -6.55 46.31
CA TRP A 338 8.40 -6.01 45.15
C TRP A 338 7.58 -4.90 44.53
N LEU A 339 6.24 -4.90 44.68
CA LEU A 339 5.49 -3.74 44.25
C LEU A 339 5.89 -2.51 45.05
N GLN A 340 6.06 -2.68 46.38
CA GLN A 340 6.52 -1.60 47.24
C GLN A 340 7.89 -1.10 46.80
N ALA A 341 8.74 -2.01 46.29
CA ALA A 341 10.04 -1.66 45.75
C ALA A 341 9.94 -0.89 44.40
N GLY A 342 8.87 -1.10 43.64
CA GLY A 342 8.49 -0.25 42.50
C GLY A 342 8.47 -0.93 41.13
N VAL A 343 8.51 -2.26 41.10
CA VAL A 343 8.52 -3.02 39.86
C VAL A 343 7.16 -2.92 39.19
N ASP A 344 7.09 -3.02 37.85
CA ASP A 344 5.90 -2.75 37.07
C ASP A 344 5.02 -3.99 36.84
N GLY A 345 5.43 -5.14 37.37
CA GLY A 345 4.53 -6.26 37.50
C GLY A 345 5.35 -7.55 37.55
N PHE A 346 4.75 -8.67 37.26
CA PHE A 346 5.35 -9.95 37.49
C PHE A 346 5.09 -10.93 36.36
N GLN A 347 6.08 -11.75 36.08
CA GLN A 347 5.91 -12.84 35.17
C GLN A 347 5.97 -14.02 36.11
N VAL A 348 5.10 -15.01 35.90
CA VAL A 348 5.31 -16.37 36.40
C VAL A 348 5.27 -17.34 35.24
N ARG A 349 6.04 -18.41 35.37
CA ARG A 349 6.16 -19.43 34.35
C ARG A 349 5.66 -20.82 34.78
N ASP A 350 5.60 -21.67 33.79
CA ASP A 350 5.34 -23.06 34.03
C ASP A 350 4.02 -23.33 34.79
N ILE A 351 2.99 -22.50 34.65
CA ILE A 351 1.78 -22.71 35.42
C ILE A 351 1.11 -24.07 35.16
N GLU A 352 1.49 -24.84 34.13
CA GLU A 352 1.02 -26.22 34.05
C GLU A 352 1.61 -27.12 35.14
N ASN A 353 2.77 -26.78 35.71
CA ASN A 353 3.34 -27.55 36.82
C ASN A 353 2.92 -27.00 38.21
N LEU A 354 2.00 -26.03 38.25
CA LEU A 354 1.43 -25.53 39.48
C LEU A 354 0.02 -26.14 39.67
N LYS A 355 -0.22 -26.79 40.82
CA LYS A 355 -1.55 -27.27 41.15
C LYS A 355 -2.51 -26.09 41.39
N ASP A 356 -3.77 -26.22 40.95
CA ASP A 356 -4.82 -25.23 41.18
C ASP A 356 -4.44 -23.86 40.58
N ALA A 357 -3.81 -23.90 39.40
CA ALA A 357 -3.13 -22.75 38.81
C ALA A 357 -4.06 -21.55 38.68
N SER A 358 -5.25 -21.75 38.09
CA SER A 358 -6.19 -20.66 37.86
C SER A 358 -6.53 -19.84 39.15
N SER A 359 -6.61 -20.53 40.30
CA SER A 359 -6.96 -19.91 41.57
C SER A 359 -5.84 -19.02 42.08
N PHE A 360 -4.59 -19.51 41.97
CA PHE A 360 -3.44 -18.73 42.39
C PHE A 360 -3.24 -17.54 41.46
N LEU A 361 -3.45 -17.70 40.14
CA LEU A 361 -3.42 -16.53 39.24
C LEU A 361 -4.48 -15.52 39.64
N ALA A 362 -5.68 -15.96 39.99
CA ALA A 362 -6.73 -15.04 40.39
C ALA A 362 -6.35 -14.25 41.64
N GLU A 363 -5.74 -14.92 42.62
CA GLU A 363 -5.34 -14.26 43.85
C GLU A 363 -4.24 -13.21 43.54
N TRP A 364 -3.19 -13.63 42.82
CA TRP A 364 -2.05 -12.80 42.50
C TRP A 364 -2.42 -11.62 41.60
N GLN A 365 -3.32 -11.87 40.67
CA GLN A 365 -3.82 -10.80 39.83
C GLN A 365 -4.57 -9.80 40.69
N ASN A 366 -5.47 -10.27 41.59
CA ASN A 366 -6.18 -9.39 42.50
C ASN A 366 -5.18 -8.56 43.31
N ILE A 367 -4.12 -9.19 43.83
CA ILE A 367 -3.12 -8.48 44.63
C ILE A 367 -2.46 -7.38 43.81
N THR A 368 -2.13 -7.70 42.55
CA THR A 368 -1.45 -6.74 41.68
C THR A 368 -2.36 -5.57 41.30
N LYS A 369 -3.51 -5.84 40.68
CA LYS A 369 -4.43 -4.79 40.26
C LYS A 369 -4.95 -4.00 41.47
N GLY A 370 -5.09 -4.68 42.62
CA GLY A 370 -5.46 -4.06 43.88
C GLY A 370 -4.43 -3.07 44.39
N PHE A 371 -3.17 -3.24 43.98
CA PHE A 371 -2.17 -2.22 44.27
C PHE A 371 -2.28 -1.00 43.37
N SER A 372 -2.26 -1.23 42.07
CA SER A 372 -2.42 -0.16 41.10
C SER A 372 -2.88 -0.75 39.77
N GLU A 373 -3.59 0.06 38.98
CA GLU A 373 -4.24 -0.42 37.77
C GLU A 373 -3.18 -0.58 36.67
N ASP A 374 -2.04 0.13 36.76
CA ASP A 374 -0.97 0.09 35.76
C ASP A 374 0.17 -0.85 36.18
N ARG A 375 -0.18 -2.05 36.71
CA ARG A 375 0.75 -3.14 36.86
C ARG A 375 0.14 -4.41 36.30
N LEU A 376 1.01 -5.28 35.74
CA LEU A 376 0.44 -6.52 35.17
C LEU A 376 1.13 -7.78 35.66
N LEU A 377 0.37 -8.85 35.51
CA LEU A 377 0.86 -10.19 35.74
C LEU A 377 0.81 -10.89 34.35
N ILE A 378 1.97 -11.23 33.80
CA ILE A 378 2.19 -12.15 32.69
C ILE A 378 2.34 -13.59 33.22
N ALA A 379 1.35 -14.41 33.18
CA ALA A 379 1.58 -15.84 33.32
C ALA A 379 2.07 -16.47 32.04
N GLY A 380 2.61 -17.68 32.14
CA GLY A 380 3.20 -18.34 30.97
C GLY A 380 3.11 -19.83 31.14
N THR A 381 2.81 -20.53 30.07
CA THR A 381 2.62 -21.98 30.11
C THR A 381 3.35 -22.64 28.94
N ASN A 382 3.76 -23.89 29.11
CA ASN A 382 4.38 -24.69 28.06
C ASN A 382 3.28 -25.18 27.13
N SER A 383 1.99 -25.01 27.53
CA SER A 383 0.84 -25.43 26.73
C SER A 383 0.74 -24.88 25.30
N SER A 384 0.20 -25.72 24.40
CA SER A 384 -0.19 -25.34 23.06
C SER A 384 -1.61 -25.77 22.73
N ASP A 385 -2.40 -26.10 23.77
CA ASP A 385 -3.77 -26.57 23.59
C ASP A 385 -4.68 -25.37 23.71
N LEU A 386 -5.49 -25.13 22.67
CA LEU A 386 -6.28 -23.89 22.73
C LEU A 386 -7.23 -23.86 23.93
N GLN A 387 -7.72 -25.03 24.30
CA GLN A 387 -8.76 -25.12 25.31
C GLN A 387 -8.16 -24.93 26.69
N GLN A 388 -7.01 -25.55 26.95
CA GLN A 388 -6.33 -25.34 28.24
C GLN A 388 -6.04 -23.85 28.43
N ILE A 389 -5.51 -23.22 27.40
CA ILE A 389 -5.23 -21.80 27.44
C ILE A 389 -6.52 -21.01 27.73
N LEU A 390 -7.60 -21.27 26.99
CA LEU A 390 -8.82 -20.52 27.19
C LEU A 390 -9.36 -20.74 28.60
N SER A 391 -9.05 -21.89 29.25
CA SER A 391 -9.51 -22.16 30.61
C SER A 391 -8.77 -21.28 31.63
N LEU A 392 -7.43 -21.10 31.47
CA LEU A 392 -6.64 -20.23 32.37
C LEU A 392 -7.09 -18.78 32.23
N LEU A 393 -7.48 -18.41 31.01
CA LEU A 393 -7.94 -17.08 30.67
C LEU A 393 -9.45 -16.89 30.89
N GLU A 394 -10.16 -17.85 31.52
CA GLU A 394 -11.60 -17.71 31.63
C GLU A 394 -11.93 -16.83 32.83
N SER A 395 -11.37 -17.21 33.99
CA SER A 395 -11.57 -16.54 35.26
C SER A 395 -10.77 -15.21 35.36
N ASN A 396 -9.66 -15.12 34.63
CA ASN A 396 -8.77 -13.98 34.67
C ASN A 396 -8.79 -13.32 33.31
N LYS A 397 -9.07 -12.03 33.28
CA LYS A 397 -9.51 -11.41 32.05
C LYS A 397 -8.49 -10.39 31.54
N ASP A 398 -7.62 -9.84 32.42
CA ASP A 398 -6.53 -8.96 32.04
C ASP A 398 -5.20 -9.56 32.52
N LEU A 399 -5.06 -10.85 32.25
CA LEU A 399 -3.83 -11.59 32.35
C LEU A 399 -3.26 -11.79 30.96
N LEU A 400 -2.00 -11.42 30.73
CA LEU A 400 -1.35 -11.88 29.53
C LEU A 400 -0.94 -13.30 29.81
N LEU A 401 -1.22 -14.18 28.87
CA LEU A 401 -0.73 -15.51 29.01
C LEU A 401 0.03 -15.86 27.72
N THR A 402 1.35 -15.80 27.86
CA THR A 402 2.28 -16.32 26.87
C THR A 402 2.28 -17.85 26.91
N SER A 403 2.48 -18.50 25.75
CA SER A 403 2.22 -19.92 25.56
C SER A 403 2.94 -20.42 24.35
N SER A 404 2.90 -21.74 24.20
CA SER A 404 3.46 -22.33 23.00
C SER A 404 2.41 -22.33 21.88
N TYR A 405 1.32 -21.58 21.99
CA TYR A 405 0.25 -21.86 21.05
C TYR A 405 0.56 -21.54 19.60
N LEU A 406 1.18 -20.36 19.32
CA LEU A 406 1.68 -20.21 17.95
C LEU A 406 2.94 -21.00 17.53
N SER A 407 3.59 -21.80 18.44
CA SER A 407 4.85 -22.54 18.21
C SER A 407 4.76 -23.59 17.11
N ASP A 408 3.63 -24.33 17.07
CA ASP A 408 3.38 -25.51 16.23
C ASP A 408 2.96 -25.11 14.81
N SER A 409 3.73 -24.20 14.18
CA SER A 409 3.31 -23.41 13.04
C SER A 409 3.27 -24.18 11.72
N GLY A 410 3.70 -25.45 11.65
CA GLY A 410 3.83 -26.14 10.37
C GLY A 410 5.17 -25.94 9.63
N SER A 411 6.02 -25.02 10.07
CA SER A 411 7.42 -24.93 9.64
C SER A 411 7.58 -24.78 8.10
N THR A 412 6.50 -24.33 7.45
CA THR A 412 6.60 -23.31 6.41
C THR A 412 5.46 -22.32 6.64
N GLY A 413 5.20 -21.95 7.91
CA GLY A 413 4.16 -21.04 8.36
C GLY A 413 2.72 -21.50 8.09
N GLU A 414 2.49 -22.69 7.53
CA GLU A 414 1.32 -22.93 6.72
C GLU A 414 0.03 -22.81 7.54
N HIS A 415 0.11 -23.16 8.82
CA HIS A 415 -1.02 -23.14 9.72
C HIS A 415 -1.33 -21.76 10.28
N THR A 416 -0.43 -20.80 10.16
CA THR A 416 -0.53 -19.58 10.93
C THR A 416 -1.78 -18.76 10.70
N LYS A 417 -2.24 -18.58 9.44
CA LYS A 417 -3.46 -17.80 9.23
C LYS A 417 -4.53 -18.33 10.15
N SER A 418 -4.50 -19.66 10.41
CA SER A 418 -5.60 -20.35 11.06
C SER A 418 -5.36 -20.35 12.55
N LEU A 419 -4.11 -20.59 13.01
CA LEU A 419 -3.90 -20.53 14.45
C LEU A 419 -4.18 -19.13 14.99
N VAL A 420 -3.81 -18.11 14.25
CA VAL A 420 -4.07 -16.76 14.69
C VAL A 420 -5.54 -16.44 14.67
N THR A 421 -6.24 -16.69 13.57
CA THR A 421 -7.59 -16.21 13.52
C THR A 421 -8.53 -17.06 14.35
N GLN A 422 -8.21 -18.32 14.64
CA GLN A 422 -9.05 -19.06 15.56
C GLN A 422 -8.87 -18.43 16.91
N TYR A 423 -7.67 -18.05 17.28
CA TYR A 423 -7.50 -17.65 18.67
C TYR A 423 -8.16 -16.31 18.95
N LEU A 424 -8.02 -15.39 18.06
CA LEU A 424 -8.74 -14.16 18.17
C LEU A 424 -10.21 -14.46 18.30
N ASN A 425 -10.78 -15.28 17.40
CA ASN A 425 -12.21 -15.60 17.43
C ASN A 425 -12.65 -16.26 18.74
N ALA A 426 -11.91 -17.24 19.18
CA ALA A 426 -12.23 -17.92 20.42
C ALA A 426 -12.22 -17.01 21.65
N THR A 427 -11.20 -16.15 21.79
CA THR A 427 -11.13 -15.23 22.91
C THR A 427 -12.09 -14.06 22.76
N GLY A 428 -12.67 -13.85 21.59
CA GLY A 428 -13.61 -12.75 21.41
C GLY A 428 -12.91 -11.40 21.25
N ASN A 429 -11.71 -11.42 20.67
CA ASN A 429 -10.92 -10.24 20.36
C ASN A 429 -10.63 -9.44 21.63
N ARG A 430 -10.31 -10.13 22.74
CA ARG A 430 -9.76 -9.48 23.93
C ARG A 430 -8.32 -9.02 23.64
N TRP A 431 -7.62 -8.49 24.66
CA TRP A 431 -6.17 -8.33 24.50
C TRP A 431 -5.43 -9.67 24.64
N CYS A 432 -4.30 -9.77 23.96
CA CYS A 432 -3.54 -11.00 23.84
C CYS A 432 -2.07 -10.70 24.04
N SER A 433 -1.26 -11.69 24.24
CA SER A 433 0.15 -11.50 24.04
C SER A 433 0.74 -12.43 22.98
N TRP A 434 0.98 -11.93 21.80
CA TRP A 434 1.63 -12.75 20.81
C TRP A 434 3.09 -13.11 21.09
N SER A 435 3.42 -14.40 21.09
CA SER A 435 4.72 -14.87 21.47
C SER A 435 4.93 -16.29 20.99
N LEU A 436 6.13 -16.64 20.48
CA LEU A 436 6.19 -18.06 20.13
C LEU A 436 6.51 -18.91 21.35
N SER A 437 6.86 -18.32 22.51
CA SER A 437 6.96 -19.19 23.67
C SER A 437 6.88 -18.40 24.94
N GLN A 438 6.68 -19.13 26.07
CA GLN A 438 6.97 -18.55 27.38
C GLN A 438 8.45 -18.20 27.66
N ALA A 439 9.42 -18.78 26.95
CA ALA A 439 10.80 -18.46 27.25
C ALA A 439 11.74 -18.48 26.05
N ARG A 440 11.73 -19.55 25.24
CA ARG A 440 12.85 -19.79 24.35
C ARG A 440 12.72 -18.87 23.14
N LEU A 441 13.83 -18.66 22.39
CA LEU A 441 13.91 -17.70 21.27
C LEU A 441 12.95 -17.99 20.10
N LEU A 442 12.64 -16.99 19.23
CA LEU A 442 11.98 -17.28 17.96
C LEU A 442 12.68 -18.39 17.22
N THR A 443 14.01 -18.26 17.16
CA THR A 443 14.78 -19.17 16.35
C THR A 443 14.80 -20.60 16.91
N SER A 444 14.16 -20.84 18.06
CA SER A 444 13.98 -22.19 18.57
C SER A 444 12.95 -22.98 17.77
N PHE A 445 12.16 -22.26 16.96
CA PHE A 445 10.97 -22.84 16.34
C PHE A 445 10.98 -22.54 14.87
N LEU A 446 11.18 -21.26 14.54
CA LEU A 446 11.17 -20.83 13.16
C LEU A 446 12.45 -21.20 12.42
N PRO A 447 12.33 -21.68 11.16
CA PRO A 447 13.47 -21.79 10.28
C PRO A 447 13.74 -20.40 9.74
N ALA A 448 15.02 -20.11 9.48
CA ALA A 448 15.43 -18.73 9.35
C ALA A 448 14.83 -17.94 8.18
N GLN A 449 14.17 -18.57 7.16
CA GLN A 449 13.44 -17.84 6.11
C GLN A 449 12.16 -17.14 6.61
N LEU A 450 11.58 -17.65 7.69
CA LEU A 450 10.41 -17.01 8.28
C LEU A 450 10.68 -15.92 9.30
N LEU A 451 11.89 -15.81 9.86
CA LEU A 451 12.06 -14.89 10.97
C LEU A 451 11.57 -13.51 10.55
N ARG A 452 11.87 -13.09 9.29
CA ARG A 452 11.46 -11.74 8.94
C ARG A 452 9.94 -11.59 8.85
N LEU A 453 9.36 -12.66 8.36
CA LEU A 453 7.94 -12.69 8.13
C LEU A 453 7.18 -12.73 9.43
N TYR A 454 7.73 -13.34 10.50
CA TYR A 454 7.06 -13.36 11.77
C TYR A 454 7.27 -12.05 12.50
N GLN A 455 8.41 -11.43 12.36
CA GLN A 455 8.53 -10.11 12.97
C GLN A 455 7.53 -9.17 12.36
N LEU A 456 7.20 -9.32 11.07
CA LEU A 456 6.25 -8.41 10.51
C LEU A 456 4.84 -8.67 11.08
N MET A 457 4.59 -9.88 11.54
CA MET A 457 3.27 -10.29 11.97
C MET A 457 3.14 -10.04 13.47
N LEU A 458 4.07 -10.50 14.31
CA LEU A 458 4.07 -10.21 15.71
C LEU A 458 3.99 -8.69 15.98
N PHE A 459 4.55 -7.85 15.09
CA PHE A 459 4.40 -6.43 15.33
C PHE A 459 3.05 -5.82 14.94
N THR A 460 2.13 -6.56 14.36
CA THR A 460 0.97 -5.95 13.75
C THR A 460 -0.37 -6.70 13.97
N LEU A 461 -0.40 -7.78 14.71
CA LEU A 461 -1.63 -8.31 15.26
C LEU A 461 -2.01 -7.53 16.52
N PRO A 462 -3.33 -7.55 16.81
CA PRO A 462 -3.87 -6.95 18.05
C PRO A 462 -3.33 -7.50 19.33
N GLY A 463 -2.57 -6.75 20.12
CA GLY A 463 -1.95 -7.33 21.32
C GLY A 463 -0.48 -7.03 21.52
N THR A 464 0.04 -7.38 22.65
CA THR A 464 1.33 -6.94 23.09
C THR A 464 2.37 -7.98 22.73
N PRO A 465 3.20 -7.81 21.72
CA PRO A 465 4.14 -8.86 21.39
C PRO A 465 5.19 -9.07 22.44
N VAL A 466 5.71 -10.25 22.52
CA VAL A 466 6.75 -10.53 23.47
C VAL A 466 7.90 -11.28 22.75
N PHE A 467 9.08 -10.76 22.95
CA PHE A 467 10.27 -11.36 22.46
C PHE A 467 11.22 -11.74 23.58
N SER A 468 12.02 -12.81 23.38
CA SER A 468 13.23 -13.01 24.18
C SER A 468 14.40 -12.26 23.57
N TYR A 469 15.51 -12.27 24.28
CA TYR A 469 16.57 -11.33 23.93
C TYR A 469 17.30 -11.91 22.75
N GLY A 470 17.56 -11.03 21.81
CA GLY A 470 18.26 -11.49 20.63
C GLY A 470 17.34 -12.01 19.56
N ASP A 471 16.04 -12.10 19.77
CA ASP A 471 15.07 -12.25 18.69
C ASP A 471 15.26 -11.15 17.68
N GLU A 472 15.67 -9.98 18.13
CA GLU A 472 15.71 -8.79 17.29
C GLU A 472 16.88 -8.91 16.35
N ILE A 473 17.82 -9.85 16.61
CA ILE A 473 18.97 -10.07 15.74
C ILE A 473 18.99 -11.47 15.17
N GLY A 474 17.94 -12.25 15.38
CA GLY A 474 17.89 -13.64 14.94
C GLY A 474 19.02 -14.48 15.53
N LEU A 475 19.33 -14.25 16.79
CA LEU A 475 20.24 -15.10 17.52
C LEU A 475 19.75 -16.54 17.43
N ASP A 476 20.70 -17.50 17.47
CA ASP A 476 20.35 -18.90 17.45
C ASP A 476 21.32 -19.69 18.31
N ALA A 477 20.81 -20.52 19.21
CA ALA A 477 21.64 -21.30 20.10
C ALA A 477 22.54 -22.30 19.35
N ALA A 478 22.07 -22.84 18.21
CA ALA A 478 22.80 -23.85 17.44
C ALA A 478 23.99 -23.28 16.66
N ALA A 479 23.93 -21.99 16.27
CA ALA A 479 24.90 -21.42 15.33
C ALA A 479 26.32 -21.26 15.92
N LEU A 480 26.43 -21.09 17.26
CA LEU A 480 27.70 -21.09 17.99
C LEU A 480 27.71 -22.28 18.94
N PRO A 481 28.18 -23.48 18.50
CA PRO A 481 27.91 -24.74 19.23
C PRO A 481 28.37 -24.83 20.69
N GLY A 482 27.61 -25.62 21.47
CA GLY A 482 27.95 -25.95 22.84
C GLY A 482 27.14 -25.22 23.90
N GLN A 483 26.78 -23.95 23.63
CA GLN A 483 26.07 -23.10 24.57
C GLN A 483 24.65 -23.62 24.78
N PRO A 484 24.04 -23.41 25.99
CA PRO A 484 22.75 -24.03 26.30
C PRO A 484 21.57 -23.32 25.60
N MET A 485 20.60 -24.13 25.17
CA MET A 485 19.40 -23.64 24.52
C MET A 485 18.50 -22.85 25.47
N GLU A 486 18.76 -22.91 26.79
CA GLU A 486 18.11 -22.06 27.79
C GLU A 486 18.52 -20.58 27.67
N ALA A 487 19.78 -20.29 27.32
CA ALA A 487 20.41 -19.02 27.65
C ALA A 487 21.66 -18.77 26.79
N PRO A 488 21.47 -18.56 25.47
CA PRO A 488 22.58 -18.34 24.57
C PRO A 488 23.15 -16.94 24.72
N VAL A 489 24.47 -16.85 24.51
CA VAL A 489 25.23 -15.64 24.77
C VAL A 489 24.92 -14.64 23.69
N MET A 490 24.58 -13.42 24.14
CA MET A 490 24.13 -12.40 23.22
C MET A 490 25.33 -11.82 22.47
N LEU A 491 25.16 -11.62 21.15
CA LEU A 491 26.27 -11.24 20.28
C LEU A 491 26.24 -9.75 19.98
N TRP A 492 26.88 -8.98 20.86
CA TRP A 492 26.94 -7.54 20.70
C TRP A 492 27.87 -7.12 19.59
N ASP A 493 29.08 -7.70 19.60
CA ASP A 493 30.10 -7.45 18.59
C ASP A 493 30.96 -8.72 18.46
N GLU A 494 31.93 -8.75 17.52
CA GLU A 494 32.61 -9.99 17.15
C GLU A 494 33.40 -10.63 18.31
N SER A 495 33.69 -9.86 19.38
CA SER A 495 34.34 -10.37 20.58
C SER A 495 33.46 -11.27 21.44
N SER A 496 32.12 -11.19 21.29
CA SER A 496 31.17 -11.54 22.33
C SER A 496 31.16 -13.04 22.65
N PHE A 497 31.64 -13.92 21.73
CA PHE A 497 31.82 -15.34 22.03
C PHE A 497 33.27 -15.72 21.80
N PRO A 498 34.15 -15.44 22.78
CA PRO A 498 35.59 -15.66 22.60
C PRO A 498 36.03 -17.12 22.74
N ASP A 499 35.12 -18.01 23.22
CA ASP A 499 35.42 -19.41 23.50
C ASP A 499 35.78 -20.23 22.25
N ILE A 500 35.33 -19.79 21.06
CA ILE A 500 35.73 -20.33 19.76
C ILE A 500 35.89 -19.12 18.84
N PRO A 501 37.04 -18.39 18.90
CA PRO A 501 37.14 -17.08 18.27
C PRO A 501 37.19 -17.22 16.74
N GLY A 502 36.55 -16.28 16.04
CA GLY A 502 36.42 -16.33 14.58
C GLY A 502 35.16 -17.02 14.07
N ALA A 503 34.38 -17.68 14.96
CA ALA A 503 33.11 -18.31 14.60
C ALA A 503 31.99 -17.27 14.33
N VAL A 504 32.00 -16.17 15.10
CA VAL A 504 31.07 -15.05 14.97
C VAL A 504 31.40 -14.24 13.72
N SER A 505 30.48 -14.22 12.77
CA SER A 505 30.53 -13.31 11.64
C SER A 505 29.97 -11.95 12.04
N ALA A 506 30.35 -10.89 11.34
CA ALA A 506 29.87 -9.53 11.63
C ALA A 506 28.35 -9.44 11.62
N ASN A 507 27.70 -9.87 10.52
CA ASN A 507 26.25 -9.92 10.34
C ASN A 507 25.49 -10.69 11.44
N MET A 508 26.10 -11.59 12.24
CA MET A 508 25.47 -12.21 13.42
C MET A 508 25.36 -11.30 14.66
N THR A 509 25.88 -10.07 14.68
CA THR A 509 26.06 -9.30 15.89
C THR A 509 25.36 -7.95 15.82
N VAL A 510 25.08 -7.39 17.00
CA VAL A 510 24.27 -6.19 17.06
C VAL A 510 24.98 -5.05 16.31
N LYS A 511 26.28 -4.92 16.57
CA LYS A 511 27.13 -3.92 15.96
C LYS A 511 27.08 -4.08 14.45
N GLY A 512 27.11 -5.35 13.98
CA GLY A 512 27.16 -5.64 12.55
C GLY A 512 25.85 -5.48 11.80
N GLN A 513 24.74 -5.49 12.56
CA GLN A 513 23.43 -5.24 11.98
C GLN A 513 23.10 -3.76 12.07
N SER A 514 23.55 -3.08 13.14
CA SER A 514 23.05 -1.76 13.45
C SER A 514 23.29 -0.76 12.30
N GLU A 515 24.34 -1.05 11.50
CA GLU A 515 24.78 -0.22 10.39
C GLU A 515 23.96 -0.41 9.11
N ASP A 516 23.29 -1.57 8.95
CA ASP A 516 22.82 -2.06 7.65
C ASP A 516 21.29 -1.97 7.58
N PRO A 517 20.69 -1.10 6.73
CA PRO A 517 19.24 -1.01 6.58
C PRO A 517 18.52 -2.32 6.17
N GLY A 518 19.25 -3.22 5.50
CA GLY A 518 18.71 -4.53 5.17
C GLY A 518 18.67 -5.54 6.33
N SER A 519 19.37 -5.33 7.45
CA SER A 519 19.50 -6.32 8.52
C SER A 519 18.19 -6.56 9.26
N LEU A 520 18.13 -7.72 9.92
CA LEU A 520 16.99 -8.10 10.78
C LEU A 520 16.67 -7.04 11.85
N LEU A 521 17.67 -6.60 12.59
CA LEU A 521 17.54 -5.57 13.61
C LEU A 521 17.13 -4.25 13.01
N SER A 522 17.48 -3.95 11.75
CA SER A 522 16.95 -2.76 11.13
C SER A 522 15.46 -2.84 10.80
N LEU A 523 14.97 -4.09 10.61
CA LEU A 523 13.55 -4.33 10.45
C LEU A 523 12.86 -4.26 11.81
N PHE A 524 13.46 -4.83 12.87
CA PHE A 524 12.83 -4.85 14.18
C PHE A 524 12.66 -3.43 14.67
N ARG A 525 13.74 -2.66 14.56
CA ARG A 525 13.73 -1.30 15.01
C ARG A 525 12.62 -0.55 14.30
N ARG A 526 12.50 -0.79 12.99
CA ARG A 526 11.59 0.01 12.20
C ARG A 526 10.12 -0.31 12.54
N LEU A 527 9.85 -1.59 12.74
CA LEU A 527 8.50 -2.05 13.06
C LEU A 527 8.10 -1.64 14.44
N SER A 528 9.09 -1.66 15.34
CA SER A 528 8.81 -1.38 16.72
C SER A 528 8.31 0.08 16.80
N ASP A 529 8.86 0.94 15.89
CA ASP A 529 8.43 2.32 15.76
C ASP A 529 6.94 2.36 15.45
N GLN A 530 6.56 1.69 14.37
CA GLN A 530 5.22 1.82 13.82
C GLN A 530 4.21 1.34 14.84
N ARG A 531 4.46 0.19 15.49
CA ARG A 531 3.58 -0.38 16.48
C ARG A 531 3.42 0.51 17.67
N SER A 532 4.36 1.46 17.91
CA SER A 532 4.29 2.20 19.15
C SER A 532 3.79 3.64 18.94
N LYS A 533 3.65 4.06 17.67
CA LYS A 533 3.23 5.39 17.36
C LYS A 533 1.83 5.41 16.74
N GLU A 534 1.50 4.41 15.93
CA GLU A 534 0.43 4.55 14.94
C GLU A 534 -0.89 4.08 15.54
N ARG A 535 -1.91 4.92 15.50
CA ARG A 535 -3.04 4.62 16.36
C ARG A 535 -3.75 3.39 15.84
N SER A 536 -3.56 3.14 14.55
CA SER A 536 -4.13 1.97 13.91
C SER A 536 -3.57 0.63 14.42
N LEU A 537 -2.25 0.46 14.51
CA LEU A 537 -1.56 -0.71 15.08
C LEU A 537 -1.65 -0.70 16.60
N LEU A 538 -1.67 0.49 17.20
CA LEU A 538 -1.74 0.57 18.65
C LEU A 538 -3.03 0.03 19.21
N HIS A 539 -4.18 0.28 18.56
CA HIS A 539 -5.41 -0.36 19.03
C HIS A 539 -6.58 -0.44 18.06
N GLY A 540 -6.21 -0.35 16.77
CA GLY A 540 -7.13 -0.70 15.72
C GLY A 540 -7.87 -2.05 15.86
N ASP A 541 -8.92 -2.15 15.03
CA ASP A 541 -9.66 -3.37 14.79
C ASP A 541 -8.77 -4.23 13.89
N PHE A 542 -9.23 -5.48 13.62
CA PHE A 542 -8.45 -6.41 12.80
C PHE A 542 -9.39 -7.18 11.90
N HIS A 543 -9.11 -7.22 10.57
CA HIS A 543 -9.97 -7.98 9.67
C HIS A 543 -9.03 -8.78 8.82
N ALA A 544 -9.01 -10.09 9.03
CA ALA A 544 -8.42 -11.01 8.08
C ALA A 544 -9.26 -11.12 6.81
N PHE A 545 -8.61 -11.36 5.67
CA PHE A 545 -9.37 -11.62 4.46
C PHE A 545 -8.59 -12.47 3.47
N SER A 546 -9.31 -13.05 2.47
CA SER A 546 -8.61 -13.98 1.57
C SER A 546 -8.11 -13.13 0.44
N ALA A 547 -6.79 -12.93 0.43
CA ALA A 547 -6.20 -12.00 -0.54
C ALA A 547 -5.58 -12.72 -1.69
N GLY A 548 -5.40 -14.05 -1.61
CA GLY A 548 -4.39 -14.75 -2.41
C GLY A 548 -4.13 -16.15 -1.86
N PRO A 549 -3.54 -17.13 -2.63
CA PRO A 549 -3.34 -18.53 -2.18
C PRO A 549 -2.47 -18.69 -0.97
N GLY A 550 -1.23 -18.24 -0.88
CA GLY A 550 -0.64 -18.45 0.48
C GLY A 550 -0.99 -17.45 1.59
N LEU A 551 -1.34 -16.25 1.14
CA LEU A 551 -1.27 -15.04 1.92
C LEU A 551 -2.19 -15.09 3.12
N PHE A 552 -1.56 -14.82 4.29
CA PHE A 552 -2.28 -14.36 5.48
C PHE A 552 -2.39 -12.88 5.38
N SER A 553 -3.61 -12.38 5.22
CA SER A 553 -3.66 -10.98 4.93
C SER A 553 -4.71 -10.32 5.76
N TYR A 554 -4.42 -9.12 6.25
CA TYR A 554 -5.37 -8.50 7.13
C TYR A 554 -5.14 -7.02 7.20
N ILE A 555 -6.20 -6.28 7.56
CA ILE A 555 -6.19 -4.84 7.66
C ILE A 555 -6.38 -4.48 9.12
N ARG A 556 -5.50 -3.59 9.60
CA ARG A 556 -5.65 -2.97 10.89
C ARG A 556 -6.24 -1.61 10.60
N HIS A 557 -7.26 -1.22 11.36
CA HIS A 557 -7.77 0.11 11.16
C HIS A 557 -8.32 0.66 12.46
N TRP A 558 -8.30 2.00 12.63
CA TRP A 558 -8.94 2.61 13.80
C TRP A 558 -10.30 3.20 13.42
N ASP A 559 -10.46 4.52 13.52
CA ASP A 559 -11.71 5.16 13.16
C ASP A 559 -11.47 5.83 11.83
N GLN A 560 -10.60 6.87 11.83
CA GLN A 560 -10.38 7.67 10.62
C GLN A 560 -8.91 7.82 10.35
N ASN A 561 -8.08 7.18 11.21
CA ASN A 561 -6.63 7.33 11.03
C ASN A 561 -6.21 6.54 9.76
N GLU A 562 -4.90 6.58 9.45
CA GLU A 562 -4.23 5.67 8.52
C GLU A 562 -4.56 4.18 8.76
N ARG A 563 -4.78 3.43 7.66
CA ARG A 563 -5.26 2.04 7.67
C ARG A 563 -4.10 1.25 7.14
N PHE A 564 -3.80 0.10 7.74
CA PHE A 564 -2.62 -0.67 7.39
C PHE A 564 -3.06 -2.04 6.93
N LEU A 565 -2.64 -2.39 5.73
CA LEU A 565 -2.87 -3.71 5.18
C LEU A 565 -1.56 -4.48 5.28
N VAL A 566 -1.59 -5.67 5.91
CA VAL A 566 -0.44 -6.52 6.08
C VAL A 566 -0.66 -7.73 5.20
N VAL A 567 0.37 -8.14 4.48
CA VAL A 567 0.24 -9.24 3.55
C VAL A 567 1.41 -10.16 3.78
N LEU A 568 1.16 -11.32 4.37
CA LEU A 568 2.24 -12.24 4.66
C LEU A 568 2.19 -13.43 3.71
N ASN A 569 3.26 -13.67 2.92
CA ASN A 569 3.18 -14.76 1.99
C ASN A 569 3.80 -15.96 2.62
N PHE A 570 3.01 -16.75 3.35
CA PHE A 570 3.62 -17.83 4.08
C PHE A 570 4.05 -18.99 3.18
N GLY A 571 3.29 -19.36 2.17
CA GLY A 571 3.76 -20.40 1.28
C GLY A 571 5.01 -20.04 0.48
N ASP A 572 5.79 -21.09 0.05
CA ASP A 572 7.05 -21.01 -0.66
C ASP A 572 6.95 -20.63 -2.15
N VAL A 573 5.81 -20.15 -2.63
CA VAL A 573 5.65 -19.90 -4.03
C VAL A 573 5.25 -18.47 -4.19
N GLY A 574 5.93 -17.76 -5.08
CA GLY A 574 5.56 -16.37 -5.28
C GLY A 574 4.19 -16.16 -5.93
N LEU A 575 3.54 -15.00 -5.67
CA LEU A 575 2.31 -14.62 -6.35
C LEU A 575 2.58 -13.61 -7.43
N SER A 576 1.86 -13.77 -8.55
CA SER A 576 2.23 -13.09 -9.76
C SER A 576 1.06 -12.28 -10.34
N ALA A 577 -0.03 -12.15 -9.57
CA ALA A 577 -1.34 -11.80 -10.13
C ALA A 577 -2.11 -10.90 -9.16
N GLY A 578 -1.36 -10.26 -8.31
CA GLY A 578 -1.97 -9.29 -7.45
C GLY A 578 -2.64 -9.94 -6.28
N LEU A 579 -3.08 -9.03 -5.39
CA LEU A 579 -4.10 -9.30 -4.43
C LEU A 579 -5.33 -9.48 -5.25
N GLN A 580 -6.17 -10.41 -4.82
CA GLN A 580 -7.50 -10.47 -5.34
C GLN A 580 -8.35 -10.83 -4.16
N ALA A 581 -8.73 -9.77 -3.41
CA ALA A 581 -9.56 -9.83 -2.21
C ALA A 581 -11.00 -10.12 -2.58
N SER A 582 -11.48 -11.29 -2.19
CA SER A 582 -12.91 -11.56 -2.21
C SER A 582 -13.48 -11.05 -0.90
N ASP A 583 -14.60 -10.30 -0.98
CA ASP A 583 -15.58 -10.18 0.09
C ASP A 583 -14.98 -9.46 1.31
N LEU A 584 -14.55 -8.22 1.05
CA LEU A 584 -14.06 -7.38 2.14
C LEU A 584 -15.24 -6.85 2.96
N PRO A 585 -15.08 -6.68 4.30
CA PRO A 585 -16.05 -5.90 5.08
C PRO A 585 -16.23 -4.51 4.46
N ALA A 586 -17.48 -4.04 4.37
CA ALA A 586 -17.83 -2.88 3.56
C ALA A 586 -17.21 -1.59 4.14
N SER A 587 -16.97 -1.58 5.46
CA SER A 587 -16.31 -0.51 6.19
C SER A 587 -14.81 -0.38 5.89
N ALA A 588 -14.18 -1.45 5.36
CA ALA A 588 -12.72 -1.59 5.36
C ALA A 588 -12.16 -1.85 3.98
N SER A 589 -12.90 -1.46 2.92
CA SER A 589 -12.60 -1.84 1.54
C SER A 589 -11.17 -1.43 1.17
N LEU A 590 -10.50 -2.32 0.44
CA LEU A 590 -9.18 -2.03 -0.06
C LEU A 590 -9.18 -0.92 -1.11
N PRO A 591 -8.10 -0.12 -1.14
CA PRO A 591 -7.93 0.89 -2.17
C PRO A 591 -7.49 0.29 -3.50
N ALA A 592 -7.42 1.15 -4.53
CA ALA A 592 -6.78 0.80 -5.78
C ALA A 592 -5.27 0.71 -5.61
N LYS A 593 -4.71 1.55 -4.73
CA LYS A 593 -3.28 1.63 -4.47
C LYS A 593 -3.02 2.08 -3.04
N ALA A 594 -1.81 1.75 -2.55
CA ALA A 594 -1.45 1.91 -1.15
C ALA A 594 0.07 2.01 -1.05
N ASP A 595 0.54 2.76 -0.05
CA ASP A 595 1.93 3.18 0.06
C ASP A 595 2.78 2.13 0.75
N LEU A 596 3.77 1.55 0.05
CA LEU A 596 4.60 0.51 0.69
C LEU A 596 5.49 1.08 1.80
N LEU A 597 5.12 0.82 3.06
CA LEU A 597 5.82 1.31 4.23
C LEU A 597 7.02 0.45 4.56
N LEU A 598 6.96 -0.84 4.27
CA LEU A 598 8.15 -1.66 4.25
C LEU A 598 7.86 -3.03 3.69
N SER A 599 8.89 -3.67 3.18
CA SER A 599 8.81 -5.06 2.80
C SER A 599 9.91 -5.78 3.56
N THR A 600 9.60 -7.03 3.84
CA THR A 600 10.52 -8.00 4.39
C THR A 600 11.67 -8.25 3.41
N GLN A 601 11.53 -7.87 2.11
CA GLN A 601 12.60 -8.17 1.17
C GLN A 601 13.24 -6.90 0.59
N PRO A 602 14.54 -6.99 0.23
CA PRO A 602 15.20 -5.92 -0.51
C PRO A 602 14.69 -5.79 -1.94
N GLY A 603 15.02 -4.66 -2.56
CA GLY A 603 14.75 -4.41 -3.97
C GLY A 603 13.33 -3.92 -4.24
N ARG A 604 12.77 -3.21 -3.24
CA ARG A 604 11.43 -2.63 -3.32
C ARG A 604 11.48 -1.11 -3.18
N GLU A 605 10.48 -0.45 -3.79
CA GLU A 605 10.49 1.01 -3.90
C GLU A 605 9.79 1.64 -2.69
N GLU A 606 10.45 1.55 -1.51
CA GLU A 606 9.77 1.82 -0.25
C GLU A 606 9.38 3.30 -0.24
N GLY A 607 8.13 3.57 0.18
CA GLY A 607 7.53 4.89 0.09
C GLY A 607 6.55 5.01 -1.07
N SER A 608 6.80 4.31 -2.19
CA SER A 608 5.99 4.46 -3.40
C SER A 608 4.63 3.78 -3.26
N PRO A 609 3.57 4.29 -3.93
CA PRO A 609 2.30 3.56 -4.08
C PRO A 609 2.40 2.37 -5.03
N LEU A 610 1.72 1.27 -4.63
CA LEU A 610 1.66 0.01 -5.36
C LEU A 610 0.24 -0.25 -5.85
N GLU A 611 0.12 -0.89 -7.04
CA GLU A 611 -1.16 -1.35 -7.58
C GLU A 611 -1.43 -2.73 -6.98
N LEU A 612 -2.41 -2.79 -6.11
CA LEU A 612 -2.74 -4.03 -5.46
C LEU A 612 -3.23 -5.10 -6.43
N GLU A 613 -4.07 -4.78 -7.41
CA GLU A 613 -4.48 -5.79 -8.39
C GLU A 613 -3.31 -6.28 -9.28
N ARG A 614 -2.09 -5.67 -9.30
CA ARG A 614 -0.96 -6.07 -10.16
C ARG A 614 0.39 -6.15 -9.41
N LEU A 615 0.29 -6.35 -8.12
CA LEU A 615 1.39 -6.57 -7.20
C LEU A 615 2.01 -7.94 -7.40
N LYS A 616 3.27 -8.11 -6.97
CA LYS A 616 3.93 -9.41 -7.07
C LYS A 616 4.74 -9.75 -5.82
N LEU A 617 4.25 -10.62 -4.93
CA LEU A 617 5.00 -11.14 -3.78
C LEU A 617 6.01 -12.21 -4.22
N GLU A 618 7.21 -12.20 -3.64
CA GLU A 618 8.13 -13.34 -3.77
C GLU A 618 7.82 -14.36 -2.70
N PRO A 619 8.33 -15.61 -2.73
CA PRO A 619 8.16 -16.56 -1.64
C PRO A 619 8.63 -15.98 -0.31
N HIS A 620 7.74 -16.03 0.68
CA HIS A 620 7.97 -15.48 2.00
C HIS A 620 8.12 -13.94 2.08
N GLU A 621 7.79 -13.21 1.03
CA GLU A 621 7.85 -11.78 1.11
C GLU A 621 6.63 -11.31 1.87
N GLY A 622 6.83 -10.72 3.02
CA GLY A 622 5.75 -9.90 3.55
C GLY A 622 5.80 -8.41 3.21
N LEU A 623 4.64 -7.78 3.04
CA LEU A 623 4.52 -6.36 2.84
C LEU A 623 3.71 -5.70 3.94
N LEU A 624 4.10 -4.48 4.31
CA LEU A 624 3.25 -3.61 5.11
C LEU A 624 2.84 -2.42 4.25
N LEU A 625 1.60 -2.34 3.84
CA LEU A 625 1.12 -1.20 3.10
C LEU A 625 0.33 -0.36 4.10
N ARG A 626 0.41 0.92 3.85
CA ARG A 626 -0.23 1.99 4.58
C ARG A 626 -1.20 2.65 3.58
N PHE A 627 -2.43 2.99 3.99
CA PHE A 627 -3.33 3.68 3.07
C PHE A 627 -4.32 4.56 3.82
N PRO A 628 -4.77 5.70 3.22
CA PRO A 628 -5.62 6.63 3.96
C PRO A 628 -7.09 6.26 3.96
N TYR A 629 -7.83 6.90 4.89
CA TYR A 629 -9.27 6.74 5.08
C TYR A 629 -10.11 7.17 3.86
N ALA A 630 -11.39 6.74 3.88
CA ALA A 630 -12.46 7.25 3.04
C ALA A 630 -13.78 7.20 3.84
N ALA A 631 -14.53 8.32 3.76
CA ALA A 631 -15.81 8.46 4.46
C ALA A 631 -16.89 7.67 3.70
N VAL B 44 -13.90 64.51 4.86
CA VAL B 44 -14.27 63.10 4.50
C VAL B 44 -13.13 62.12 4.80
N THR B 45 -11.86 62.57 4.74
CA THR B 45 -10.70 61.69 4.89
C THR B 45 -10.64 61.08 6.29
N LEU B 46 -10.03 59.87 6.38
CA LEU B 46 -9.95 59.01 7.56
C LEU B 46 -9.48 59.76 8.80
N GLN B 47 -10.25 59.65 9.90
CA GLN B 47 -9.86 60.24 11.17
C GLN B 47 -8.71 59.45 11.80
N ARG B 48 -7.74 60.18 12.38
CA ARG B 48 -6.71 59.60 13.25
C ARG B 48 -7.35 59.21 14.57
N ASN B 49 -7.26 57.92 14.95
CA ASN B 49 -7.73 57.49 16.28
C ASN B 49 -7.00 56.27 16.85
N ILE B 50 -5.94 55.79 16.21
CA ILE B 50 -5.13 54.72 16.77
C ILE B 50 -4.19 55.32 17.83
N THR B 51 -4.40 54.93 19.10
CA THR B 51 -3.56 55.36 20.21
C THR B 51 -2.26 54.56 20.23
N LEU B 52 -1.35 54.85 21.17
CA LEU B 52 -0.23 53.95 21.42
C LEU B 52 -0.74 52.54 21.74
N LEU B 53 -1.71 52.42 22.66
CA LEU B 53 -2.16 51.12 23.15
C LEU B 53 -2.80 50.32 22.01
N ASN B 54 -3.62 50.97 21.17
CA ASN B 54 -4.25 50.29 20.03
C ASN B 54 -3.22 49.96 18.94
N GLY B 55 -2.13 50.71 18.84
CA GLY B 55 -1.03 50.36 17.95
C GLY B 55 -0.25 49.16 18.45
N VAL B 56 0.05 49.11 19.75
CA VAL B 56 0.66 47.91 20.33
C VAL B 56 -0.28 46.71 20.15
N ALA B 57 -1.59 46.89 20.39
CA ALA B 57 -2.57 45.85 20.10
C ALA B 57 -2.57 45.43 18.63
N ILE B 58 -2.35 46.33 17.67
CA ILE B 58 -2.23 45.94 16.28
C ILE B 58 -1.00 45.06 16.13
N ILE B 59 0.17 45.44 16.68
CA ILE B 59 1.37 44.64 16.39
C ILE B 59 1.34 43.33 17.19
N VAL B 60 1.21 43.37 18.51
CA VAL B 60 1.22 42.13 19.29
C VAL B 60 -0.01 41.30 18.89
N GLY B 61 -1.17 41.90 18.68
CA GLY B 61 -2.34 41.19 18.15
C GLY B 61 -2.10 40.52 16.80
N THR B 62 -1.53 41.22 15.82
CA THR B 62 -1.39 40.69 14.47
C THR B 62 -0.18 39.75 14.33
N ILE B 63 0.88 39.91 15.14
CA ILE B 63 2.03 39.01 15.07
C ILE B 63 1.72 37.72 15.79
N ILE B 64 1.32 37.80 17.06
CA ILE B 64 1.28 36.63 17.93
C ILE B 64 0.44 35.54 17.27
N GLY B 65 -0.74 35.88 16.74
CA GLY B 65 -1.37 35.15 15.65
C GLY B 65 -1.47 33.62 15.81
N SER B 66 -1.12 32.88 14.74
CA SER B 66 -1.18 31.42 14.69
C SER B 66 0.18 30.76 14.86
N GLY B 67 1.27 31.45 14.45
CA GLY B 67 2.58 30.85 14.27
C GLY B 67 3.09 30.06 15.48
N ILE B 68 2.82 30.58 16.68
CA ILE B 68 3.28 29.96 17.92
C ILE B 68 2.45 28.75 18.34
N PHE B 69 1.36 28.47 17.62
CA PHE B 69 0.56 27.28 17.87
C PHE B 69 0.68 26.27 16.71
N VAL B 70 0.72 26.75 15.45
CA VAL B 70 0.67 25.90 14.27
C VAL B 70 2.07 25.52 13.75
N THR B 71 3.13 26.24 14.12
CA THR B 71 4.47 26.08 13.54
C THR B 71 5.57 25.67 14.53
N PRO B 72 5.43 25.52 15.88
CA PRO B 72 6.53 25.00 16.72
C PRO B 72 7.20 23.68 16.28
N THR B 73 6.42 22.77 15.69
CA THR B 73 6.92 21.58 15.02
C THR B 73 7.81 21.90 13.82
N GLY B 74 7.46 22.95 13.07
CA GLY B 74 8.05 23.23 11.77
C GLY B 74 9.53 23.59 11.87
N VAL B 75 9.92 24.36 12.91
CA VAL B 75 11.33 24.66 13.09
C VAL B 75 12.04 23.39 13.55
N LEU B 76 11.45 22.61 14.45
CA LEU B 76 12.13 21.47 15.07
C LEU B 76 12.39 20.34 14.05
N LYS B 77 11.50 20.15 13.07
CA LYS B 77 11.72 19.21 11.98
C LYS B 77 12.93 19.55 11.10
N GLU B 78 13.31 20.85 11.01
CA GLU B 78 14.48 21.28 10.24
C GLU B 78 15.73 21.46 11.15
N ALA B 79 15.52 21.92 12.40
CA ALA B 79 16.58 22.19 13.36
C ALA B 79 17.01 20.93 14.11
N GLY B 80 16.17 19.89 14.14
CA GLY B 80 16.60 18.58 14.62
C GLY B 80 16.55 18.44 16.14
N SER B 81 16.92 19.50 16.91
CA SER B 81 17.00 19.34 18.37
C SER B 81 16.56 20.59 19.12
N PRO B 82 16.08 20.46 20.39
CA PRO B 82 15.59 21.60 21.16
C PRO B 82 16.65 22.72 21.30
N GLY B 83 17.92 22.36 21.41
CA GLY B 83 19.01 23.32 21.54
C GLY B 83 19.15 24.30 20.37
N LEU B 84 18.89 23.84 19.12
CA LEU B 84 18.90 24.71 17.95
C LEU B 84 17.50 25.25 17.67
N ALA B 85 16.46 24.45 17.87
CA ALA B 85 15.09 24.89 17.65
C ALA B 85 14.76 26.12 18.51
N LEU B 86 15.03 26.01 19.82
CA LEU B 86 14.76 27.11 20.75
C LEU B 86 15.68 28.32 20.45
N VAL B 87 16.81 28.10 19.75
CA VAL B 87 17.70 29.16 19.31
C VAL B 87 17.14 29.86 18.05
N VAL B 88 16.63 29.17 17.01
CA VAL B 88 16.09 29.89 15.84
C VAL B 88 14.86 30.72 16.24
N TRP B 89 14.12 30.32 17.29
CA TRP B 89 13.04 31.15 17.84
C TRP B 89 13.55 32.48 18.38
N ALA B 90 14.72 32.49 19.01
CA ALA B 90 15.35 33.73 19.43
C ALA B 90 15.97 34.48 18.24
N ALA B 91 16.69 33.78 17.34
CA ALA B 91 17.37 34.37 16.19
C ALA B 91 16.41 35.12 15.25
N CYS B 92 15.26 34.51 14.92
CA CYS B 92 14.22 35.18 14.16
C CYS B 92 13.69 36.40 14.91
N GLY B 93 13.60 36.33 16.25
CA GLY B 93 13.28 37.46 17.10
C GLY B 93 14.24 38.62 16.86
N VAL B 94 15.54 38.34 16.91
CA VAL B 94 16.58 39.35 16.73
C VAL B 94 16.49 39.94 15.33
N PHE B 95 16.44 39.10 14.30
CA PHE B 95 16.35 39.59 12.94
C PHE B 95 15.12 40.48 12.76
N SER B 96 14.00 40.10 13.39
CA SER B 96 12.78 40.88 13.37
C SER B 96 12.99 42.20 14.09
N ILE B 97 13.58 42.19 15.30
CA ILE B 97 13.80 43.41 16.08
C ILE B 97 14.64 44.42 15.30
N VAL B 98 15.77 44.01 14.72
CA VAL B 98 16.59 44.96 13.98
C VAL B 98 15.89 45.42 12.68
N GLY B 99 15.17 44.53 12.00
CA GLY B 99 14.32 44.92 10.88
C GLY B 99 13.18 45.89 11.25
N ALA B 100 12.55 45.68 12.42
CA ALA B 100 11.42 46.50 12.87
C ALA B 100 11.88 47.89 13.30
N LEU B 101 12.96 47.97 14.08
CA LEU B 101 13.56 49.25 14.36
C LEU B 101 13.98 49.96 13.08
N CYS B 102 14.51 49.23 12.11
CA CYS B 102 14.84 49.80 10.83
C CYS B 102 13.58 50.40 10.18
N TYR B 103 12.44 49.73 10.32
CA TYR B 103 11.16 50.25 9.87
C TYR B 103 10.68 51.46 10.68
N ALA B 104 11.06 51.60 11.94
CA ALA B 104 10.74 52.81 12.71
C ALA B 104 11.50 54.05 12.18
N GLU B 105 12.79 53.88 11.79
CA GLU B 105 13.56 54.92 11.13
C GLU B 105 12.88 55.31 9.81
N LEU B 106 12.62 54.32 8.97
CA LEU B 106 12.09 54.54 7.62
C LEU B 106 10.68 55.15 7.69
N GLY B 107 9.89 54.69 8.65
CA GLY B 107 8.54 55.19 8.82
C GLY B 107 8.45 56.62 9.33
N THR B 108 9.23 56.97 10.36
CA THR B 108 9.22 58.34 10.86
C THR B 108 9.88 59.28 9.85
N THR B 109 10.77 58.76 8.98
CA THR B 109 11.34 59.53 7.87
C THR B 109 10.24 60.00 6.92
N ILE B 110 9.51 59.05 6.30
CA ILE B 110 8.67 59.34 5.15
C ILE B 110 7.23 59.65 5.60
N SER B 111 6.72 58.97 6.64
CA SER B 111 5.45 59.25 7.34
C SER B 111 4.18 59.14 6.47
N LYS B 112 4.26 58.67 5.22
CA LYS B 112 3.09 58.18 4.51
C LYS B 112 2.63 56.86 5.13
N SER B 113 1.31 56.58 5.03
CA SER B 113 0.75 55.26 5.23
C SER B 113 1.02 54.43 3.99
N GLY B 114 0.60 53.17 3.98
CA GLY B 114 0.96 52.24 2.93
C GLY B 114 2.37 51.67 3.04
N GLY B 115 3.10 51.94 4.13
CA GLY B 115 4.20 51.12 4.60
C GLY B 115 5.27 50.83 3.54
N ASP B 116 5.66 49.57 3.47
CA ASP B 116 6.65 49.04 2.56
C ASP B 116 6.44 49.58 1.13
N TYR B 117 5.21 49.46 0.61
CA TYR B 117 4.85 49.95 -0.72
C TYR B 117 5.11 51.46 -0.89
N ALA B 118 4.66 52.29 0.07
CA ALA B 118 4.90 53.73 0.03
C ALA B 118 6.39 54.05 0.04
N TYR B 119 7.13 53.41 0.96
CA TYR B 119 8.56 53.66 1.11
C TYR B 119 9.34 53.19 -0.10
N MET B 120 8.85 52.14 -0.78
CA MET B 120 9.42 51.69 -2.03
C MET B 120 9.15 52.72 -3.14
N LEU B 121 7.93 53.29 -3.22
CA LEU B 121 7.61 54.24 -4.28
C LEU B 121 8.50 55.50 -4.21
N GLU B 122 8.80 55.97 -2.99
CA GLU B 122 9.66 57.14 -2.77
C GLU B 122 11.13 56.90 -3.11
N VAL B 123 11.54 55.64 -3.41
CA VAL B 123 12.94 55.32 -3.70
C VAL B 123 13.11 54.68 -5.08
N TYR B 124 12.30 53.65 -5.38
CA TYR B 124 12.43 52.87 -6.61
C TYR B 124 11.47 53.34 -7.71
N GLY B 125 10.48 54.19 -7.40
CA GLY B 125 9.57 54.71 -8.40
C GLY B 125 8.48 53.73 -8.82
N SER B 126 7.80 54.05 -9.93
CA SER B 126 6.44 53.57 -10.22
C SER B 126 6.39 52.06 -10.43
N LEU B 127 7.17 51.53 -11.38
CA LEU B 127 7.01 50.12 -11.74
C LEU B 127 7.42 49.23 -10.56
N PRO B 128 8.61 49.39 -9.90
CA PRO B 128 8.95 48.57 -8.73
C PRO B 128 7.87 48.55 -7.63
N ALA B 129 7.34 49.73 -7.29
CA ALA B 129 6.29 49.84 -6.30
C ALA B 129 5.00 49.14 -6.77
N PHE B 130 4.65 49.23 -8.06
CA PHE B 130 3.46 48.53 -8.52
C PHE B 130 3.65 47.02 -8.42
N LEU B 131 4.81 46.48 -8.85
CA LEU B 131 5.00 45.04 -8.77
C LEU B 131 4.93 44.58 -7.32
N LYS B 132 5.53 45.34 -6.41
CA LYS B 132 5.43 45.09 -4.97
C LYS B 132 3.97 44.96 -4.56
N LEU B 133 3.13 45.91 -4.97
CA LEU B 133 1.74 45.91 -4.55
C LEU B 133 0.96 44.82 -5.27
N TRP B 134 1.24 44.55 -6.54
CA TRP B 134 0.58 43.46 -7.26
C TRP B 134 0.79 42.08 -6.60
N ILE B 135 2.00 41.78 -6.09
CA ILE B 135 2.26 40.59 -5.31
C ILE B 135 1.36 40.61 -4.05
N GLU B 136 1.21 41.74 -3.36
CA GLU B 136 0.39 41.77 -2.13
C GLU B 136 -1.10 41.76 -2.40
N LEU B 137 -1.52 42.24 -3.57
CA LEU B 137 -2.90 42.24 -3.99
C LEU B 137 -3.32 40.82 -4.35
N LEU B 138 -2.46 40.08 -5.06
CA LEU B 138 -2.80 38.75 -5.53
C LEU B 138 -2.54 37.67 -4.48
N ILE B 139 -1.44 37.74 -3.71
CA ILE B 139 -1.05 36.54 -2.96
C ILE B 139 -0.74 36.85 -1.49
N ILE B 140 0.08 37.86 -1.14
CA ILE B 140 0.55 37.91 0.24
C ILE B 140 -0.60 38.13 1.25
N ARG B 141 -1.39 39.20 1.09
CA ARG B 141 -2.32 39.54 2.15
C ARG B 141 -3.60 38.71 2.04
N PRO B 142 -4.08 38.31 0.85
CA PRO B 142 -5.10 37.28 0.78
C PRO B 142 -4.68 35.96 1.42
N SER B 143 -3.58 35.38 0.98
CA SER B 143 -3.22 34.05 1.43
C SER B 143 -2.96 34.04 2.94
N SER B 144 -2.22 35.00 3.49
CA SER B 144 -1.98 35.02 4.93
C SER B 144 -3.25 35.17 5.77
N GLN B 145 -4.21 35.95 5.28
CA GLN B 145 -5.51 36.04 5.95
C GLN B 145 -6.21 34.69 5.92
N TYR B 146 -6.19 34.00 4.78
CA TYR B 146 -6.92 32.74 4.70
C TYR B 146 -6.25 31.65 5.50
N ILE B 147 -4.92 31.71 5.55
CA ILE B 147 -4.15 30.84 6.41
C ILE B 147 -4.52 31.04 7.87
N VAL B 148 -4.50 32.26 8.43
CA VAL B 148 -4.89 32.31 9.85
C VAL B 148 -6.40 32.10 10.04
N ALA B 149 -7.22 32.24 9.01
CA ALA B 149 -8.64 31.97 9.17
C ALA B 149 -8.87 30.48 9.26
N LEU B 150 -8.13 29.67 8.46
CA LEU B 150 -8.34 28.23 8.50
C LEU B 150 -7.89 27.70 9.83
N VAL B 151 -6.84 28.30 10.38
CA VAL B 151 -6.38 27.88 11.70
C VAL B 151 -7.42 28.24 12.76
N PHE B 152 -8.06 29.39 12.62
CA PHE B 152 -9.11 29.73 13.56
C PHE B 152 -10.15 28.65 13.53
N ALA B 153 -10.63 28.30 12.33
CA ALA B 153 -11.74 27.37 12.22
C ALA B 153 -11.34 25.99 12.74
N THR B 154 -10.17 25.53 12.34
CA THR B 154 -9.66 24.25 12.77
C THR B 154 -9.60 24.17 14.29
N TYR B 155 -8.91 25.10 14.95
CA TYR B 155 -8.66 24.94 16.37
C TYR B 155 -9.93 25.21 17.19
N LEU B 156 -10.84 26.01 16.65
CA LEU B 156 -12.05 26.33 17.37
C LEU B 156 -12.95 25.11 17.36
N LEU B 157 -12.98 24.39 16.24
CA LEU B 157 -13.83 23.23 16.15
C LEU B 157 -13.22 21.98 16.77
N LYS B 158 -11.90 21.93 16.99
CA LYS B 158 -11.20 20.74 17.46
C LYS B 158 -11.80 20.07 18.70
N PRO B 159 -12.31 20.71 19.77
CA PRO B 159 -13.02 19.98 20.82
C PRO B 159 -14.38 19.33 20.45
N LEU B 160 -14.93 19.51 19.23
CA LEU B 160 -16.00 18.64 18.73
C LEU B 160 -15.51 17.35 18.02
N PHE B 161 -14.20 17.30 17.73
CA PHE B 161 -13.55 16.30 16.92
C PHE B 161 -12.15 16.00 17.47
N PRO B 162 -12.03 15.58 18.75
CA PRO B 162 -10.71 15.21 19.26
C PRO B 162 -10.39 13.83 18.67
N THR B 163 -9.14 13.64 18.21
CA THR B 163 -8.63 12.35 17.71
C THR B 163 -9.29 11.94 16.40
N CYS B 164 -9.81 12.91 15.62
CA CYS B 164 -10.04 12.70 14.20
C CYS B 164 -9.94 14.00 13.42
N PRO B 165 -9.78 13.97 12.08
CA PRO B 165 -9.86 15.18 11.29
C PRO B 165 -11.18 15.91 11.49
N VAL B 166 -11.04 17.23 11.66
CA VAL B 166 -12.14 18.17 11.74
C VAL B 166 -12.68 18.38 10.32
N PRO B 167 -14.04 18.32 10.11
CA PRO B 167 -14.59 18.15 8.74
C PRO B 167 -14.20 19.28 7.81
N GLU B 168 -13.49 18.96 6.70
CA GLU B 168 -12.79 19.94 5.88
C GLU B 168 -13.72 21.08 5.45
N GLU B 169 -14.95 20.73 5.01
CA GLU B 169 -15.90 21.70 4.50
C GLU B 169 -16.42 22.61 5.62
N ALA B 170 -16.62 22.11 6.84
CA ALA B 170 -16.96 22.99 7.97
C ALA B 170 -15.79 23.89 8.41
N ALA B 171 -14.58 23.39 8.33
CA ALA B 171 -13.43 24.23 8.57
C ALA B 171 -13.29 25.28 7.47
N LYS B 172 -13.68 25.05 6.21
CA LYS B 172 -13.65 26.11 5.21
C LYS B 172 -14.78 27.11 5.47
N LEU B 173 -15.98 26.65 5.76
CA LEU B 173 -17.05 27.60 6.07
C LEU B 173 -16.70 28.48 7.25
N VAL B 174 -16.25 27.87 8.35
CA VAL B 174 -15.99 28.69 9.51
C VAL B 174 -14.77 29.60 9.29
N ALA B 175 -13.91 29.29 8.34
CA ALA B 175 -12.83 30.21 7.98
C ALA B 175 -13.44 31.41 7.29
N CYS B 176 -14.43 31.19 6.42
CA CYS B 176 -15.07 32.26 5.68
C CYS B 176 -16.00 33.07 6.57
N LEU B 177 -16.78 32.44 7.46
CA LEU B 177 -17.57 33.19 8.46
C LEU B 177 -16.75 34.20 9.29
N CYS B 178 -15.53 33.83 9.65
CA CYS B 178 -14.59 34.68 10.36
C CYS B 178 -14.23 35.91 9.52
N VAL B 179 -13.73 35.68 8.30
CA VAL B 179 -13.34 36.78 7.43
C VAL B 179 -14.52 37.71 7.14
N LEU B 180 -15.71 37.17 6.88
CA LEU B 180 -16.84 38.01 6.59
C LEU B 180 -17.27 38.85 7.79
N LEU B 181 -17.42 38.26 8.96
CA LEU B 181 -17.80 39.05 10.12
C LEU B 181 -16.77 40.15 10.45
N LEU B 182 -15.47 39.85 10.38
CA LEU B 182 -14.50 40.88 10.69
C LEU B 182 -14.39 41.92 9.58
N THR B 183 -14.72 41.60 8.32
CA THR B 183 -14.86 42.64 7.32
C THR B 183 -16.02 43.58 7.67
N ALA B 184 -17.16 43.02 8.04
CA ALA B 184 -18.29 43.85 8.39
C ALA B 184 -18.02 44.72 9.64
N VAL B 185 -17.41 44.18 10.70
CA VAL B 185 -17.04 44.98 11.85
C VAL B 185 -16.07 46.08 11.44
N ASN B 186 -15.06 45.75 10.62
CA ASN B 186 -14.06 46.71 10.21
C ASN B 186 -14.69 47.81 9.33
N CYS B 187 -15.78 47.51 8.60
CA CYS B 187 -16.52 48.52 7.84
C CYS B 187 -17.43 49.42 8.68
N TYR B 188 -17.92 48.99 9.84
CA TYR B 188 -18.86 49.80 10.61
C TYR B 188 -18.13 50.85 11.44
N SER B 189 -16.93 50.58 11.97
CA SER B 189 -16.32 51.55 12.87
C SER B 189 -14.90 51.19 13.22
N VAL B 190 -13.97 52.13 13.01
CA VAL B 190 -12.60 51.89 13.46
C VAL B 190 -12.50 51.79 15.01
N LYS B 191 -13.40 52.50 15.73
CA LYS B 191 -13.47 52.37 17.19
C LYS B 191 -14.15 51.06 17.63
N ALA B 192 -14.78 50.31 16.70
CA ALA B 192 -15.11 48.92 16.95
C ALA B 192 -13.87 48.07 16.72
N ALA B 193 -13.29 48.13 15.51
CA ALA B 193 -12.24 47.21 15.13
C ALA B 193 -10.98 47.35 16.00
N THR B 194 -10.62 48.55 16.46
CA THR B 194 -9.51 48.68 17.40
C THR B 194 -9.85 48.13 18.79
N ARG B 195 -11.08 48.30 19.29
CA ARG B 195 -11.46 47.67 20.55
C ARG B 195 -11.46 46.14 20.40
N VAL B 196 -11.89 45.60 19.24
CA VAL B 196 -11.82 44.17 18.94
C VAL B 196 -10.37 43.70 18.94
N GLN B 197 -9.46 44.51 18.38
CA GLN B 197 -8.04 44.21 18.40
C GLN B 197 -7.49 44.18 19.82
N ASP B 198 -7.86 45.15 20.64
CA ASP B 198 -7.46 45.17 22.05
C ASP B 198 -7.97 43.90 22.72
N ALA B 199 -9.26 43.58 22.52
CA ALA B 199 -9.90 42.45 23.16
C ALA B 199 -9.14 41.16 22.90
N PHE B 200 -8.84 40.89 21.64
CA PHE B 200 -8.22 39.62 21.30
C PHE B 200 -6.69 39.66 21.44
N ALA B 201 -6.05 40.83 21.43
CA ALA B 201 -4.64 40.93 21.80
C ALA B 201 -4.45 40.57 23.29
N ALA B 202 -5.42 40.95 24.13
CA ALA B 202 -5.43 40.58 25.54
C ALA B 202 -5.62 39.08 25.69
N ALA B 203 -6.64 38.54 25.00
CA ALA B 203 -7.04 37.15 25.12
C ALA B 203 -5.86 36.24 24.83
N LYS B 204 -5.19 36.45 23.68
CA LYS B 204 -4.08 35.57 23.36
C LYS B 204 -2.89 35.65 24.32
N LEU B 205 -2.61 36.83 24.89
CA LEU B 205 -1.53 36.92 25.87
C LEU B 205 -1.90 36.19 27.18
N LEU B 206 -3.19 36.20 27.60
CA LEU B 206 -3.63 35.38 28.71
C LEU B 206 -3.40 33.88 28.43
N ALA B 207 -3.76 33.44 27.22
CA ALA B 207 -3.55 32.05 26.82
C ALA B 207 -2.06 31.68 26.82
N LEU B 208 -1.21 32.54 26.24
CA LEU B 208 0.23 32.30 26.23
C LEU B 208 0.81 32.35 27.64
N ALA B 209 0.25 33.21 28.51
CA ALA B 209 0.63 33.18 29.93
C ALA B 209 0.34 31.82 30.56
N LEU B 210 -0.86 31.22 30.31
CA LEU B 210 -1.19 29.89 30.83
C LEU B 210 -0.18 28.85 30.36
N ILE B 211 0.13 28.87 29.07
CA ILE B 211 1.07 27.92 28.49
C ILE B 211 2.46 28.08 29.12
N ILE B 212 2.98 29.31 29.23
CA ILE B 212 4.28 29.53 29.85
C ILE B 212 4.25 29.13 31.33
N LEU B 213 3.17 29.51 32.05
CA LEU B 213 3.00 29.20 33.47
C LEU B 213 3.04 27.69 33.73
N LEU B 214 2.30 26.91 32.92
CA LEU B 214 2.30 25.45 33.06
C LEU B 214 3.68 24.87 32.76
N GLY B 215 4.43 25.47 31.82
CA GLY B 215 5.86 25.18 31.63
C GLY B 215 6.71 25.40 32.90
N PHE B 216 6.55 26.59 33.52
CA PHE B 216 7.25 26.93 34.75
C PHE B 216 6.88 26.01 35.92
N VAL B 217 5.58 25.67 36.06
CA VAL B 217 5.08 24.73 37.07
C VAL B 217 5.77 23.37 36.90
N GLN B 218 5.83 22.87 35.66
CA GLN B 218 6.40 21.56 35.35
C GLN B 218 7.90 21.50 35.63
N ILE B 219 8.70 22.45 35.12
CA ILE B 219 10.15 22.43 35.36
C ILE B 219 10.47 22.66 36.85
N GLY B 220 9.59 23.35 37.59
CA GLY B 220 9.67 23.45 39.05
C GLY B 220 9.44 22.13 39.79
N LYS B 221 8.45 21.34 39.33
CA LYS B 221 8.15 20.01 39.87
C LYS B 221 9.21 18.96 39.50
N GLY B 222 9.81 19.08 38.30
CA GLY B 222 10.90 18.19 37.88
C GLY B 222 10.43 16.80 37.53
N PHE B 233 21.60 15.80 24.40
CA PHE B 233 20.46 16.77 24.39
C PHE B 233 20.27 17.44 23.01
N GLU B 234 21.31 17.51 22.15
CA GLU B 234 21.29 18.35 20.95
C GLU B 234 21.76 17.60 19.70
N GLY B 235 21.32 16.34 19.49
CA GLY B 235 21.58 15.62 18.24
C GLY B 235 20.97 16.32 17.02
N THR B 236 21.80 16.98 16.20
CA THR B 236 21.39 18.06 15.31
C THR B 236 21.80 17.81 13.85
N LYS B 237 20.83 17.89 12.92
CA LYS B 237 21.08 17.81 11.47
C LYS B 237 21.57 19.18 10.95
N LEU B 238 22.80 19.55 11.33
CA LEU B 238 23.37 20.86 11.04
C LEU B 238 23.77 20.92 9.56
N ASP B 239 23.07 21.77 8.79
CA ASP B 239 23.33 21.98 7.37
C ASP B 239 22.82 23.37 6.98
N VAL B 240 23.71 24.19 6.40
CA VAL B 240 23.34 25.52 5.90
C VAL B 240 22.23 25.42 4.85
N GLY B 241 22.18 24.32 4.07
CA GLY B 241 21.09 24.04 3.15
C GLY B 241 19.76 23.60 3.78
N ASN B 242 19.66 23.48 5.12
CA ASN B 242 18.48 22.97 5.81
C ASN B 242 18.05 23.91 6.96
N ILE B 243 18.99 24.45 7.77
CA ILE B 243 18.71 25.41 8.85
C ILE B 243 17.97 26.65 8.34
N VAL B 244 18.21 27.04 7.09
CA VAL B 244 17.49 28.12 6.42
C VAL B 244 15.98 27.88 6.40
N LEU B 245 15.52 26.63 6.21
CA LEU B 245 14.10 26.34 6.22
C LEU B 245 13.57 26.28 7.67
N ALA B 246 14.43 26.08 8.69
CA ALA B 246 14.07 26.35 10.09
C ALA B 246 13.75 27.84 10.26
N LEU B 247 14.68 28.71 9.80
CA LEU B 247 14.49 30.15 9.86
C LEU B 247 13.25 30.59 9.07
N TYR B 248 13.06 30.16 7.81
CA TYR B 248 11.86 30.47 7.03
C TYR B 248 10.56 30.00 7.70
N SER B 249 10.61 28.90 8.47
CA SER B 249 9.48 28.46 9.29
C SER B 249 9.28 29.39 10.50
N GLY B 250 10.36 29.75 11.19
CA GLY B 250 10.29 30.64 12.34
C GLY B 250 9.82 32.04 11.97
N LEU B 251 10.38 32.64 10.91
CA LEU B 251 10.07 34.02 10.55
C LEU B 251 8.58 34.17 10.22
N PHE B 252 7.93 33.15 9.65
CA PHE B 252 6.49 33.24 9.39
C PHE B 252 5.74 33.55 10.68
N ALA B 253 6.24 33.09 11.85
CA ALA B 253 5.55 33.34 13.11
C ALA B 253 5.80 34.75 13.63
N TYR B 254 6.88 35.40 13.18
CA TYR B 254 7.11 36.81 13.42
C TYR B 254 6.52 37.76 12.38
N GLY B 255 5.92 37.25 11.29
CA GLY B 255 5.48 38.10 10.19
C GLY B 255 4.42 39.07 10.69
N GLY B 256 4.64 40.37 10.47
CA GLY B 256 3.71 41.38 10.95
C GLY B 256 4.35 42.59 11.64
N TRP B 257 5.67 42.59 11.89
CA TRP B 257 6.28 43.75 12.52
C TRP B 257 6.11 45.00 11.64
N ASN B 258 6.02 44.80 10.30
CA ASN B 258 5.87 45.88 9.35
C ASN B 258 4.42 46.34 9.23
N TYR B 259 3.48 45.74 9.96
CA TYR B 259 2.07 46.02 9.70
C TYR B 259 1.66 47.39 10.25
N LEU B 260 2.26 47.87 11.36
CA LEU B 260 1.88 49.19 11.87
C LEU B 260 2.29 50.33 10.92
N ASN B 261 3.33 50.10 10.12
CA ASN B 261 3.69 51.02 9.04
C ASN B 261 2.61 51.24 7.97
N PHE B 262 1.57 50.40 7.88
CA PHE B 262 0.45 50.68 6.99
C PHE B 262 -0.57 51.66 7.56
N VAL B 263 -0.50 52.03 8.86
CA VAL B 263 -1.51 52.91 9.46
C VAL B 263 -0.94 54.18 10.10
N THR B 264 0.21 54.67 9.61
CA THR B 264 0.87 55.85 10.15
C THR B 264 0.03 57.11 10.00
N GLU B 265 -0.79 57.17 8.92
CA GLU B 265 -1.70 58.29 8.68
C GLU B 265 -3.02 58.12 9.45
N GLU B 266 -3.07 57.17 10.40
CA GLU B 266 -4.27 56.92 11.19
C GLU B 266 -3.97 56.88 12.70
N MET B 267 -2.69 56.87 13.13
CA MET B 267 -2.31 57.07 14.52
C MET B 267 -2.40 58.54 14.96
N ILE B 268 -2.69 58.77 16.25
CA ILE B 268 -2.95 60.12 16.75
C ILE B 268 -1.67 60.98 16.86
N ASN B 269 -0.49 60.35 16.98
CA ASN B 269 0.77 61.08 17.15
C ASN B 269 1.92 60.25 16.58
N PRO B 270 2.10 60.20 15.23
CA PRO B 270 2.96 59.19 14.63
C PRO B 270 4.42 59.26 15.07
N TYR B 271 4.97 60.46 15.25
CA TYR B 271 6.41 60.60 15.48
C TYR B 271 6.82 60.03 16.83
N ARG B 272 5.89 59.97 17.80
CA ARG B 272 6.08 59.25 19.05
C ARG B 272 5.62 57.80 18.91
N ASN B 273 4.36 57.58 18.48
CA ASN B 273 3.69 56.31 18.72
C ASN B 273 4.11 55.24 17.72
N LEU B 274 4.54 55.54 16.50
CA LEU B 274 5.02 54.51 15.57
C LEU B 274 6.31 53.87 16.10
N PRO B 275 7.42 54.61 16.34
CA PRO B 275 8.63 53.95 16.82
C PRO B 275 8.47 53.40 18.24
N LEU B 276 7.63 54.03 19.09
CA LEU B 276 7.36 53.47 20.41
C LEU B 276 6.58 52.14 20.32
N ALA B 277 5.53 52.06 19.50
CA ALA B 277 4.74 50.84 19.40
C ALA B 277 5.58 49.68 18.88
N ILE B 278 6.47 49.93 17.91
CA ILE B 278 7.41 48.92 17.43
C ILE B 278 8.26 48.38 18.57
N ILE B 279 8.98 49.25 19.30
CA ILE B 279 9.99 48.78 20.22
C ILE B 279 9.37 48.31 21.54
N ILE B 280 8.14 48.71 21.88
CA ILE B 280 7.40 48.07 22.97
C ILE B 280 7.02 46.65 22.54
N SER B 281 6.54 46.51 21.31
CA SER B 281 5.95 45.27 20.84
C SER B 281 6.97 44.14 20.61
N LEU B 282 8.01 44.33 19.81
CA LEU B 282 8.77 43.15 19.36
C LEU B 282 9.61 42.44 20.43
N PRO B 283 10.22 43.13 21.40
CA PRO B 283 10.72 42.47 22.60
C PRO B 283 9.66 41.65 23.38
N ILE B 284 8.43 42.17 23.56
CA ILE B 284 7.36 41.37 24.14
C ILE B 284 7.12 40.07 23.36
N VAL B 285 6.98 40.17 22.03
CA VAL B 285 6.74 39.02 21.17
C VAL B 285 7.88 38.02 21.31
N THR B 286 9.13 38.46 21.18
CA THR B 286 10.27 37.55 21.23
C THR B 286 10.31 36.80 22.58
N LEU B 287 10.10 37.53 23.69
CA LEU B 287 10.06 36.94 25.01
C LEU B 287 8.97 35.86 25.09
N VAL B 288 7.74 36.21 24.69
CA VAL B 288 6.61 35.29 24.77
C VAL B 288 6.87 34.01 23.96
N TYR B 289 7.51 34.17 22.80
CA TYR B 289 7.79 33.05 21.91
C TYR B 289 8.84 32.09 22.47
N VAL B 290 9.96 32.59 23.01
CA VAL B 290 10.97 31.68 23.52
C VAL B 290 10.48 31.01 24.80
N LEU B 291 9.80 31.74 25.69
CA LEU B 291 9.18 31.09 26.85
C LEU B 291 8.09 30.05 26.51
N THR B 292 7.29 30.30 25.46
CA THR B 292 6.27 29.33 25.05
C THR B 292 6.91 28.06 24.49
N ASN B 293 7.94 28.20 23.64
CA ASN B 293 8.68 27.04 23.19
C ASN B 293 9.34 26.28 24.35
N LEU B 294 9.95 27.00 25.30
CA LEU B 294 10.45 26.37 26.52
C LEU B 294 9.37 25.49 27.17
N ALA B 295 8.14 26.03 27.31
CA ALA B 295 7.04 25.27 27.87
C ALA B 295 6.79 23.98 27.07
N TYR B 296 6.60 24.05 25.74
CA TYR B 296 6.37 22.87 24.91
C TYR B 296 7.47 21.81 25.10
N PHE B 297 8.74 22.21 25.05
CA PHE B 297 9.83 21.28 25.25
C PHE B 297 9.97 20.73 26.69
N THR B 298 9.39 21.36 27.73
CA THR B 298 9.31 20.72 29.04
C THR B 298 8.29 19.58 29.05
N THR B 299 7.19 19.70 28.27
CA THR B 299 6.09 18.74 28.31
C THR B 299 6.26 17.56 27.36
N LEU B 300 6.80 17.81 26.16
CA LEU B 300 6.77 16.82 25.08
C LEU B 300 8.19 16.37 24.69
N SER B 301 8.32 15.11 24.27
CA SER B 301 9.49 14.59 23.60
C SER B 301 9.59 15.14 22.17
N THR B 302 10.79 15.08 21.59
CA THR B 302 11.00 15.50 20.20
C THR B 302 10.12 14.68 19.24
N GLU B 303 10.03 13.36 19.44
CA GLU B 303 9.27 12.47 18.55
C GLU B 303 7.76 12.78 18.61
N GLN B 304 7.21 13.16 19.78
CA GLN B 304 5.84 13.64 19.86
C GLN B 304 5.64 14.92 19.06
N MET B 305 6.48 15.93 19.30
CA MET B 305 6.34 17.22 18.63
C MET B 305 6.55 17.10 17.11
N LEU B 306 7.39 16.15 16.65
CA LEU B 306 7.66 15.96 15.23
C LEU B 306 6.49 15.26 14.52
N SER B 307 5.66 14.51 15.27
CA SER B 307 4.63 13.64 14.69
C SER B 307 3.20 14.08 14.99
N SER B 308 2.99 14.97 15.98
CA SER B 308 1.67 15.48 16.34
C SER B 308 1.22 16.60 15.38
N GLU B 309 -0.11 16.69 15.19
CA GLU B 309 -0.71 17.60 14.22
C GLU B 309 -0.89 19.00 14.81
N ALA B 310 -0.92 19.12 16.16
CA ALA B 310 -1.37 20.35 16.80
C ALA B 310 -0.79 20.49 18.21
N VAL B 311 0.37 21.13 18.30
CA VAL B 311 1.25 21.02 19.45
C VAL B 311 0.55 21.48 20.73
N ALA B 312 -0.18 22.59 20.63
CA ALA B 312 -0.86 23.18 21.78
C ALA B 312 -1.98 22.28 22.29
N VAL B 313 -2.57 21.46 21.43
CA VAL B 313 -3.61 20.52 21.84
C VAL B 313 -3.01 19.41 22.71
N ASP B 314 -1.85 18.86 22.30
CA ASP B 314 -1.14 17.83 23.05
C ASP B 314 -0.68 18.36 24.41
N PHE B 315 -0.14 19.59 24.42
CA PHE B 315 0.17 20.31 25.64
C PHE B 315 -1.06 20.47 26.56
N GLY B 316 -2.19 20.91 26.02
CA GLY B 316 -3.45 21.01 26.76
C GLY B 316 -3.90 19.69 27.36
N ASN B 317 -3.94 18.64 26.53
CA ASN B 317 -4.34 17.29 26.93
C ASN B 317 -3.53 16.80 28.13
N TYR B 318 -2.21 17.03 28.09
CA TYR B 318 -1.31 16.55 29.14
C TYR B 318 -1.55 17.28 30.47
N HIS B 319 -1.72 18.61 30.44
CA HIS B 319 -1.77 19.41 31.67
C HIS B 319 -3.17 19.53 32.29
N LEU B 320 -4.25 19.46 31.51
CA LEU B 320 -5.56 19.94 31.97
C LEU B 320 -6.66 18.87 31.97
N GLY B 321 -6.45 17.73 31.27
CA GLY B 321 -7.38 16.62 31.32
C GLY B 321 -8.83 17.01 30.98
N VAL B 322 -9.74 16.91 31.96
CA VAL B 322 -11.17 17.16 31.78
C VAL B 322 -11.44 18.60 31.34
N MET B 323 -10.52 19.53 31.68
CA MET B 323 -10.66 20.95 31.37
C MET B 323 -9.88 21.36 30.10
N SER B 324 -9.36 20.41 29.29
CA SER B 324 -8.39 20.72 28.23
C SER B 324 -8.95 21.55 27.08
N TRP B 325 -10.27 21.67 26.93
CA TRP B 325 -10.85 22.36 25.77
C TRP B 325 -10.49 23.85 25.70
N ILE B 326 -10.06 24.45 26.83
CA ILE B 326 -9.73 25.86 26.84
C ILE B 326 -8.55 26.21 25.91
N ILE B 327 -7.54 25.33 25.78
CA ILE B 327 -6.37 25.66 24.97
C ILE B 327 -6.72 25.71 23.48
N PRO B 328 -7.36 24.70 22.86
CA PRO B 328 -7.88 24.84 21.50
C PRO B 328 -8.67 26.13 21.28
N VAL B 329 -9.61 26.48 22.18
CA VAL B 329 -10.43 27.67 21.95
C VAL B 329 -9.55 28.94 21.96
N PHE B 330 -8.62 29.07 22.89
CA PHE B 330 -7.72 30.23 22.85
C PHE B 330 -6.78 30.28 21.62
N VAL B 331 -6.31 29.15 21.08
CA VAL B 331 -5.58 29.19 19.79
C VAL B 331 -6.50 29.73 18.70
N GLY B 332 -7.80 29.36 18.75
CA GLY B 332 -8.80 29.93 17.87
C GLY B 332 -8.87 31.45 18.01
N LEU B 333 -9.15 31.91 19.23
CA LEU B 333 -9.27 33.33 19.50
C LEU B 333 -7.98 34.10 19.18
N SER B 334 -6.83 33.45 19.28
CA SER B 334 -5.57 34.07 18.87
C SER B 334 -5.49 34.30 17.37
N CYS B 335 -6.03 33.38 16.58
CA CYS B 335 -6.04 33.54 15.13
C CYS B 335 -7.03 34.62 14.73
N PHE B 336 -8.18 34.66 15.41
CA PHE B 336 -9.26 35.58 15.07
C PHE B 336 -8.80 37.02 15.13
N GLY B 337 -8.14 37.39 16.26
CA GLY B 337 -7.41 38.65 16.44
C GLY B 337 -6.49 39.11 15.29
N SER B 338 -5.79 38.15 14.68
CA SER B 338 -4.90 38.41 13.58
C SER B 338 -5.66 38.59 12.26
N VAL B 339 -6.81 37.91 12.07
CA VAL B 339 -7.57 38.10 10.86
C VAL B 339 -8.01 39.55 10.83
N ASN B 340 -8.40 40.06 12.01
CA ASN B 340 -8.87 41.43 12.14
C ASN B 340 -7.72 42.38 11.82
N GLY B 341 -6.58 42.21 12.51
CA GLY B 341 -5.39 43.03 12.34
C GLY B 341 -4.89 43.06 10.89
N SER B 342 -5.01 41.93 10.18
CA SER B 342 -4.62 41.94 8.81
C SER B 342 -5.69 42.61 7.95
N LEU B 343 -7.00 42.38 8.17
CA LEU B 343 -8.00 43.08 7.35
C LEU B 343 -7.86 44.59 7.51
N PHE B 344 -7.63 45.02 8.75
CA PHE B 344 -7.36 46.42 9.07
C PHE B 344 -6.22 46.92 8.22
N THR B 345 -5.02 46.38 8.39
CA THR B 345 -3.85 46.95 7.74
C THR B 345 -3.81 46.67 6.24
N SER B 346 -4.44 45.60 5.76
CA SER B 346 -4.46 45.28 4.34
C SER B 346 -5.34 46.26 3.57
N SER B 347 -6.53 46.56 4.10
CA SER B 347 -7.41 47.52 3.45
C SER B 347 -6.75 48.90 3.30
N ARG B 348 -5.98 49.32 4.30
CA ARG B 348 -5.31 50.60 4.21
C ARG B 348 -4.21 50.60 3.16
N LEU B 349 -3.49 49.48 2.95
CA LEU B 349 -2.50 49.39 1.88
C LEU B 349 -3.18 49.70 0.53
N PHE B 350 -4.28 48.98 0.20
CA PHE B 350 -4.90 49.12 -1.11
C PHE B 350 -5.48 50.54 -1.27
N PHE B 351 -6.01 51.10 -0.19
CA PHE B 351 -6.47 52.49 -0.18
C PHE B 351 -5.40 53.50 -0.59
N VAL B 352 -4.20 53.33 -0.03
CA VAL B 352 -3.05 54.11 -0.45
C VAL B 352 -2.63 53.81 -1.90
N GLY B 353 -2.57 52.54 -2.31
CA GLY B 353 -2.22 52.19 -3.68
C GLY B 353 -3.18 52.75 -4.73
N SER B 354 -4.45 52.97 -4.34
CA SER B 354 -5.40 53.63 -5.22
C SER B 354 -5.24 55.15 -5.21
N ARG B 355 -5.02 55.75 -4.02
CA ARG B 355 -4.75 57.18 -3.87
C ARG B 355 -3.57 57.60 -4.76
N GLU B 356 -2.47 56.83 -4.72
CA GLU B 356 -1.25 57.15 -5.46
C GLU B 356 -1.19 56.40 -6.81
N GLY B 357 -2.36 56.11 -7.38
CA GLY B 357 -2.55 56.05 -8.83
C GLY B 357 -2.27 54.69 -9.45
N HIS B 358 -1.94 53.67 -8.64
CA HIS B 358 -1.58 52.34 -9.12
C HIS B 358 -2.79 51.40 -9.24
N LEU B 359 -3.90 51.75 -8.57
CA LEU B 359 -4.99 50.82 -8.39
C LEU B 359 -6.33 51.54 -8.64
N PRO B 360 -7.29 50.93 -9.39
CA PRO B 360 -8.53 51.59 -9.85
C PRO B 360 -9.32 52.37 -8.78
N SER B 361 -9.92 53.48 -9.21
CA SER B 361 -10.11 54.66 -8.36
C SER B 361 -11.07 54.39 -7.20
N ILE B 362 -12.03 53.49 -7.40
CA ILE B 362 -13.05 53.19 -6.42
C ILE B 362 -12.43 52.79 -5.08
N LEU B 363 -11.27 52.12 -5.08
CA LEU B 363 -10.66 51.63 -3.84
C LEU B 363 -10.11 52.77 -2.96
N SER B 364 -9.90 53.97 -3.53
CA SER B 364 -9.48 55.12 -2.75
C SER B 364 -10.63 55.77 -1.97
N MET B 365 -11.88 55.36 -2.23
CA MET B 365 -13.03 56.09 -1.74
C MET B 365 -13.37 55.67 -0.31
N ILE B 366 -14.21 56.49 0.35
CA ILE B 366 -14.56 56.34 1.74
C ILE B 366 -16.07 56.52 1.93
N HIS B 367 -16.70 55.81 2.87
CA HIS B 367 -18.10 56.01 3.18
C HIS B 367 -18.24 57.17 4.16
N PRO B 368 -18.81 58.33 3.75
CA PRO B 368 -18.65 59.58 4.49
C PRO B 368 -19.31 59.68 5.88
N GLN B 369 -20.34 58.89 6.17
CA GLN B 369 -20.98 58.92 7.48
C GLN B 369 -20.15 58.17 8.54
N LEU B 370 -19.30 57.21 8.12
CA LEU B 370 -18.56 56.33 9.04
C LEU B 370 -17.03 56.49 8.95
N LEU B 371 -16.54 57.04 7.82
CA LEU B 371 -15.13 57.30 7.52
C LEU B 371 -14.32 55.99 7.42
N THR B 372 -14.94 54.91 6.91
CA THR B 372 -14.30 53.60 6.72
C THR B 372 -14.12 53.29 5.25
N PRO B 373 -12.98 52.69 4.82
CA PRO B 373 -12.65 52.58 3.40
C PRO B 373 -13.35 51.45 2.67
N VAL B 374 -14.69 51.45 2.72
CA VAL B 374 -15.57 50.32 2.41
C VAL B 374 -15.25 49.59 1.12
N PRO B 375 -14.99 50.20 -0.05
CA PRO B 375 -14.67 49.42 -1.26
C PRO B 375 -13.35 48.65 -1.14
N SER B 376 -12.34 49.22 -0.46
CA SER B 376 -11.10 48.49 -0.20
C SER B 376 -11.31 47.28 0.75
N LEU B 377 -12.06 47.45 1.84
CA LEU B 377 -12.37 46.34 2.72
C LEU B 377 -13.13 45.24 2.00
N VAL B 378 -14.14 45.62 1.23
CA VAL B 378 -14.90 44.62 0.49
C VAL B 378 -14.03 43.90 -0.53
N PHE B 379 -13.03 44.57 -1.10
CA PHE B 379 -12.16 43.91 -2.04
C PHE B 379 -11.24 42.95 -1.31
N THR B 380 -10.54 43.39 -0.25
CA THR B 380 -9.55 42.52 0.40
C THR B 380 -10.23 41.32 1.01
N CYS B 381 -11.46 41.52 1.54
CA CYS B 381 -12.29 40.41 1.94
C CYS B 381 -12.53 39.41 0.79
N VAL B 382 -13.16 39.83 -0.29
CA VAL B 382 -13.48 38.90 -1.37
C VAL B 382 -12.21 38.25 -1.89
N MET B 383 -11.11 38.99 -1.99
CA MET B 383 -9.87 38.46 -2.49
C MET B 383 -9.34 37.36 -1.56
N THR B 384 -9.64 37.45 -0.25
CA THR B 384 -9.26 36.43 0.73
C THR B 384 -10.06 35.15 0.53
N LEU B 385 -11.37 35.30 0.32
CA LEU B 385 -12.21 34.13 0.25
C LEU B 385 -11.93 33.29 -1.00
N LEU B 386 -11.35 33.88 -2.06
CA LEU B 386 -10.94 33.10 -3.23
C LEU B 386 -9.92 32.00 -2.87
N TYR B 387 -9.16 32.16 -1.78
CA TYR B 387 -8.22 31.14 -1.35
C TYR B 387 -8.92 29.90 -0.78
N ALA B 388 -10.23 29.96 -0.48
CA ALA B 388 -10.96 28.74 -0.17
C ALA B 388 -10.88 27.65 -1.26
N PHE B 389 -10.66 28.04 -2.53
CA PHE B 389 -10.58 27.08 -3.63
C PHE B 389 -9.16 26.54 -3.77
N SER B 390 -8.39 26.51 -2.67
CA SER B 390 -7.05 25.93 -2.65
C SER B 390 -7.07 24.70 -1.74
N LYS B 391 -6.43 23.61 -2.17
CA LYS B 391 -6.37 22.38 -1.39
C LYS B 391 -5.26 22.48 -0.34
N ASP B 392 -3.98 22.43 -0.76
CA ASP B 392 -2.84 22.44 0.16
C ASP B 392 -2.35 23.87 0.33
N ILE B 393 -3.18 24.69 0.99
CA ILE B 393 -2.94 26.13 1.11
C ILE B 393 -1.68 26.42 1.94
N PHE B 394 -1.35 25.56 2.92
CA PHE B 394 -0.19 25.79 3.78
C PHE B 394 1.15 25.70 3.02
N SER B 395 1.15 25.09 1.82
CA SER B 395 2.23 25.20 0.85
C SER B 395 2.65 26.64 0.58
N VAL B 396 1.69 27.58 0.53
CA VAL B 396 1.95 28.95 0.10
C VAL B 396 2.84 29.69 1.11
N ILE B 397 3.04 29.16 2.33
CA ILE B 397 3.94 29.74 3.31
C ILE B 397 5.38 29.80 2.77
N ASN B 398 5.83 28.89 1.88
CA ASN B 398 7.15 29.06 1.27
C ASN B 398 7.18 30.32 0.37
N PHE B 399 6.21 30.49 -0.55
CA PHE B 399 6.10 31.68 -1.42
C PHE B 399 5.97 32.96 -0.59
N PHE B 400 5.11 32.95 0.45
CA PHE B 400 4.96 34.04 1.42
C PHE B 400 6.32 34.44 2.00
N SER B 401 7.10 33.45 2.49
CA SER B 401 8.37 33.71 3.14
C SER B 401 9.40 34.28 2.16
N PHE B 402 9.43 33.77 0.92
CA PHE B 402 10.35 34.27 -0.10
C PHE B 402 9.99 35.71 -0.46
N PHE B 403 8.73 35.95 -0.87
CA PHE B 403 8.26 37.23 -1.40
C PHE B 403 8.33 38.35 -0.35
N ASN B 404 7.97 38.04 0.90
CA ASN B 404 7.93 39.04 1.95
C ASN B 404 9.36 39.56 2.22
N TRP B 405 10.36 38.71 2.56
CA TRP B 405 11.64 39.26 3.02
C TRP B 405 12.44 39.87 1.87
N LEU B 406 12.18 39.49 0.60
CA LEU B 406 12.72 40.20 -0.54
C LEU B 406 12.20 41.65 -0.59
N CYS B 407 10.90 41.85 -0.34
CA CYS B 407 10.35 43.20 -0.31
C CYS B 407 10.94 43.99 0.87
N VAL B 408 11.05 43.38 2.06
CA VAL B 408 11.69 44.07 3.18
C VAL B 408 13.17 44.36 2.87
N ALA B 409 13.89 43.44 2.22
CA ALA B 409 15.25 43.69 1.80
C ALA B 409 15.34 44.96 0.94
N LEU B 410 14.50 45.03 -0.12
CA LEU B 410 14.48 46.17 -1.02
C LEU B 410 14.17 47.46 -0.26
N ALA B 411 13.24 47.41 0.70
CA ALA B 411 12.90 48.58 1.50
C ALA B 411 14.10 49.08 2.31
N ILE B 412 14.87 48.17 2.93
CA ILE B 412 15.98 48.61 3.77
C ILE B 412 17.21 48.96 2.93
N ILE B 413 17.44 48.31 1.78
CA ILE B 413 18.40 48.85 0.82
C ILE B 413 18.03 50.32 0.54
N GLY B 414 16.74 50.58 0.27
CA GLY B 414 16.20 51.92 0.10
C GLY B 414 16.46 52.86 1.28
N MET B 415 16.36 52.38 2.53
CA MET B 415 16.59 53.17 3.74
C MET B 415 18.00 53.79 3.74
N ILE B 416 19.03 52.99 3.42
CA ILE B 416 20.40 53.49 3.33
C ILE B 416 20.52 54.45 2.15
N TRP B 417 20.05 54.00 0.97
CA TRP B 417 20.16 54.74 -0.28
C TRP B 417 19.56 56.15 -0.15
N LEU B 418 18.36 56.26 0.44
CA LEU B 418 17.67 57.55 0.56
C LEU B 418 18.36 58.45 1.59
N ARG B 419 18.90 57.89 2.70
CA ARG B 419 19.62 58.70 3.69
C ARG B 419 20.93 59.27 3.13
N HIS B 420 21.59 58.59 2.17
CA HIS B 420 22.75 59.12 1.45
C HIS B 420 22.34 60.07 0.32
N ARG B 421 21.28 59.73 -0.44
CA ARG B 421 20.91 60.43 -1.66
C ARG B 421 20.15 61.74 -1.39
N LYS B 422 19.39 61.84 -0.28
CA LYS B 422 18.58 63.00 0.08
C LYS B 422 18.71 63.27 1.59
N PRO B 423 19.89 63.69 2.08
CA PRO B 423 20.15 63.82 3.52
C PRO B 423 19.43 64.96 4.25
N GLU B 424 18.79 65.88 3.50
CA GLU B 424 18.07 67.01 4.07
C GLU B 424 16.72 66.62 4.71
N LEU B 425 16.17 65.44 4.37
CA LEU B 425 14.90 64.97 4.92
C LEU B 425 15.03 64.67 6.41
N GLU B 426 14.00 65.08 7.17
CA GLU B 426 14.00 65.00 8.62
C GLU B 426 14.06 63.55 9.13
N ARG B 427 14.68 63.36 10.31
CA ARG B 427 14.86 62.07 10.96
C ARG B 427 14.43 62.21 12.42
N PRO B 428 13.12 62.28 12.74
CA PRO B 428 12.64 62.42 14.12
C PRO B 428 13.13 61.35 15.11
N ILE B 429 13.41 60.13 14.61
CA ILE B 429 14.34 59.20 15.25
C ILE B 429 15.31 58.67 14.19
N LYS B 430 16.59 58.59 14.58
CA LYS B 430 17.67 57.97 13.83
C LYS B 430 18.48 57.14 14.82
N VAL B 431 18.84 55.92 14.42
CA VAL B 431 19.36 54.92 15.35
C VAL B 431 20.82 54.60 14.98
N ASN B 432 21.06 54.10 13.76
CA ASN B 432 22.39 53.62 13.38
C ASN B 432 22.45 53.39 11.87
N LEU B 433 23.68 53.26 11.32
CA LEU B 433 23.90 52.81 9.95
C LEU B 433 24.28 51.32 9.91
N ALA B 434 24.56 50.67 11.06
CA ALA B 434 24.95 49.26 11.13
C ALA B 434 23.74 48.33 11.00
N LEU B 435 22.64 48.63 11.71
CA LEU B 435 21.46 47.76 11.74
C LEU B 435 20.90 47.55 10.32
N PRO B 436 20.69 48.58 9.47
CA PRO B 436 20.38 48.36 8.05
C PRO B 436 21.34 47.43 7.32
N VAL B 437 22.66 47.62 7.44
CA VAL B 437 23.64 46.82 6.70
C VAL B 437 23.58 45.35 7.14
N PHE B 438 23.54 45.11 8.45
CA PHE B 438 23.40 43.75 9.00
C PHE B 438 22.11 43.09 8.51
N PHE B 439 20.99 43.82 8.53
CA PHE B 439 19.72 43.27 8.08
C PHE B 439 19.78 42.96 6.58
N ILE B 440 20.37 43.85 5.75
CA ILE B 440 20.45 43.63 4.30
C ILE B 440 21.28 42.38 3.98
N LEU B 441 22.49 42.25 4.56
CA LEU B 441 23.31 41.08 4.25
C LEU B 441 22.65 39.81 4.78
N ALA B 442 21.98 39.88 5.95
CA ALA B 442 21.22 38.76 6.50
C ALA B 442 20.07 38.34 5.56
N CYS B 443 19.19 39.26 5.18
CA CYS B 443 18.02 38.88 4.39
C CYS B 443 18.45 38.43 3.00
N LEU B 444 19.46 39.07 2.39
CA LEU B 444 19.96 38.64 1.08
C LEU B 444 20.62 37.27 1.17
N PHE B 445 21.28 36.93 2.30
CA PHE B 445 21.74 35.56 2.55
C PHE B 445 20.54 34.60 2.54
N LEU B 446 19.53 34.86 3.39
CA LEU B 446 18.33 34.04 3.48
C LEU B 446 17.66 33.82 2.11
N ILE B 447 17.58 34.88 1.28
CA ILE B 447 16.98 34.79 -0.05
C ILE B 447 17.85 33.96 -0.98
N ALA B 448 19.15 34.30 -1.10
CA ALA B 448 20.06 33.68 -2.05
C ALA B 448 20.22 32.19 -1.77
N VAL B 449 20.36 31.82 -0.48
CA VAL B 449 20.59 30.44 -0.07
C VAL B 449 19.32 29.58 -0.26
N SER B 450 18.14 30.10 0.12
CA SER B 450 16.90 29.36 -0.06
C SER B 450 16.56 29.20 -1.56
N PHE B 451 16.83 30.24 -2.37
CA PHE B 451 16.72 30.15 -3.83
C PHE B 451 17.61 29.04 -4.39
N TRP B 452 18.90 29.05 -4.02
CA TRP B 452 19.88 28.03 -4.44
C TRP B 452 19.41 26.60 -4.14
N LYS B 453 18.78 26.39 -2.98
CA LYS B 453 18.24 25.08 -2.59
C LYS B 453 16.91 24.73 -3.28
N THR B 454 16.16 25.71 -3.84
CA THR B 454 14.83 25.46 -4.42
C THR B 454 14.60 26.18 -5.77
N PRO B 455 15.49 26.05 -6.81
CA PRO B 455 15.31 26.76 -8.08
C PRO B 455 13.99 26.46 -8.84
N VAL B 456 13.45 25.24 -8.71
CA VAL B 456 12.26 24.81 -9.43
C VAL B 456 11.04 25.60 -8.91
N GLU B 457 10.92 25.74 -7.58
CA GLU B 457 9.84 26.48 -6.93
C GLU B 457 10.02 27.99 -7.11
N CYS B 458 11.25 28.49 -6.91
CA CYS B 458 11.52 29.93 -7.00
C CYS B 458 11.33 30.46 -8.43
N GLY B 459 11.66 29.65 -9.44
CA GLY B 459 11.47 29.98 -10.85
C GLY B 459 10.02 30.30 -11.21
N ILE B 460 9.08 29.40 -10.85
CA ILE B 460 7.65 29.66 -11.06
C ILE B 460 7.21 30.85 -10.20
N GLY B 461 7.81 31.04 -9.00
CA GLY B 461 7.61 32.23 -8.17
C GLY B 461 7.83 33.55 -8.92
N PHE B 462 8.93 33.66 -9.69
CA PHE B 462 9.20 34.86 -10.48
C PHE B 462 8.11 35.13 -11.53
N THR B 463 7.35 34.12 -12.01
CA THR B 463 6.26 34.36 -12.96
C THR B 463 5.08 35.10 -12.30
N ILE B 464 4.87 34.90 -10.98
CA ILE B 464 3.88 35.67 -10.22
C ILE B 464 4.31 37.15 -10.23
N ILE B 465 5.60 37.42 -9.96
CA ILE B 465 6.16 38.77 -9.93
C ILE B 465 5.93 39.44 -11.30
N LEU B 466 6.43 38.78 -12.35
CA LEU B 466 6.45 39.33 -13.71
C LEU B 466 5.04 39.39 -14.32
N SER B 467 4.03 38.67 -13.77
CA SER B 467 2.64 38.81 -14.19
C SER B 467 2.09 40.23 -14.04
N GLY B 468 2.74 41.09 -13.24
CA GLY B 468 2.35 42.46 -13.04
C GLY B 468 2.58 43.39 -14.25
N LEU B 469 3.59 43.11 -15.09
CA LEU B 469 3.97 44.05 -16.14
C LEU B 469 2.84 44.23 -17.17
N PRO B 470 2.15 43.18 -17.67
CA PRO B 470 0.92 43.36 -18.47
C PRO B 470 -0.10 44.31 -17.89
N VAL B 471 -0.44 44.15 -16.61
CA VAL B 471 -1.46 44.94 -15.95
C VAL B 471 -0.94 46.38 -15.72
N TYR B 472 0.33 46.51 -15.35
CA TYR B 472 0.99 47.80 -15.16
C TYR B 472 0.92 48.64 -16.44
N PHE B 473 1.39 48.09 -17.55
CA PHE B 473 1.37 48.83 -18.82
C PHE B 473 -0.08 49.16 -19.20
N PHE B 474 -0.99 48.18 -19.14
CA PHE B 474 -2.38 48.39 -19.54
C PHE B 474 -3.09 49.49 -18.73
N GLY B 475 -2.89 49.50 -17.40
CA GLY B 475 -3.60 50.39 -16.50
C GLY B 475 -2.87 51.70 -16.18
N VAL B 476 -1.53 51.66 -16.04
CA VAL B 476 -0.76 52.76 -15.45
C VAL B 476 -0.09 53.63 -16.52
N TRP B 477 0.52 53.02 -17.56
CA TRP B 477 1.61 53.68 -18.28
C TRP B 477 1.41 53.69 -19.79
N TRP B 478 1.23 52.51 -20.41
CA TRP B 478 1.04 52.36 -21.85
C TRP B 478 -0.37 52.84 -22.24
N LYS B 479 -1.35 52.53 -21.35
CA LYS B 479 -2.67 53.16 -21.28
C LYS B 479 -3.41 53.10 -22.63
N ASN B 480 -3.78 51.88 -23.06
CA ASN B 480 -4.70 51.74 -24.18
C ASN B 480 -6.04 52.36 -23.76
N LYS B 481 -6.60 53.25 -24.59
CA LYS B 481 -7.63 54.20 -24.15
C LYS B 481 -8.67 54.50 -25.24
N PRO B 482 -9.43 53.49 -25.78
CA PRO B 482 -10.65 53.79 -26.54
C PRO B 482 -11.64 54.50 -25.64
N LYS B 483 -12.32 55.55 -26.12
CA LYS B 483 -13.15 56.38 -25.25
C LYS B 483 -14.36 55.61 -24.70
N TRP B 484 -14.79 54.52 -25.37
CA TRP B 484 -15.81 53.62 -24.82
C TRP B 484 -15.32 52.89 -23.55
N LEU B 485 -14.02 52.54 -23.49
CA LEU B 485 -13.44 51.90 -22.31
C LEU B 485 -13.47 52.86 -21.12
N LEU B 486 -13.06 54.13 -21.34
CA LEU B 486 -13.07 55.16 -20.31
C LEU B 486 -14.52 55.43 -19.83
N GLN B 487 -15.49 55.48 -20.76
CA GLN B 487 -16.90 55.65 -20.42
C GLN B 487 -17.40 54.47 -19.56
N GLY B 488 -16.96 53.23 -19.87
CA GLY B 488 -17.31 52.03 -19.12
C GLY B 488 -16.73 52.01 -17.71
N ILE B 489 -15.43 52.32 -17.59
CA ILE B 489 -14.75 52.36 -16.30
C ILE B 489 -15.39 53.44 -15.41
N PHE B 490 -15.67 54.62 -15.96
CA PHE B 490 -16.35 55.67 -15.21
C PHE B 490 -17.75 55.22 -14.77
N SER B 491 -18.56 54.69 -15.71
CA SER B 491 -19.91 54.21 -15.41
C SER B 491 -19.90 53.14 -14.31
N THR B 492 -18.96 52.20 -14.38
CA THR B 492 -18.81 51.15 -13.37
C THR B 492 -18.42 51.76 -12.02
N THR B 493 -17.51 52.75 -12.00
CA THR B 493 -17.07 53.41 -10.78
C THR B 493 -18.23 54.10 -10.08
N VAL B 494 -19.00 54.92 -10.80
CA VAL B 494 -20.09 55.66 -10.18
C VAL B 494 -21.20 54.70 -9.74
N LEU B 495 -21.41 53.59 -10.45
CA LEU B 495 -22.34 52.56 -10.02
C LEU B 495 -21.91 52.02 -8.64
N CYS B 496 -20.62 51.69 -8.47
CA CYS B 496 -20.10 51.24 -7.18
C CYS B 496 -20.26 52.30 -6.08
N GLN B 497 -20.03 53.57 -6.44
CA GLN B 497 -20.27 54.67 -5.52
C GLN B 497 -21.72 54.66 -5.06
N LYS B 498 -22.68 54.47 -5.97
CA LYS B 498 -24.12 54.54 -5.68
C LYS B 498 -24.53 53.42 -4.72
N LEU B 499 -24.01 52.20 -4.94
CA LEU B 499 -24.31 51.07 -4.07
C LEU B 499 -23.80 51.31 -2.65
N MET B 500 -22.49 51.55 -2.52
CA MET B 500 -21.81 51.58 -1.24
C MET B 500 -21.91 52.95 -0.55
N GLN B 501 -22.31 54.01 -1.30
CA GLN B 501 -22.38 55.40 -0.86
C GLN B 501 -20.99 55.86 -0.42
N VAL B 502 -20.07 56.00 -1.39
CA VAL B 502 -18.69 56.36 -1.10
C VAL B 502 -18.22 57.53 -1.95
N VAL B 503 -17.33 58.34 -1.34
CA VAL B 503 -16.86 59.61 -1.86
C VAL B 503 -15.36 59.55 -1.90
N PRO B 504 -14.68 60.16 -2.88
CA PRO B 504 -13.21 60.14 -2.90
C PRO B 504 -12.60 60.98 -1.76
N GLN B 505 -11.34 60.65 -1.44
CA GLN B 505 -10.54 61.28 -0.39
C GLN B 505 -10.21 62.72 -0.77
N GLU B 506 -10.17 63.63 0.23
CA GLU B 506 -9.98 65.07 0.00
C GLU B 506 -8.83 65.64 0.83
N THR B 507 -8.05 66.55 0.19
CA THR B 507 -6.92 67.32 0.71
C THR B 507 -6.01 66.44 1.59
N ASP C 1 4.94 -11.70 -15.51
CA ASP C 1 5.05 -13.18 -15.33
C ASP C 1 6.42 -13.64 -15.83
N ILE C 2 6.88 -14.79 -15.35
CA ILE C 2 7.98 -15.53 -15.98
C ILE C 2 7.57 -15.99 -17.38
N VAL C 3 8.57 -16.12 -18.28
CA VAL C 3 8.37 -16.60 -19.64
C VAL C 3 9.37 -17.71 -19.87
N LEU C 4 8.89 -18.84 -20.43
CA LEU C 4 9.76 -19.98 -20.64
C LEU C 4 9.83 -20.26 -22.13
N THR C 5 10.98 -19.91 -22.73
CA THR C 5 11.30 -20.31 -24.08
C THR C 5 11.75 -21.77 -24.04
N GLN C 6 11.36 -22.53 -25.04
CA GLN C 6 11.75 -23.90 -25.16
C GLN C 6 12.30 -24.17 -26.56
N SER C 7 13.32 -25.03 -26.64
CA SER C 7 13.91 -25.38 -27.92
C SER C 7 14.59 -26.76 -27.88
N PRO C 8 14.81 -27.43 -29.04
CA PRO C 8 14.20 -27.06 -30.32
C PRO C 8 12.72 -27.42 -30.31
N SER C 9 11.94 -26.81 -31.21
CA SER C 9 10.51 -27.08 -31.31
C SER C 9 10.21 -28.49 -31.83
N SER C 10 11.12 -29.06 -32.62
CA SER C 10 11.09 -30.44 -33.06
C SER C 10 12.41 -31.12 -32.74
N LEU C 11 12.38 -32.40 -32.36
CA LEU C 11 13.60 -33.12 -32.10
C LEU C 11 13.44 -34.55 -32.59
N ALA C 12 13.66 -34.78 -33.89
CA ALA C 12 13.51 -36.13 -34.43
C ALA C 12 14.72 -36.96 -34.01
N MET C 13 14.50 -38.12 -33.35
CA MET C 13 15.60 -39.01 -32.97
C MET C 13 15.23 -40.49 -33.06
N SER C 14 16.26 -41.34 -33.19
CA SER C 14 16.13 -42.76 -33.52
C SER C 14 15.99 -43.60 -32.25
N VAL C 15 15.34 -44.77 -32.38
CA VAL C 15 15.04 -45.60 -31.22
C VAL C 15 16.36 -46.07 -30.59
N GLY C 16 16.43 -46.06 -29.25
CA GLY C 16 17.62 -46.44 -28.52
C GLY C 16 18.53 -45.26 -28.14
N GLN C 17 18.44 -44.12 -28.86
CA GLN C 17 19.36 -43.01 -28.69
C GLN C 17 18.95 -42.11 -27.52
N LYS C 18 19.93 -41.35 -27.01
CA LYS C 18 19.74 -40.33 -26.00
C LYS C 18 19.28 -39.01 -26.65
N VAL C 19 18.35 -38.30 -25.98
CA VAL C 19 17.77 -37.04 -26.48
C VAL C 19 17.62 -36.02 -25.37
N THR C 20 17.62 -34.74 -25.78
CA THR C 20 17.70 -33.62 -24.87
C THR C 20 16.75 -32.51 -25.30
N MET C 21 15.90 -32.06 -24.37
CA MET C 21 15.06 -30.88 -24.53
C MET C 21 15.73 -29.76 -23.73
N ASN C 22 15.65 -28.51 -24.24
CA ASN C 22 16.12 -27.35 -23.47
C ASN C 22 14.96 -26.44 -23.09
N CYS C 23 14.99 -25.96 -21.85
CA CYS C 23 14.05 -24.99 -21.33
C CYS C 23 14.81 -23.82 -20.74
N LYS C 24 14.35 -22.60 -21.01
CA LYS C 24 15.10 -21.41 -20.70
C LYS C 24 14.15 -20.34 -20.15
N SER C 25 14.31 -20.01 -18.86
CA SER C 25 13.41 -19.14 -18.11
C SER C 25 13.90 -17.70 -18.00
N SER C 26 12.97 -16.75 -18.21
CA SER C 26 13.23 -15.32 -18.08
C SER C 26 13.50 -14.83 -16.64
N GLN C 27 13.50 -15.70 -15.62
CA GLN C 27 14.07 -15.39 -14.33
C GLN C 27 14.61 -16.66 -13.75
N SER C 28 15.38 -16.52 -12.66
CA SER C 28 15.90 -17.66 -11.95
C SER C 28 14.76 -18.35 -11.21
N LEU C 29 14.84 -19.67 -11.21
CA LEU C 29 13.90 -20.51 -10.51
C LEU C 29 14.68 -21.34 -9.51
N LEU C 30 15.81 -20.82 -9.01
CA LEU C 30 16.38 -21.28 -7.77
C LEU C 30 15.78 -20.43 -6.63
N ASN C 31 15.26 -21.15 -5.61
CA ASN C 31 14.79 -20.56 -4.36
C ASN C 31 15.98 -20.54 -3.39
N ASN C 32 16.58 -19.35 -3.20
CA ASN C 32 17.80 -19.19 -2.40
C ASN C 32 17.72 -19.80 -1.02
N ASN C 33 16.57 -19.62 -0.36
CA ASN C 33 16.32 -20.07 1.01
C ASN C 33 16.38 -21.60 1.16
N ASN C 34 16.24 -22.36 0.05
CA ASN C 34 15.96 -23.79 0.10
C ASN C 34 16.82 -24.64 -0.84
N GLN C 35 17.52 -24.00 -1.80
CA GLN C 35 18.49 -24.64 -2.68
C GLN C 35 17.82 -25.78 -3.44
N LYS C 36 16.64 -25.48 -3.99
CA LYS C 36 16.10 -26.28 -5.08
C LYS C 36 15.40 -25.39 -6.10
N ASN C 37 15.26 -26.01 -7.28
CA ASN C 37 14.94 -25.30 -8.51
C ASN C 37 13.56 -25.75 -8.91
N TYR C 38 12.67 -24.79 -9.06
CA TYR C 38 11.25 -25.08 -9.28
C TYR C 38 10.95 -25.20 -10.76
N LEU C 39 10.93 -26.43 -11.26
CA LEU C 39 10.56 -26.69 -12.65
C LEU C 39 10.02 -28.10 -12.83
N ALA C 40 9.14 -28.25 -13.82
CA ALA C 40 8.59 -29.53 -14.15
C ALA C 40 8.54 -29.73 -15.65
N TRP C 41 8.44 -31.02 -15.97
CA TRP C 41 8.35 -31.55 -17.29
C TRP C 41 7.04 -32.32 -17.43
N TYR C 42 6.19 -31.99 -18.43
CA TYR C 42 5.06 -32.85 -18.74
C TYR C 42 5.18 -33.44 -20.11
N GLN C 43 4.79 -34.69 -20.25
CA GLN C 43 4.70 -35.42 -21.50
C GLN C 43 3.23 -35.34 -21.89
N GLN C 44 2.93 -35.07 -23.14
CA GLN C 44 1.56 -35.21 -23.62
C GLN C 44 1.59 -35.99 -24.93
N LYS C 45 1.23 -37.27 -24.81
CA LYS C 45 1.15 -38.13 -25.98
C LYS C 45 -0.06 -37.68 -26.80
N PRO C 46 -0.09 -37.95 -28.12
CA PRO C 46 -1.17 -37.43 -28.95
C PRO C 46 -2.48 -38.06 -28.49
N GLY C 47 -3.48 -37.19 -28.26
CA GLY C 47 -4.85 -37.56 -27.92
C GLY C 47 -5.08 -37.89 -26.45
N GLN C 48 -4.16 -37.49 -25.57
CA GLN C 48 -4.27 -37.71 -24.13
C GLN C 48 -3.95 -36.41 -23.35
N SER C 49 -4.17 -36.51 -22.03
CA SER C 49 -3.94 -35.47 -21.05
C SER C 49 -2.47 -35.31 -20.80
N PRO C 50 -2.01 -34.16 -20.24
CA PRO C 50 -0.62 -34.07 -19.79
C PRO C 50 -0.36 -35.06 -18.66
N LYS C 51 0.86 -35.67 -18.63
CA LYS C 51 1.34 -36.55 -17.56
C LYS C 51 2.55 -35.84 -16.96
N LEU C 52 2.63 -35.78 -15.63
CA LEU C 52 3.77 -35.11 -15.00
C LEU C 52 4.95 -36.08 -14.96
N LEU C 53 6.15 -35.64 -15.41
CA LEU C 53 7.35 -36.47 -15.39
C LEU C 53 8.22 -36.16 -14.21
N VAL C 54 8.79 -34.96 -14.27
CA VAL C 54 9.61 -34.57 -13.15
C VAL C 54 9.21 -33.19 -12.64
N TYR C 55 9.49 -32.96 -11.39
CA TYR C 55 9.27 -31.68 -10.83
C TYR C 55 10.41 -31.38 -9.86
N PHE C 56 10.44 -30.15 -9.33
CA PHE C 56 11.60 -29.61 -8.69
C PHE C 56 12.88 -29.91 -9.45
N THR C 57 12.77 -29.74 -10.78
CA THR C 57 13.79 -30.04 -11.78
C THR C 57 14.23 -31.49 -11.92
N SER C 58 14.17 -32.34 -10.90
CA SER C 58 14.82 -33.61 -11.00
C SER C 58 14.01 -34.78 -10.45
N THR C 59 13.13 -34.52 -9.51
CA THR C 59 12.40 -35.54 -8.79
C THR C 59 11.39 -36.16 -9.74
N ARG C 60 11.61 -37.45 -10.02
CA ARG C 60 10.70 -38.27 -10.81
C ARG C 60 9.41 -38.48 -10.05
N GLU C 61 8.31 -38.41 -10.79
CA GLU C 61 7.00 -38.74 -10.24
C GLU C 61 6.89 -40.25 -10.12
N SER C 62 6.03 -40.76 -9.22
CA SER C 62 5.70 -42.19 -9.17
C SER C 62 5.06 -42.66 -10.49
N GLY C 63 5.46 -43.86 -10.95
CA GLY C 63 4.99 -44.41 -12.21
C GLY C 63 5.69 -43.82 -13.43
N VAL C 64 6.90 -43.25 -13.22
CA VAL C 64 7.68 -42.70 -14.31
C VAL C 64 8.88 -43.60 -14.54
N PRO C 65 9.09 -44.08 -15.80
CA PRO C 65 10.30 -44.81 -16.16
C PRO C 65 11.59 -44.03 -15.93
N ASP C 66 12.64 -44.72 -15.46
CA ASP C 66 13.83 -44.07 -14.96
C ASP C 66 14.73 -43.59 -16.10
N ARG C 67 14.29 -43.75 -17.36
CA ARG C 67 14.98 -43.14 -18.49
C ARG C 67 14.79 -41.61 -18.56
N PHE C 68 13.84 -41.00 -17.84
CA PHE C 68 13.71 -39.54 -17.80
C PHE C 68 14.57 -38.97 -16.67
N ILE C 69 15.60 -38.24 -17.09
CA ILE C 69 16.53 -37.62 -16.16
C ILE C 69 16.43 -36.13 -16.41
N GLY C 70 16.06 -35.41 -15.33
CA GLY C 70 15.98 -33.96 -15.43
C GLY C 70 17.09 -33.27 -14.67
N SER C 71 17.57 -32.15 -15.21
CA SER C 71 18.75 -31.52 -14.65
C SER C 71 18.84 -30.06 -15.08
N GLY C 72 19.73 -29.36 -14.40
CA GLY C 72 19.99 -27.95 -14.64
C GLY C 72 19.83 -27.17 -13.34
N SER C 73 20.10 -25.87 -13.46
CA SER C 73 19.83 -24.93 -12.37
C SER C 73 19.75 -23.53 -12.93
N GLY C 74 19.18 -22.61 -12.13
CA GLY C 74 19.17 -21.20 -12.46
C GLY C 74 18.12 -20.91 -13.53
N THR C 75 18.53 -20.99 -14.79
CA THR C 75 17.66 -20.74 -15.94
C THR C 75 17.88 -21.76 -17.07
N ASP C 76 18.99 -22.50 -17.12
CA ASP C 76 19.23 -23.50 -18.14
C ASP C 76 18.80 -24.85 -17.57
N PHE C 77 17.72 -25.40 -18.14
CA PHE C 77 17.17 -26.67 -17.69
C PHE C 77 17.08 -27.61 -18.87
N THR C 78 17.30 -28.91 -18.61
CA THR C 78 17.25 -29.97 -19.62
C THR C 78 16.58 -31.23 -19.10
N LEU C 79 15.58 -31.66 -19.87
CA LEU C 79 15.05 -32.99 -19.67
C LEU C 79 15.79 -33.85 -20.69
N THR C 80 16.29 -35.02 -20.23
CA THR C 80 16.99 -35.96 -21.11
C THR C 80 16.35 -37.32 -21.01
N ILE C 81 16.29 -38.04 -22.13
CA ILE C 81 15.77 -39.41 -22.15
C ILE C 81 16.97 -40.26 -22.54
N SER C 82 17.37 -41.21 -21.67
CA SER C 82 18.61 -41.96 -21.79
C SER C 82 18.65 -42.84 -23.03
N SER C 83 17.48 -43.39 -23.37
CA SER C 83 17.35 -44.35 -24.44
C SER C 83 15.89 -44.40 -24.87
N VAL C 84 15.58 -43.53 -25.84
CA VAL C 84 14.26 -43.35 -26.41
C VAL C 84 13.65 -44.67 -26.84
N GLN C 85 12.39 -44.90 -26.43
CA GLN C 85 11.59 -45.98 -26.97
C GLN C 85 10.54 -45.42 -27.94
N ALA C 86 9.95 -46.31 -28.71
CA ALA C 86 8.96 -45.93 -29.69
C ALA C 86 7.75 -45.31 -29.01
N GLU C 87 7.51 -45.66 -27.71
CA GLU C 87 6.36 -45.16 -26.98
C GLU C 87 6.51 -43.69 -26.60
N ASP C 88 7.69 -43.08 -26.80
CA ASP C 88 8.02 -41.77 -26.26
C ASP C 88 7.69 -40.61 -27.19
N LEU C 89 7.12 -40.82 -28.39
CA LEU C 89 6.81 -39.69 -29.26
C LEU C 89 5.59 -38.94 -28.70
N ALA C 90 5.72 -37.59 -28.59
CA ALA C 90 4.91 -36.75 -27.71
C ALA C 90 5.31 -35.30 -27.84
N LEU C 91 4.52 -34.37 -27.24
CA LEU C 91 5.03 -33.04 -26.97
C LEU C 91 5.46 -33.05 -25.54
N TYR C 92 6.56 -32.36 -25.26
CA TYR C 92 7.07 -32.18 -23.90
C TYR C 92 6.93 -30.72 -23.55
N TYR C 93 6.24 -30.42 -22.45
CA TYR C 93 6.22 -29.08 -21.94
C TYR C 93 7.04 -28.89 -20.67
N CYS C 94 7.86 -27.82 -20.57
CA CYS C 94 8.41 -27.41 -19.30
C CYS C 94 7.41 -26.44 -18.66
N GLN C 95 7.35 -26.39 -17.33
CA GLN C 95 6.55 -25.46 -16.54
C GLN C 95 7.34 -24.98 -15.36
N GLN C 96 7.31 -23.66 -15.08
CA GLN C 96 7.82 -23.18 -13.81
C GLN C 96 6.79 -23.47 -12.72
N HIS C 97 7.21 -23.80 -11.51
CA HIS C 97 6.35 -23.56 -10.38
C HIS C 97 6.91 -22.63 -9.33
N TYR C 98 7.65 -21.64 -9.78
CA TYR C 98 8.13 -20.66 -8.87
C TYR C 98 7.10 -19.57 -8.67
N THR C 99 6.19 -19.36 -9.60
CA THR C 99 5.06 -18.56 -9.18
C THR C 99 3.73 -19.17 -9.57
N ILE C 100 2.71 -18.76 -8.81
CA ILE C 100 1.35 -19.01 -9.22
C ILE C 100 0.85 -17.64 -9.60
N PRO C 101 0.24 -17.47 -10.82
CA PRO C 101 -0.03 -18.53 -11.81
C PRO C 101 1.20 -19.13 -12.47
N PRO C 102 1.25 -20.44 -12.70
CA PRO C 102 2.37 -20.99 -13.43
C PRO C 102 2.28 -20.60 -14.90
N THR C 103 3.36 -20.87 -15.62
CA THR C 103 3.41 -20.67 -17.06
C THR C 103 4.20 -21.80 -17.69
N PHE C 104 3.93 -22.07 -18.96
CA PHE C 104 4.60 -23.18 -19.58
C PHE C 104 5.37 -22.79 -20.85
N GLY C 105 6.30 -23.67 -21.23
CA GLY C 105 6.89 -23.70 -22.58
C GLY C 105 5.91 -23.99 -23.72
N GLY C 106 6.23 -23.55 -24.92
CA GLY C 106 5.47 -23.89 -26.10
C GLY C 106 5.72 -25.33 -26.56
N GLY C 107 6.70 -26.03 -25.94
CA GLY C 107 6.75 -27.48 -26.06
C GLY C 107 7.58 -28.00 -27.26
N THR C 108 8.33 -29.08 -27.04
CA THR C 108 9.18 -29.75 -28.01
C THR C 108 8.48 -31.01 -28.52
N LYS C 109 8.24 -31.12 -29.82
CA LYS C 109 7.64 -32.32 -30.42
C LYS C 109 8.77 -33.32 -30.71
N LEU C 110 8.83 -34.40 -29.94
CA LEU C 110 9.78 -35.46 -30.22
C LEU C 110 9.14 -36.34 -31.27
N GLU C 111 9.94 -36.72 -32.27
CA GLU C 111 9.55 -37.58 -33.37
C GLU C 111 10.55 -38.74 -33.42
N ILE C 112 10.12 -39.86 -33.98
CA ILE C 112 11.00 -41.01 -34.12
C ILE C 112 11.47 -41.14 -35.57
N LYS C 113 12.75 -41.52 -35.72
CA LYS C 113 13.34 -41.92 -36.99
C LYS C 113 13.43 -43.45 -37.06
N ARG C 114 13.00 -44.00 -38.21
CA ARG C 114 13.08 -45.42 -38.47
C ARG C 114 13.53 -45.67 -39.91
N ALA C 115 13.79 -46.95 -40.21
CA ALA C 115 14.03 -47.40 -41.58
C ALA C 115 12.80 -47.09 -42.44
N ASP C 116 13.01 -46.46 -43.59
CA ASP C 116 11.95 -46.04 -44.49
C ASP C 116 11.15 -47.26 -44.98
N ALA C 117 9.85 -47.07 -45.24
CA ALA C 117 8.97 -48.13 -45.70
C ALA C 117 7.86 -47.57 -46.60
N ALA C 118 7.52 -48.31 -47.67
CA ALA C 118 6.56 -47.88 -48.65
C ALA C 118 5.14 -48.13 -48.15
N PRO C 119 4.15 -47.27 -48.51
CA PRO C 119 2.77 -47.42 -48.03
C PRO C 119 2.08 -48.66 -48.60
N THR C 120 1.36 -49.39 -47.75
CA THR C 120 0.26 -50.22 -48.19
C THR C 120 -0.85 -49.30 -48.72
N VAL C 121 -1.23 -49.45 -49.99
CA VAL C 121 -2.22 -48.57 -50.59
C VAL C 121 -3.48 -49.38 -50.86
N SER C 122 -4.64 -48.82 -50.48
CA SER C 122 -5.96 -49.41 -50.66
C SER C 122 -6.97 -48.34 -51.09
N ILE C 123 -7.90 -48.71 -51.97
CA ILE C 123 -8.92 -47.79 -52.46
C ILE C 123 -10.29 -48.44 -52.31
N PHE C 124 -11.27 -47.61 -51.89
CA PHE C 124 -12.60 -48.04 -51.52
C PHE C 124 -13.62 -47.34 -52.42
N PRO C 125 -14.36 -48.08 -53.28
CA PRO C 125 -15.48 -47.49 -54.01
C PRO C 125 -16.53 -46.89 -53.08
N PRO C 126 -17.24 -45.80 -53.47
CA PRO C 126 -18.32 -45.20 -52.66
C PRO C 126 -19.33 -46.18 -52.05
N SER C 127 -19.75 -45.88 -50.81
CA SER C 127 -20.69 -46.70 -50.04
C SER C 127 -22.05 -46.70 -50.74
N SER C 128 -22.68 -47.88 -50.94
CA SER C 128 -23.94 -47.97 -51.66
C SER C 128 -25.05 -47.14 -50.99
N GLU C 129 -24.97 -46.95 -49.66
CA GLU C 129 -25.86 -46.09 -48.89
C GLU C 129 -25.66 -44.62 -49.24
N GLN C 130 -24.40 -44.20 -49.41
CA GLN C 130 -24.07 -42.80 -49.71
C GLN C 130 -24.67 -42.36 -51.05
N LEU C 131 -24.78 -43.28 -52.02
CA LEU C 131 -25.33 -42.98 -53.35
C LEU C 131 -26.80 -42.53 -53.28
N THR C 132 -27.50 -42.75 -52.16
CA THR C 132 -28.84 -42.19 -51.95
C THR C 132 -28.82 -40.66 -51.77
N SER C 133 -27.68 -40.08 -51.37
CA SER C 133 -27.58 -38.69 -50.91
C SER C 133 -27.53 -37.66 -52.04
N GLY C 134 -27.38 -38.08 -53.30
CA GLY C 134 -27.06 -37.17 -54.39
C GLY C 134 -25.57 -36.83 -54.47
N GLY C 135 -24.75 -37.33 -53.52
CA GLY C 135 -23.30 -37.24 -53.59
C GLY C 135 -22.64 -38.60 -53.41
N ALA C 136 -21.31 -38.63 -53.60
CA ALA C 136 -20.48 -39.80 -53.41
C ALA C 136 -19.06 -39.38 -53.02
N SER C 137 -18.41 -40.17 -52.16
CA SER C 137 -17.05 -39.89 -51.73
C SER C 137 -16.19 -41.12 -51.93
N VAL C 138 -15.14 -40.99 -52.76
CA VAL C 138 -14.16 -42.03 -53.00
C VAL C 138 -12.99 -41.82 -52.01
N VAL C 139 -12.48 -42.92 -51.42
CA VAL C 139 -11.49 -42.85 -50.34
C VAL C 139 -10.32 -43.80 -50.61
N CYS C 140 -9.11 -43.26 -50.42
CA CYS C 140 -7.86 -43.96 -50.60
C CYS C 140 -7.08 -43.88 -49.30
N PHE C 141 -6.73 -45.06 -48.76
CA PHE C 141 -5.92 -45.17 -47.55
C PHE C 141 -4.50 -45.62 -47.88
N LEU C 142 -3.53 -44.89 -47.32
CA LEU C 142 -2.12 -45.18 -47.42
C LEU C 142 -1.65 -45.52 -46.00
N ASN C 143 -1.27 -46.77 -45.74
CA ASN C 143 -1.03 -47.21 -44.37
C ASN C 143 0.45 -47.57 -44.18
N ASN C 144 0.96 -47.18 -43.00
CA ASN C 144 2.18 -47.71 -42.40
C ASN C 144 3.41 -47.43 -43.25
N PHE C 145 3.79 -46.15 -43.34
CA PHE C 145 4.96 -45.75 -44.11
C PHE C 145 5.84 -44.81 -43.29
N TYR C 146 7.06 -44.57 -43.79
CA TYR C 146 7.98 -43.60 -43.22
C TYR C 146 8.92 -43.13 -44.33
N PRO C 147 9.36 -41.86 -44.42
CA PRO C 147 8.93 -40.75 -43.56
C PRO C 147 7.61 -40.15 -44.04
N LYS C 148 7.22 -39.08 -43.31
CA LYS C 148 5.94 -38.39 -43.45
C LYS C 148 5.69 -37.86 -44.88
N ASP C 149 6.71 -37.41 -45.62
CA ASP C 149 6.52 -36.79 -46.92
C ASP C 149 5.97 -37.79 -47.93
N ILE C 150 4.83 -37.42 -48.57
CA ILE C 150 4.13 -38.23 -49.56
C ILE C 150 3.26 -37.33 -50.44
N ASN C 151 2.89 -37.79 -51.64
CA ASN C 151 1.88 -37.09 -52.43
C ASN C 151 1.02 -38.10 -53.20
N VAL C 152 -0.18 -37.63 -53.57
CA VAL C 152 -1.23 -38.46 -54.16
C VAL C 152 -1.75 -37.80 -55.42
N LYS C 153 -1.87 -38.61 -56.49
CA LYS C 153 -2.58 -38.26 -57.71
C LYS C 153 -3.90 -39.03 -57.77
N TRP C 154 -5.00 -38.30 -58.00
CA TRP C 154 -6.25 -38.90 -58.37
C TRP C 154 -6.44 -38.80 -59.88
N LYS C 155 -6.76 -39.94 -60.51
CA LYS C 155 -7.09 -40.01 -61.93
C LYS C 155 -8.51 -40.57 -62.09
N ILE C 156 -9.24 -40.00 -63.06
CA ILE C 156 -10.64 -40.28 -63.29
C ILE C 156 -10.82 -40.38 -64.82
N ASP C 157 -11.07 -41.61 -65.30
CA ASP C 157 -11.00 -41.95 -66.72
C ASP C 157 -9.70 -41.42 -67.37
N GLY C 158 -8.59 -41.44 -66.62
CA GLY C 158 -7.31 -40.94 -67.12
C GLY C 158 -7.05 -39.45 -66.86
N SER C 159 -8.10 -38.64 -66.66
CA SER C 159 -7.96 -37.22 -66.39
C SER C 159 -7.47 -36.99 -64.95
N GLU C 160 -6.50 -36.08 -64.77
CA GLU C 160 -5.95 -35.76 -63.45
C GLU C 160 -6.90 -34.82 -62.71
N ARG C 161 -7.21 -35.16 -61.44
CA ARG C 161 -8.15 -34.42 -60.62
C ARG C 161 -7.42 -33.69 -59.49
N GLN C 162 -7.70 -32.37 -59.37
CA GLN C 162 -7.07 -31.51 -58.37
C GLN C 162 -8.06 -30.58 -57.65
N ASN C 163 -9.33 -30.51 -58.11
CA ASN C 163 -10.44 -29.93 -57.36
C ASN C 163 -11.03 -30.98 -56.41
N GLY C 164 -11.43 -30.55 -55.21
CA GLY C 164 -12.22 -31.37 -54.29
C GLY C 164 -11.48 -32.60 -53.75
N VAL C 165 -10.15 -32.50 -53.60
CA VAL C 165 -9.31 -33.53 -52.98
C VAL C 165 -8.83 -33.02 -51.61
N LEU C 166 -8.93 -33.90 -50.60
CA LEU C 166 -8.54 -33.61 -49.23
C LEU C 166 -7.65 -34.73 -48.70
N ASN C 167 -6.76 -34.37 -47.77
CA ASN C 167 -5.80 -35.28 -47.19
C ASN C 167 -5.73 -35.09 -45.68
N SER C 168 -5.52 -36.20 -44.96
CA SER C 168 -5.21 -36.16 -43.54
C SER C 168 -4.20 -37.23 -43.18
N TRP C 169 -3.09 -36.80 -42.57
CA TRP C 169 -2.09 -37.69 -42.02
C TRP C 169 -2.41 -37.98 -40.57
N THR C 170 -2.18 -39.22 -40.13
CA THR C 170 -2.18 -39.46 -38.70
C THR C 170 -0.93 -38.88 -38.05
N ASP C 171 -1.01 -38.66 -36.74
CA ASP C 171 0.18 -38.64 -35.89
C ASP C 171 0.89 -39.99 -35.99
N GLN C 172 2.18 -40.02 -35.70
CA GLN C 172 3.01 -41.21 -35.90
C GLN C 172 2.62 -42.29 -34.86
N ASP C 173 2.52 -43.55 -35.29
CA ASP C 173 1.98 -44.63 -34.45
C ASP C 173 3.01 -45.08 -33.42
N SER C 174 2.68 -44.98 -32.12
CA SER C 174 3.61 -45.32 -31.06
C SER C 174 4.06 -46.79 -31.01
N LYS C 175 3.39 -47.75 -31.66
CA LYS C 175 3.84 -49.14 -31.65
C LYS C 175 4.95 -49.41 -32.69
N ASP C 176 4.90 -48.70 -33.83
CA ASP C 176 5.71 -49.01 -35.00
C ASP C 176 6.38 -47.79 -35.63
N SER C 177 6.09 -46.58 -35.12
CA SER C 177 6.65 -45.31 -35.55
C SER C 177 6.39 -45.00 -37.04
N THR C 178 5.33 -45.59 -37.63
CA THR C 178 4.92 -45.28 -39.00
C THR C 178 3.82 -44.21 -39.03
N TYR C 179 3.80 -43.43 -40.12
CA TYR C 179 2.68 -42.59 -40.45
C TYR C 179 1.67 -43.42 -41.26
N SER C 180 0.45 -42.87 -41.35
CA SER C 180 -0.57 -43.30 -42.30
C SER C 180 -1.32 -42.07 -42.79
N MET C 181 -1.94 -42.17 -43.98
CA MET C 181 -2.63 -41.03 -44.57
C MET C 181 -3.89 -41.47 -45.31
N SER C 182 -4.95 -40.69 -45.12
CA SER C 182 -6.21 -40.83 -45.82
C SER C 182 -6.30 -39.71 -46.87
N SER C 183 -6.73 -40.10 -48.07
CA SER C 183 -7.05 -39.17 -49.13
C SER C 183 -8.50 -39.38 -49.59
N THR C 184 -9.20 -38.27 -49.80
CA THR C 184 -10.63 -38.29 -50.06
C THR C 184 -10.94 -37.41 -51.27
N LEU C 185 -11.79 -37.92 -52.17
CA LEU C 185 -12.32 -37.19 -53.31
C LEU C 185 -13.84 -37.21 -53.25
N THR C 186 -14.49 -36.03 -53.22
CA THR C 186 -15.95 -35.95 -53.14
C THR C 186 -16.53 -35.41 -54.46
N LEU C 187 -17.59 -36.11 -54.93
CA LEU C 187 -18.23 -35.95 -56.23
C LEU C 187 -19.74 -35.80 -56.02
N THR C 188 -20.43 -35.17 -56.98
CA THR C 188 -21.88 -35.34 -57.07
C THR C 188 -22.18 -36.75 -57.60
N LYS C 189 -23.41 -37.23 -57.41
CA LYS C 189 -23.79 -38.56 -57.89
C LYS C 189 -23.65 -38.62 -59.41
N ASP C 190 -24.09 -37.57 -60.12
CA ASP C 190 -24.05 -37.47 -61.57
C ASP C 190 -22.61 -37.34 -62.09
N GLU C 191 -21.70 -36.79 -61.25
CA GLU C 191 -20.27 -36.72 -61.52
C GLU C 191 -19.61 -38.09 -61.34
N TYR C 192 -20.07 -38.89 -60.37
CA TYR C 192 -19.64 -40.28 -60.21
C TYR C 192 -20.27 -41.21 -61.26
N GLU C 193 -21.40 -40.81 -61.87
CA GLU C 193 -22.12 -41.62 -62.85
C GLU C 193 -21.45 -41.55 -64.22
N ARG C 194 -21.04 -40.34 -64.64
CA ARG C 194 -20.58 -40.06 -66.00
C ARG C 194 -19.18 -40.63 -66.30
N HIS C 195 -18.42 -41.04 -65.26
CA HIS C 195 -17.07 -41.58 -65.43
C HIS C 195 -16.99 -42.99 -64.84
N ASN C 196 -16.12 -43.84 -65.44
CA ASN C 196 -16.13 -45.28 -65.25
C ASN C 196 -14.98 -45.82 -64.37
N SER C 197 -13.74 -45.33 -64.58
CA SER C 197 -12.52 -45.87 -63.99
C SER C 197 -11.82 -44.85 -63.08
N TYR C 198 -11.67 -45.21 -61.78
CA TYR C 198 -11.13 -44.33 -60.76
C TYR C 198 -9.82 -44.89 -60.23
N THR C 199 -8.80 -44.02 -60.12
CA THR C 199 -7.44 -44.38 -59.78
C THR C 199 -6.91 -43.47 -58.67
N CYS C 200 -6.29 -44.06 -57.64
CA CYS C 200 -5.47 -43.39 -56.66
C CYS C 200 -4.03 -43.88 -56.82
N GLU C 201 -3.07 -42.96 -57.01
CA GLU C 201 -1.66 -43.35 -57.17
C GLU C 201 -0.80 -42.44 -56.28
N ALA C 202 0.15 -43.07 -55.57
CA ALA C 202 0.90 -42.46 -54.48
C ALA C 202 2.39 -42.51 -54.79
N THR C 203 3.06 -41.34 -54.70
CA THR C 203 4.51 -41.24 -54.86
C THR C 203 5.14 -41.02 -53.49
N HIS C 204 6.06 -41.92 -53.13
CA HIS C 204 6.76 -41.87 -51.85
C HIS C 204 8.24 -42.14 -52.10
N LYS C 205 9.12 -41.51 -51.32
CA LYS C 205 10.56 -41.48 -51.60
C LYS C 205 11.24 -42.87 -51.63
N THR C 206 10.56 -43.94 -51.19
CA THR C 206 11.07 -45.30 -51.23
C THR C 206 10.99 -45.96 -52.62
N SER C 207 10.27 -45.35 -53.60
CA SER C 207 10.12 -45.93 -54.94
C SER C 207 10.18 -44.84 -56.01
N THR C 208 10.85 -45.15 -57.13
CA THR C 208 10.93 -44.27 -58.28
C THR C 208 9.56 -44.16 -58.94
N SER C 209 8.94 -45.32 -59.23
CA SER C 209 7.60 -45.41 -59.79
C SER C 209 6.53 -45.21 -58.71
N PRO C 210 5.38 -44.55 -59.02
CA PRO C 210 4.24 -44.52 -58.10
C PRO C 210 3.62 -45.91 -57.86
N ILE C 211 3.04 -46.09 -56.67
CA ILE C 211 2.19 -47.24 -56.36
C ILE C 211 0.78 -46.86 -56.82
N VAL C 212 0.03 -47.85 -57.34
CA VAL C 212 -1.26 -47.63 -57.99
C VAL C 212 -2.28 -48.60 -57.41
N LYS C 213 -3.50 -48.08 -57.15
CA LYS C 213 -4.70 -48.88 -56.99
C LYS C 213 -5.85 -48.18 -57.71
N SER C 214 -6.82 -48.96 -58.19
CA SER C 214 -7.91 -48.46 -59.01
C SER C 214 -9.12 -49.41 -58.98
N PHE C 215 -10.28 -48.90 -59.45
CA PHE C 215 -11.47 -49.71 -59.65
C PHE C 215 -12.32 -49.13 -60.81
N ASN C 216 -13.13 -50.03 -61.42
CA ASN C 216 -14.08 -49.69 -62.47
C ASN C 216 -15.49 -49.98 -61.94
N ARG C 217 -16.39 -48.99 -61.99
CA ARG C 217 -17.68 -49.08 -61.31
C ARG C 217 -18.57 -50.10 -62.04
N GLU D 1 -6.40 -44.93 -6.29
CA GLU D 1 -6.95 -44.13 -7.41
C GLU D 1 -7.15 -42.68 -6.97
N VAL D 2 -6.76 -41.75 -7.85
CA VAL D 2 -7.25 -40.38 -7.88
C VAL D 2 -7.76 -40.17 -9.30
N GLN D 3 -8.98 -39.67 -9.44
CA GLN D 3 -9.51 -39.49 -10.78
C GLN D 3 -10.44 -38.28 -10.84
N LEU D 4 -10.03 -37.33 -11.69
CA LEU D 4 -10.92 -36.26 -12.12
C LEU D 4 -11.53 -36.71 -13.45
N GLN D 5 -12.83 -36.42 -13.68
CA GLN D 5 -13.35 -36.50 -15.04
C GLN D 5 -14.25 -35.31 -15.42
N GLN D 6 -14.35 -35.10 -16.74
CA GLN D 6 -15.04 -33.96 -17.32
C GLN D 6 -15.89 -34.39 -18.52
N SER D 7 -16.98 -33.64 -18.72
CA SER D 7 -17.72 -33.66 -19.96
C SER D 7 -16.77 -33.49 -21.14
N GLY D 8 -17.15 -34.09 -22.29
CA GLY D 8 -16.22 -34.29 -23.40
C GLY D 8 -16.09 -33.07 -24.32
N ALA D 9 -17.20 -32.33 -24.49
CA ALA D 9 -17.34 -31.38 -25.58
C ALA D 9 -18.43 -30.42 -25.22
N GLU D 10 -18.24 -29.17 -25.65
CA GLU D 10 -19.28 -28.15 -25.52
C GLU D 10 -19.27 -27.30 -26.76
N LEU D 11 -20.47 -26.89 -27.19
CA LEU D 11 -20.62 -25.90 -28.23
C LEU D 11 -21.14 -24.59 -27.63
N VAL D 12 -20.59 -23.45 -28.08
CA VAL D 12 -20.97 -22.14 -27.59
C VAL D 12 -21.19 -21.17 -28.73
N LYS D 13 -22.38 -20.55 -28.85
CA LYS D 13 -22.60 -19.49 -29.81
C LYS D 13 -21.88 -18.21 -29.35
N PRO D 14 -21.04 -17.56 -30.19
CA PRO D 14 -20.16 -16.46 -29.75
C PRO D 14 -20.84 -15.42 -28.87
N GLY D 15 -20.11 -14.97 -27.84
CA GLY D 15 -20.64 -14.06 -26.84
C GLY D 15 -21.30 -14.74 -25.62
N ALA D 16 -21.77 -15.99 -25.76
CA ALA D 16 -22.52 -16.63 -24.68
C ALA D 16 -21.57 -17.15 -23.60
N SER D 17 -22.10 -17.45 -22.41
CA SER D 17 -21.34 -18.12 -21.37
C SER D 17 -21.40 -19.64 -21.57
N VAL D 18 -20.49 -20.36 -20.88
CA VAL D 18 -20.56 -21.81 -20.76
C VAL D 18 -20.12 -22.30 -19.38
N ASN D 19 -20.69 -23.43 -18.92
CA ASN D 19 -20.24 -24.15 -17.74
C ASN D 19 -19.54 -25.45 -18.16
N LEU D 20 -18.29 -25.61 -17.71
CA LEU D 20 -17.52 -26.81 -17.85
C LEU D 20 -17.35 -27.40 -16.45
N SER D 21 -17.42 -28.73 -16.30
CA SER D 21 -17.54 -29.33 -14.98
C SER D 21 -16.61 -30.51 -14.78
N CYS D 22 -16.15 -30.72 -13.55
CA CYS D 22 -15.06 -31.62 -13.22
C CYS D 22 -15.30 -32.34 -11.90
N LYS D 23 -15.58 -33.63 -11.98
CA LYS D 23 -15.98 -34.36 -10.80
C LYS D 23 -14.79 -35.17 -10.32
N ALA D 24 -14.39 -34.85 -9.08
CA ALA D 24 -13.34 -35.55 -8.38
C ALA D 24 -13.85 -36.86 -7.75
N SER D 25 -12.87 -37.76 -7.56
CA SER D 25 -13.05 -38.97 -6.80
C SER D 25 -11.73 -39.45 -6.28
N GLY D 26 -11.76 -40.21 -5.19
CA GLY D 26 -10.56 -40.92 -4.79
C GLY D 26 -9.73 -40.17 -3.75
N TYR D 27 -10.26 -39.04 -3.24
CA TYR D 27 -9.55 -38.28 -2.22
C TYR D 27 -10.54 -37.35 -1.54
N THR D 28 -10.11 -36.86 -0.35
CA THR D 28 -10.86 -35.92 0.48
C THR D 28 -10.97 -34.56 -0.19
N PHE D 29 -12.10 -34.19 -0.78
CA PHE D 29 -12.12 -33.16 -1.83
C PHE D 29 -11.65 -31.79 -1.39
N THR D 30 -11.93 -31.44 -0.14
CA THR D 30 -11.57 -30.15 0.39
C THR D 30 -10.08 -30.00 0.69
N ASN D 31 -9.29 -31.09 0.72
CA ASN D 31 -7.88 -30.98 1.10
C ASN D 31 -7.00 -30.38 0.02
N TYR D 32 -7.47 -30.30 -1.22
CA TYR D 32 -6.59 -29.92 -2.32
C TYR D 32 -7.26 -28.95 -3.27
N TRP D 33 -6.53 -27.94 -3.65
CA TRP D 33 -7.19 -26.99 -4.52
C TRP D 33 -7.24 -27.55 -5.94
N MET D 34 -8.13 -26.99 -6.72
CA MET D 34 -8.44 -27.46 -8.05
C MET D 34 -8.05 -26.37 -9.05
N HIS D 35 -7.32 -26.73 -10.08
CA HIS D 35 -6.86 -25.75 -11.06
C HIS D 35 -7.49 -26.03 -12.44
N TRP D 36 -7.60 -24.99 -13.27
CA TRP D 36 -8.10 -25.04 -14.64
C TRP D 36 -7.03 -24.53 -15.58
N VAL D 37 -6.63 -25.32 -16.54
CA VAL D 37 -5.62 -24.95 -17.51
C VAL D 37 -6.27 -25.21 -18.87
N ARG D 38 -5.84 -24.45 -19.85
CA ARG D 38 -6.36 -24.44 -21.20
C ARG D 38 -5.24 -24.69 -22.21
N LEU D 39 -5.59 -25.30 -23.32
CA LEU D 39 -4.63 -25.58 -24.36
C LEU D 39 -5.23 -25.19 -25.74
N ARG D 40 -5.01 -23.91 -26.10
CA ARG D 40 -5.26 -23.33 -27.41
C ARG D 40 -4.49 -24.23 -28.39
N PRO D 41 -5.06 -24.67 -29.53
CA PRO D 41 -4.29 -25.52 -30.47
C PRO D 41 -2.99 -24.89 -30.99
N GLY D 42 -1.93 -25.72 -30.93
CA GLY D 42 -0.57 -25.41 -31.36
C GLY D 42 0.08 -24.18 -30.69
N GLN D 43 -0.37 -23.81 -29.49
CA GLN D 43 -0.04 -22.53 -28.87
C GLN D 43 0.29 -22.65 -27.36
N GLY D 44 0.40 -23.87 -26.83
CA GLY D 44 0.97 -24.09 -25.50
C GLY D 44 -0.04 -23.87 -24.37
N LEU D 45 0.17 -24.58 -23.26
CA LEU D 45 -0.73 -24.57 -22.12
C LEU D 45 -0.72 -23.18 -21.45
N GLU D 46 -1.87 -22.85 -20.83
CA GLU D 46 -2.10 -21.58 -20.15
C GLU D 46 -3.01 -21.87 -18.96
N TRP D 47 -2.68 -21.29 -17.82
CA TRP D 47 -3.42 -21.62 -16.62
C TRP D 47 -4.41 -20.52 -16.34
N ILE D 48 -5.63 -20.90 -16.01
CA ILE D 48 -6.71 -19.95 -15.82
C ILE D 48 -6.74 -19.50 -14.35
N GLY D 49 -6.82 -20.42 -13.44
CA GLY D 49 -6.99 -20.09 -12.04
C GLY D 49 -7.21 -21.37 -11.24
N GLU D 50 -7.27 -21.16 -9.93
CA GLU D 50 -7.60 -22.25 -9.08
C GLU D 50 -8.54 -21.84 -7.96
N ILE D 51 -9.13 -22.87 -7.39
CA ILE D 51 -10.22 -22.67 -6.47
C ILE D 51 -9.91 -23.53 -5.27
N ASP D 52 -10.26 -23.09 -4.10
CA ASP D 52 -10.18 -23.90 -2.93
C ASP D 52 -11.59 -24.42 -2.58
N PRO D 53 -11.85 -25.73 -2.61
CA PRO D 53 -13.16 -26.21 -2.28
C PRO D 53 -13.60 -25.96 -0.84
N SER D 54 -12.66 -25.62 0.07
CA SER D 54 -13.00 -25.55 1.48
C SER D 54 -13.74 -24.26 1.78
N ASP D 55 -13.68 -23.26 0.89
CA ASP D 55 -14.36 -22.01 1.15
C ASP D 55 -14.66 -21.23 -0.11
N SER D 56 -14.52 -21.87 -1.27
CA SER D 56 -14.78 -21.19 -2.53
C SER D 56 -13.95 -19.92 -2.87
N TYR D 57 -12.85 -19.62 -2.16
CA TYR D 57 -11.85 -18.63 -2.59
C TYR D 57 -11.22 -19.07 -3.90
N SER D 58 -11.00 -18.12 -4.84
CA SER D 58 -10.32 -18.53 -6.06
C SER D 58 -9.45 -17.39 -6.57
N TYR D 59 -8.39 -17.78 -7.24
CA TYR D 59 -7.34 -16.86 -7.63
C TYR D 59 -7.13 -17.05 -9.13
N TYR D 60 -6.98 -15.95 -9.91
CA TYR D 60 -7.08 -16.10 -11.36
C TYR D 60 -5.97 -15.43 -12.13
N SER D 61 -5.68 -15.92 -13.39
CA SER D 61 -4.54 -15.33 -14.07
C SER D 61 -4.95 -13.96 -14.55
N GLN D 62 -4.01 -13.07 -14.86
CA GLN D 62 -4.42 -11.71 -15.17
C GLN D 62 -5.32 -11.71 -16.41
N ASN D 63 -5.07 -12.65 -17.32
CA ASN D 63 -5.78 -12.71 -18.60
C ASN D 63 -7.24 -13.10 -18.40
N PHE D 64 -7.57 -13.72 -17.25
CA PHE D 64 -8.89 -14.33 -17.07
C PHE D 64 -9.68 -13.58 -16.01
N LYS D 65 -9.13 -12.51 -15.46
CA LYS D 65 -9.76 -11.89 -14.33
C LYS D 65 -11.05 -11.25 -14.84
N GLY D 66 -12.18 -11.67 -14.24
CA GLY D 66 -13.49 -11.26 -14.70
C GLY D 66 -14.07 -12.05 -15.88
N LYS D 67 -13.23 -12.48 -16.84
CA LYS D 67 -13.60 -13.42 -17.91
C LYS D 67 -14.03 -14.82 -17.42
N ALA D 68 -13.33 -15.38 -16.43
CA ALA D 68 -13.67 -16.63 -15.78
C ALA D 68 -14.42 -16.43 -14.49
N THR D 69 -14.91 -17.55 -13.95
CA THR D 69 -15.49 -17.65 -12.62
C THR D 69 -15.64 -19.11 -12.19
N LEU D 70 -14.81 -19.47 -11.19
CA LEU D 70 -14.75 -20.81 -10.64
C LEU D 70 -15.74 -20.86 -9.51
N THR D 71 -16.44 -21.97 -9.44
CA THR D 71 -17.15 -22.33 -8.23
C THR D 71 -16.87 -23.79 -8.00
N VAL D 72 -17.63 -24.31 -7.02
CA VAL D 72 -17.41 -25.61 -6.46
C VAL D 72 -18.68 -26.05 -5.72
N ASP D 73 -18.84 -27.35 -5.56
CA ASP D 73 -19.96 -27.99 -4.89
C ASP D 73 -19.40 -29.15 -4.06
N GLN D 74 -19.23 -28.90 -2.75
CA GLN D 74 -18.66 -29.90 -1.86
C GLN D 74 -19.57 -31.14 -1.69
N SER D 75 -20.87 -31.04 -2.02
CA SER D 75 -21.79 -32.15 -1.83
C SER D 75 -21.56 -33.28 -2.84
N SER D 76 -20.91 -32.97 -3.98
CA SER D 76 -20.70 -33.94 -5.04
C SER D 76 -19.23 -34.08 -5.46
N ASN D 77 -18.32 -33.38 -4.78
CA ASN D 77 -16.94 -33.28 -5.19
C ASN D 77 -16.84 -32.71 -6.61
N THR D 78 -17.65 -31.74 -6.96
CA THR D 78 -17.56 -31.16 -8.29
C THR D 78 -17.04 -29.74 -8.25
N ALA D 79 -16.15 -29.42 -9.18
CA ALA D 79 -15.68 -28.10 -9.47
C ALA D 79 -16.19 -27.64 -10.83
N TYR D 80 -16.53 -26.37 -10.99
CA TYR D 80 -17.15 -25.84 -12.20
C TYR D 80 -16.39 -24.58 -12.61
N LEU D 81 -16.09 -24.49 -13.90
CA LEU D 81 -15.54 -23.27 -14.47
C LEU D 81 -16.63 -22.67 -15.34
N GLN D 82 -17.18 -21.52 -14.95
CA GLN D 82 -17.88 -20.66 -15.92
C GLN D 82 -16.91 -19.80 -16.71
N LEU D 83 -17.16 -19.76 -18.00
CA LEU D 83 -16.44 -18.88 -18.89
C LEU D 83 -17.43 -17.99 -19.60
N THR D 84 -17.00 -16.76 -19.92
CA THR D 84 -17.95 -15.72 -20.35
C THR D 84 -17.34 -14.89 -21.48
N SER D 85 -18.22 -14.27 -22.29
CA SER D 85 -17.84 -13.41 -23.42
C SER D 85 -17.01 -14.13 -24.50
N LEU D 86 -17.25 -15.44 -24.68
CA LEU D 86 -16.42 -16.28 -25.55
C LEU D 86 -16.36 -15.80 -27.01
N THR D 87 -15.13 -15.61 -27.48
CA THR D 87 -14.82 -15.39 -28.88
C THR D 87 -14.39 -16.72 -29.53
N SER D 88 -14.24 -16.70 -30.85
CA SER D 88 -13.66 -17.82 -31.59
C SER D 88 -12.26 -18.14 -31.07
N GLU D 89 -11.44 -17.12 -30.75
CA GLU D 89 -10.10 -17.36 -30.24
C GLU D 89 -10.05 -17.84 -28.77
N ASP D 90 -11.19 -18.07 -28.11
CA ASP D 90 -11.27 -18.80 -26.83
C ASP D 90 -11.64 -20.28 -27.05
N SER D 91 -11.69 -20.73 -28.31
CA SER D 91 -11.95 -22.14 -28.58
C SER D 91 -10.72 -22.89 -28.21
N ALA D 92 -10.86 -24.01 -27.49
CA ALA D 92 -9.71 -24.69 -26.90
C ALA D 92 -10.11 -26.02 -26.27
N VAL D 93 -9.13 -26.71 -25.70
CA VAL D 93 -9.41 -27.69 -24.67
C VAL D 93 -9.16 -27.14 -23.26
N TYR D 94 -10.10 -27.42 -22.37
CA TYR D 94 -10.08 -26.94 -21.01
C TYR D 94 -9.87 -28.18 -20.12
N TYR D 95 -8.81 -28.16 -19.37
CA TYR D 95 -8.45 -29.23 -18.48
C TYR D 95 -8.61 -28.78 -17.02
N CYS D 96 -9.18 -29.68 -16.25
CA CYS D 96 -9.28 -29.61 -14.81
C CYS D 96 -8.10 -30.41 -14.25
N ALA D 97 -7.37 -29.85 -13.28
CA ALA D 97 -6.13 -30.41 -12.72
C ALA D 97 -6.10 -30.28 -11.20
N ARG D 98 -5.43 -31.20 -10.54
CA ARG D 98 -5.27 -31.20 -9.08
C ARG D 98 -3.79 -31.03 -8.71
N GLY D 99 -3.54 -30.37 -7.59
CA GLY D 99 -2.19 -30.21 -7.11
C GLY D 99 -1.68 -31.46 -6.38
N ARG D 100 -0.38 -31.48 -6.10
CA ARG D 100 0.14 -32.47 -5.18
C ARG D 100 0.04 -32.03 -3.71
N GLN D 101 0.73 -30.94 -3.36
CA GLN D 101 0.63 -30.21 -2.12
C GLN D 101 -0.60 -29.31 -2.22
N THR D 102 -1.03 -28.73 -1.09
CA THR D 102 -2.36 -28.12 -0.95
C THR D 102 -2.35 -26.76 -1.58
N TYR D 103 -2.71 -26.66 -2.88
CA TYR D 103 -2.65 -25.46 -3.76
C TYR D 103 -1.35 -25.22 -4.62
N TYR D 104 -0.21 -25.81 -4.27
CA TYR D 104 0.97 -25.50 -5.04
C TYR D 104 0.91 -26.07 -6.46
N PRO D 105 1.24 -25.27 -7.50
CA PRO D 105 0.93 -25.58 -8.88
C PRO D 105 1.90 -26.49 -9.62
N TRP D 106 1.83 -27.76 -9.39
CA TRP D 106 2.31 -28.72 -10.37
C TRP D 106 1.36 -29.88 -10.31
N PHE D 107 1.11 -30.43 -11.48
CA PHE D 107 -0.17 -31.04 -11.71
C PHE D 107 0.00 -32.50 -11.97
N PRO D 108 0.04 -33.36 -10.95
CA PRO D 108 0.06 -34.78 -11.20
C PRO D 108 -1.22 -35.33 -11.78
N TYR D 109 -2.39 -34.85 -11.37
CA TYR D 109 -3.61 -35.46 -11.86
C TYR D 109 -4.42 -34.49 -12.73
N TRP D 110 -4.67 -34.89 -13.98
CA TRP D 110 -5.52 -34.12 -14.87
C TRP D 110 -6.81 -34.88 -15.24
N GLY D 111 -7.93 -34.18 -15.38
CA GLY D 111 -9.07 -34.74 -16.08
C GLY D 111 -8.80 -34.76 -17.60
N GLN D 112 -9.31 -35.76 -18.33
CA GLN D 112 -9.35 -35.76 -19.80
C GLN D 112 -10.09 -34.51 -20.26
N GLY D 113 -9.60 -33.79 -21.26
CA GLY D 113 -10.03 -32.41 -21.45
C GLY D 113 -11.44 -32.20 -22.05
N THR D 114 -12.08 -31.05 -21.78
CA THR D 114 -13.36 -30.67 -22.37
C THR D 114 -13.11 -29.81 -23.58
N LEU D 115 -13.50 -30.26 -24.76
CA LEU D 115 -13.19 -29.51 -25.96
C LEU D 115 -14.31 -28.51 -26.23
N VAL D 116 -14.00 -27.22 -26.06
CA VAL D 116 -14.97 -26.14 -26.19
C VAL D 116 -14.80 -25.43 -27.51
N THR D 117 -15.83 -25.58 -28.37
CA THR D 117 -15.83 -24.96 -29.68
C THR D 117 -16.77 -23.76 -29.69
N VAL D 118 -16.28 -22.61 -30.18
CA VAL D 118 -17.09 -21.39 -30.24
C VAL D 118 -17.40 -21.10 -31.70
N SER D 119 -18.68 -21.33 -32.09
CA SER D 119 -19.12 -21.18 -33.46
C SER D 119 -20.63 -21.05 -33.51
N ALA D 120 -21.12 -20.29 -34.50
CA ALA D 120 -22.55 -20.10 -34.72
C ALA D 120 -23.20 -21.30 -35.40
N ALA D 121 -22.40 -22.10 -36.15
CA ALA D 121 -22.86 -23.27 -36.88
C ALA D 121 -23.51 -24.27 -35.92
N LYS D 122 -24.61 -24.89 -36.40
CA LYS D 122 -25.44 -25.74 -35.57
C LYS D 122 -24.83 -27.13 -35.44
N THR D 123 -25.15 -27.75 -34.28
CA THR D 123 -24.94 -29.16 -34.01
C THR D 123 -25.47 -29.99 -35.16
N THR D 124 -24.68 -30.95 -35.62
CA THR D 124 -25.04 -31.73 -36.80
C THR D 124 -24.57 -33.16 -36.55
N PRO D 125 -25.47 -34.12 -36.25
CA PRO D 125 -25.06 -35.50 -36.07
C PRO D 125 -24.37 -36.10 -37.30
N PRO D 126 -23.48 -37.09 -37.10
CA PRO D 126 -22.70 -37.65 -38.20
C PRO D 126 -23.49 -38.60 -39.10
N SER D 127 -23.06 -38.67 -40.37
CA SER D 127 -23.48 -39.68 -41.31
C SER D 127 -22.31 -40.63 -41.56
N ASP D 128 -22.54 -41.94 -41.34
CA ASP D 128 -21.50 -42.96 -41.34
C ASP D 128 -21.66 -43.86 -42.55
N TYR D 129 -20.54 -44.13 -43.21
CA TYR D 129 -20.56 -44.84 -44.48
C TYR D 129 -19.42 -45.83 -44.44
N PRO D 130 -19.71 -47.15 -44.40
CA PRO D 130 -18.66 -48.16 -44.36
C PRO D 130 -17.98 -48.33 -45.71
N LEU D 131 -16.71 -48.78 -45.67
CA LEU D 131 -15.87 -48.96 -46.83
C LEU D 131 -15.39 -50.41 -46.89
N ALA D 132 -15.68 -51.09 -48.03
CA ALA D 132 -15.19 -52.44 -48.27
C ALA D 132 -14.47 -52.50 -49.63
N PRO D 133 -13.40 -53.34 -49.77
CA PRO D 133 -12.47 -53.23 -50.91
C PRO D 133 -13.00 -53.43 -52.33
N GLY D 134 -14.09 -54.20 -52.50
CA GLY D 134 -14.66 -54.48 -53.81
C GLY D 134 -13.89 -55.55 -54.59
N SER D 135 -13.37 -55.19 -55.78
CA SER D 135 -12.68 -56.11 -56.68
C SER D 135 -11.36 -56.60 -56.08
N ALA D 136 -11.05 -57.90 -56.27
CA ALA D 136 -9.79 -58.55 -55.92
C ALA D 136 -9.46 -58.45 -54.42
N ALA D 137 -10.51 -58.40 -53.58
CA ALA D 137 -10.37 -58.15 -52.14
C ALA D 137 -9.58 -59.26 -51.46
N GLN D 138 -9.98 -60.52 -51.71
CA GLN D 138 -9.42 -61.69 -51.03
C GLN D 138 -8.15 -62.22 -51.70
N THR D 139 -7.63 -61.53 -52.74
CA THR D 139 -6.39 -61.90 -53.43
C THR D 139 -5.16 -61.67 -52.53
N ASN D 140 -5.29 -60.94 -51.41
CA ASN D 140 -4.20 -60.69 -50.47
C ASN D 140 -4.55 -61.23 -49.07
N SER D 141 -3.50 -61.55 -48.30
CA SER D 141 -3.62 -62.28 -47.04
C SER D 141 -4.23 -61.42 -45.92
N MET D 142 -3.94 -60.11 -45.91
CA MET D 142 -4.51 -59.14 -44.99
C MET D 142 -5.39 -58.15 -45.77
N VAL D 143 -6.57 -57.82 -45.21
CA VAL D 143 -7.55 -56.97 -45.88
C VAL D 143 -7.93 -55.80 -44.99
N THR D 144 -7.97 -54.60 -45.60
CA THR D 144 -8.27 -53.35 -44.89
C THR D 144 -9.75 -53.04 -45.04
N LEU D 145 -10.33 -52.49 -43.97
CA LEU D 145 -11.73 -52.10 -43.89
C LEU D 145 -11.81 -50.69 -43.31
N GLY D 146 -12.87 -49.96 -43.67
CA GLY D 146 -12.89 -48.55 -43.38
C GLY D 146 -14.28 -48.01 -43.07
N CYS D 147 -14.29 -46.78 -42.57
CA CYS D 147 -15.50 -46.15 -42.08
C CYS D 147 -15.34 -44.65 -42.28
N LEU D 148 -15.97 -44.12 -43.32
CA LEU D 148 -16.09 -42.68 -43.50
C LEU D 148 -17.14 -42.14 -42.53
N VAL D 149 -16.80 -41.00 -41.90
CA VAL D 149 -17.68 -40.21 -41.07
C VAL D 149 -17.76 -38.81 -41.67
N LYS D 150 -18.96 -38.40 -42.09
CA LYS D 150 -19.06 -37.25 -42.98
C LYS D 150 -20.04 -36.21 -42.42
N GLY D 151 -19.74 -34.93 -42.70
CA GLY D 151 -20.65 -33.80 -42.52
C GLY D 151 -21.13 -33.56 -41.09
N TYR D 152 -20.38 -34.02 -40.09
CA TYR D 152 -20.77 -33.94 -38.69
C TYR D 152 -20.25 -32.64 -38.04
N PHE D 153 -20.70 -32.33 -36.82
CA PHE D 153 -20.24 -31.19 -36.03
C PHE D 153 -20.74 -31.32 -34.59
N PRO D 154 -20.05 -30.83 -33.53
CA PRO D 154 -18.71 -30.28 -33.56
C PRO D 154 -17.61 -31.36 -33.60
N GLU D 155 -16.35 -30.92 -33.38
CA GLU D 155 -15.11 -31.64 -33.67
C GLU D 155 -15.04 -33.08 -33.12
N PRO D 156 -15.40 -33.38 -31.85
CA PRO D 156 -15.05 -34.68 -31.24
C PRO D 156 -16.05 -35.78 -31.59
N VAL D 157 -15.61 -36.68 -32.46
CA VAL D 157 -16.27 -37.95 -32.73
C VAL D 157 -15.22 -39.03 -32.47
N THR D 158 -15.68 -40.18 -31.99
CA THR D 158 -14.83 -41.29 -31.59
C THR D 158 -15.20 -42.48 -32.46
N VAL D 159 -14.20 -43.27 -32.85
CA VAL D 159 -14.46 -44.54 -33.51
C VAL D 159 -13.65 -45.61 -32.78
N THR D 160 -14.32 -46.73 -32.52
CA THR D 160 -13.66 -47.96 -32.09
C THR D 160 -14.29 -49.08 -32.89
N TRP D 161 -13.53 -50.16 -33.10
CA TRP D 161 -13.98 -51.25 -33.94
C TRP D 161 -14.31 -52.49 -33.10
N ASN D 162 -15.50 -53.09 -33.35
CA ASN D 162 -16.05 -54.21 -32.59
C ASN D 162 -16.00 -53.90 -31.10
N SER D 163 -16.56 -52.75 -30.70
CA SER D 163 -16.69 -52.30 -29.32
C SER D 163 -15.34 -52.25 -28.58
N GLY D 164 -14.26 -51.89 -29.30
CA GLY D 164 -12.92 -51.83 -28.73
C GLY D 164 -12.14 -53.16 -28.74
N SER D 165 -12.75 -54.24 -29.27
CA SER D 165 -12.10 -55.55 -29.33
C SER D 165 -10.94 -55.55 -30.33
N LEU D 166 -11.12 -54.88 -31.50
CA LEU D 166 -10.09 -54.77 -32.52
C LEU D 166 -9.20 -53.55 -32.26
N SER D 167 -8.59 -53.47 -31.07
CA SER D 167 -7.78 -52.31 -30.66
C SER D 167 -6.38 -52.34 -31.28
N SER D 168 -6.01 -53.44 -31.97
CA SER D 168 -4.72 -53.59 -32.63
C SER D 168 -4.85 -53.37 -34.15
N GLY D 169 -4.01 -52.47 -34.68
CA GLY D 169 -3.98 -52.16 -36.10
C GLY D 169 -5.14 -51.28 -36.56
N VAL D 170 -5.57 -50.31 -35.73
CA VAL D 170 -6.55 -49.29 -36.10
C VAL D 170 -5.84 -47.94 -36.26
N HIS D 171 -6.15 -47.29 -37.38
CA HIS D 171 -5.73 -45.94 -37.68
C HIS D 171 -6.98 -45.11 -37.86
N THR D 172 -7.14 -44.04 -37.05
CA THR D 172 -8.18 -43.05 -37.29
C THR D 172 -7.57 -41.69 -37.63
N PHE D 173 -7.92 -41.17 -38.80
CA PHE D 173 -7.28 -39.99 -39.33
C PHE D 173 -7.98 -38.75 -38.77
N PRO D 174 -7.22 -37.73 -38.33
CA PRO D 174 -7.78 -36.43 -37.93
C PRO D 174 -8.84 -35.86 -38.88
N ALA D 175 -9.78 -35.11 -38.30
CA ALA D 175 -10.89 -34.55 -39.07
C ALA D 175 -10.47 -33.33 -39.87
N VAL D 176 -11.14 -33.17 -41.02
CA VAL D 176 -10.98 -32.07 -41.95
C VAL D 176 -12.28 -31.28 -41.88
N LEU D 177 -12.17 -29.94 -41.77
CA LEU D 177 -13.33 -29.06 -41.71
C LEU D 177 -13.67 -28.48 -43.09
N GLN D 178 -14.92 -28.69 -43.54
CA GLN D 178 -15.40 -28.25 -44.85
C GLN D 178 -16.78 -27.63 -44.72
N SER D 179 -16.96 -26.40 -45.24
CA SER D 179 -18.24 -25.69 -45.21
C SER D 179 -18.91 -25.78 -43.83
N ASP D 180 -18.11 -25.54 -42.78
CA ASP D 180 -18.52 -25.59 -41.37
C ASP D 180 -19.14 -26.92 -40.95
N LEU D 181 -18.70 -28.06 -41.56
CA LEU D 181 -18.99 -29.43 -41.13
C LEU D 181 -17.71 -30.30 -41.26
N TYR D 182 -17.48 -31.22 -40.31
CA TYR D 182 -16.27 -32.03 -40.25
C TYR D 182 -16.43 -33.33 -41.03
N THR D 183 -15.29 -33.86 -41.52
CA THR D 183 -15.19 -35.14 -42.19
C THR D 183 -13.96 -35.89 -41.65
N LEU D 184 -14.10 -37.20 -41.43
CA LEU D 184 -13.12 -38.01 -40.71
C LEU D 184 -13.27 -39.42 -41.25
N SER D 185 -12.22 -40.22 -41.16
CA SER D 185 -12.31 -41.62 -41.55
C SER D 185 -11.44 -42.48 -40.67
N SER D 186 -11.82 -43.74 -40.54
CA SER D 186 -11.17 -44.67 -39.66
C SER D 186 -10.98 -45.96 -40.43
N SER D 187 -9.93 -46.69 -40.06
CA SER D 187 -9.51 -47.87 -40.80
C SER D 187 -8.94 -48.91 -39.87
N VAL D 188 -9.10 -50.17 -40.29
CA VAL D 188 -8.63 -51.32 -39.55
C VAL D 188 -8.18 -52.36 -40.58
N THR D 189 -7.22 -53.22 -40.21
CA THR D 189 -6.78 -54.31 -41.07
C THR D 189 -6.87 -55.63 -40.29
N VAL D 190 -7.40 -56.66 -40.97
CA VAL D 190 -7.71 -57.96 -40.37
C VAL D 190 -7.27 -59.08 -41.31
N PRO D 191 -7.09 -60.33 -40.80
CA PRO D 191 -6.84 -61.48 -41.67
C PRO D 191 -7.96 -61.70 -42.69
N SER D 192 -7.59 -62.13 -43.91
CA SER D 192 -8.53 -62.43 -44.98
C SER D 192 -9.50 -63.56 -44.63
N SER D 193 -9.13 -64.42 -43.67
CA SER D 193 -10.03 -65.41 -43.07
C SER D 193 -11.17 -64.77 -42.27
N THR D 194 -10.89 -63.64 -41.60
CA THR D 194 -11.81 -63.03 -40.64
C THR D 194 -12.97 -62.32 -41.35
N TRP D 195 -12.71 -61.40 -42.30
CA TRP D 195 -13.70 -60.38 -42.62
C TRP D 195 -15.02 -60.97 -43.16
N PRO D 196 -15.08 -61.79 -44.24
CA PRO D 196 -16.36 -62.40 -44.64
C PRO D 196 -16.99 -63.39 -43.65
N SER D 197 -16.20 -63.88 -42.67
CA SER D 197 -16.60 -64.91 -41.72
C SER D 197 -17.20 -64.36 -40.42
N GLU D 198 -16.95 -63.08 -40.09
CA GLU D 198 -17.18 -62.53 -38.75
C GLU D 198 -17.83 -61.13 -38.83
N THR D 199 -18.37 -60.68 -37.69
CA THR D 199 -18.88 -59.32 -37.55
C THR D 199 -17.71 -58.34 -37.54
N VAL D 200 -17.82 -57.25 -38.33
CA VAL D 200 -16.96 -56.08 -38.20
C VAL D 200 -17.84 -54.82 -38.21
N THR D 201 -17.70 -53.97 -37.17
CA THR D 201 -18.43 -52.69 -37.08
C THR D 201 -17.50 -51.56 -36.65
N CYS D 202 -17.61 -50.40 -37.32
CA CYS D 202 -17.16 -49.15 -36.71
C CYS D 202 -18.26 -48.68 -35.74
N ASN D 203 -17.92 -48.66 -34.44
CA ASN D 203 -18.79 -48.17 -33.38
C ASN D 203 -18.60 -46.66 -33.21
N VAL D 204 -19.11 -45.88 -34.19
CA VAL D 204 -18.99 -44.43 -34.18
C VAL D 204 -19.82 -43.84 -33.05
N ALA D 205 -19.29 -42.83 -32.37
CA ALA D 205 -19.91 -42.26 -31.19
C ALA D 205 -19.64 -40.77 -31.14
N HIS D 206 -20.64 -39.98 -30.73
CA HIS D 206 -20.56 -38.54 -30.81
C HIS D 206 -21.07 -37.93 -29.50
N PRO D 207 -20.19 -37.52 -28.57
CA PRO D 207 -20.60 -36.89 -27.31
C PRO D 207 -21.55 -35.70 -27.36
N ALA D 208 -21.39 -34.84 -28.38
CA ALA D 208 -22.09 -33.55 -28.41
C ALA D 208 -23.50 -33.65 -29.02
N SER D 209 -23.89 -34.78 -29.64
CA SER D 209 -25.26 -35.01 -30.05
C SER D 209 -25.78 -36.43 -29.75
N SER D 210 -25.14 -37.16 -28.83
CA SER D 210 -25.61 -38.39 -28.19
C SER D 210 -25.89 -39.57 -29.15
N THR D 211 -25.46 -39.51 -30.44
CA THR D 211 -25.70 -40.59 -31.39
C THR D 211 -24.59 -41.63 -31.33
N LYS D 212 -24.98 -42.91 -31.26
CA LYS D 212 -24.06 -44.04 -31.26
C LYS D 212 -24.54 -45.03 -32.32
N VAL D 213 -23.65 -45.44 -33.24
CA VAL D 213 -24.03 -46.14 -34.45
C VAL D 213 -22.98 -47.21 -34.78
N ASP D 214 -23.46 -48.40 -35.17
CA ASP D 214 -22.63 -49.59 -35.38
C ASP D 214 -22.89 -50.13 -36.80
N LYS D 215 -22.36 -49.45 -37.82
CA LYS D 215 -22.47 -49.89 -39.20
C LYS D 215 -21.60 -51.15 -39.42
N LYS D 216 -22.20 -52.21 -39.96
CA LYS D 216 -21.49 -53.44 -40.29
C LYS D 216 -20.87 -53.32 -41.69
N ILE D 217 -19.64 -53.82 -41.84
CA ILE D 217 -18.91 -53.76 -43.09
C ILE D 217 -19.25 -55.00 -43.92
N VAL D 218 -20.27 -54.86 -44.81
CA VAL D 218 -20.80 -55.95 -45.60
C VAL D 218 -20.21 -55.87 -47.02
N PRO D 219 -19.75 -57.00 -47.64
CA PRO D 219 -19.26 -56.99 -49.03
C PRO D 219 -20.27 -56.50 -50.08
N ARG D 220 -19.77 -56.06 -51.24
CA ARG D 220 -20.58 -55.46 -52.28
C ARG D 220 -21.37 -56.54 -53.05
C1 NAG E . 4.57 -29.51 29.35
C2 NAG E . 5.29 -30.55 28.50
C3 NAG E . 4.60 -31.91 28.66
C4 NAG E . 4.55 -32.29 30.12
C5 NAG E . 3.85 -31.18 30.91
C6 NAG E . 3.80 -31.51 32.37
C7 NAG E . 6.44 -29.50 26.57
C8 NAG E . 6.56 -29.53 25.06
N2 NAG E . 5.40 -30.17 27.10
O3 NAG E . 5.27 -32.92 27.91
O4 NAG E . 3.82 -33.52 30.26
O5 NAG E . 4.52 -29.91 30.73
O6 NAG E . 5.12 -31.66 32.94
O7 NAG E . 7.27 -28.92 27.25
C1 NAG F . 26.49 -13.88 7.35
C2 NAG F . 25.44 -14.74 6.64
C3 NAG F . 26.01 -16.13 6.25
C4 NAG F . 27.39 -16.03 5.61
C5 NAG F . 28.32 -15.15 6.45
C6 NAG F . 29.69 -14.95 5.84
C7 NAG F . 24.10 -15.30 8.68
C8 NAG F . 22.88 -14.84 9.46
N2 NAG F . 24.21 -14.89 7.40
O3 NAG F . 25.12 -16.80 5.38
O4 NAG F . 27.94 -17.34 5.49
O5 NAG F . 27.71 -13.85 6.62
O6 NAG F . 29.62 -14.36 4.54
O7 NAG F . 24.97 -15.97 9.22
C1 NAG G . -10.72 -9.04 43.79
C2 NAG G . -11.56 -9.12 45.06
C3 NAG G . -13.03 -8.87 44.70
C4 NAG G . -13.19 -7.55 43.96
C5 NAG G . -12.22 -7.45 42.78
C6 NAG G . -12.17 -6.06 42.16
C7 NAG G . -10.40 -10.60 46.66
C8 NAG G . -10.46 -11.91 47.41
N2 NAG G . -11.38 -10.37 45.77
O3 NAG G . -13.86 -8.91 45.86
O4 NAG G . -14.54 -7.48 43.50
O5 NAG G . -10.87 -7.75 43.20
O6 NAG G . -11.34 -6.00 41.00
O7 NAG G . -9.51 -9.79 46.85
C1 NAG H . -15.81 -18.24 15.33
C2 NAG H . -16.97 -17.83 16.25
C3 NAG H . -18.30 -18.24 15.61
C4 NAG H . -18.41 -17.68 14.19
C5 NAG H . -17.21 -18.14 13.36
C6 NAG H . -17.19 -17.56 11.97
C7 NAG H . -16.67 -19.58 18.01
C8 NAG H . -16.40 -19.80 19.47
N2 NAG H . -16.82 -18.30 17.61
O3 NAG H . -19.40 -17.81 16.41
O4 NAG H . -19.62 -18.14 13.60
O5 NAG H . -16.00 -17.71 14.01
O6 NAG H . -18.31 -17.98 11.19
O7 NAG H . -16.74 -20.52 17.23
N1 VU0 I . 1.61 36.97 12.23
C1 VU0 I . 1.01 35.89 11.38
C2 VU0 I . 1.94 35.47 10.19
C3 VU0 I . 1.17 35.87 8.94
C4 VU0 I . 1.05 37.41 8.86
C5 VU0 I . -0.11 37.73 9.85
C6 VU0 I . -0.27 36.38 10.57
C7 VU0 I . -0.23 35.47 9.33
C8 VU0 I . 0.82 34.70 12.34
O1 VU0 I . 1.74 34.31 13.03
O2 VU0 I . -0.23 34.15 12.43
#